data_4A8M
#
_entry.id   4A8M
#
_cell.length_a   106.270
_cell.length_b   92.060
_cell.length_c   140.810
_cell.angle_alpha   90.00
_cell.angle_beta   101.30
_cell.angle_gamma   90.00
#
_symmetry.space_group_name_H-M   'P 1 21 1'
#
loop_
_entity.id
_entity.type
_entity.pdbx_description
1 polymer "5'-D(*AP*AP*TP*CP)-3'"
2 polymer 'RNA-DIRECTED RNA POLYMERASE'
3 non-polymer 'MAGNESIUM ION'
4 non-polymer "GUANOSINE-5'-TRIPHOSPHATE"
5 non-polymer "ADENOSINE-5'-TRIPHOSPHATE"
#
loop_
_entity_poly.entity_id
_entity_poly.type
_entity_poly.pdbx_seq_one_letter_code
_entity_poly.pdbx_strand_id
1 'polydeoxyribonucleotide' (DA)(DA)(DT)(DC) B
2 'polypeptide(L)'
;MPRRAPAFPLSDIKAQMLFANNIKAQQASKRSFKEGAIETYEGLLSVDPRFLSFKNELSRYLTDHFPANVDEYGRVYGNG
VRTNFFGMRHMNGFPMIPATWPLASNLKKRADADLADGPVSERDNLLFRAAVRLMFSDLEPVPLKIRKGSSTCIPYFSND
MGTKIEIAERALEKAEEAGNLMLQGKFDDAYQLHQMGGAYYVVYRAQSTDAITLDPKTGKFVSKDRMVADFEYAVTGGEQ
GSLFAASKDASRLKEQYGIDVPDGFFCERRRTAMGGPFALNAPIMAVAQPVRNKIYSKYAYTFHHTTRLNKEEKVKEWSL
CVATDVSDHDTFWPGWLRDLICDELLNMGYAPWWVKLFETSLKLPVYVGAPAPEQGHTLLGDPSNPDLEVGLSSGQGATD
LMGTLLMSITYLVMQLDHTAPHLNSRIKDMPSACRFLDSYWQGHEEIRQISKSDDAMLGWTKGRALVGGHRLFEMLKEGK
VNPSPYMKISYEHGGAFLGDILLYDSRREPGSAIFVGNINSMLNNQFSPEYGVQSGVRDRSKRKRPFPGLAWASMKDTYG
ACPIYSDVLEAIERCWWNAFGESYRAYREDMLKRDTLELSRYVASMARQAGLAELTPIDLEVLADPNKLQYKWTEADVSA
NIHEVLMHGVSVEKTERFLRSVMPR
;
P,Q,R
#
# COMPACT_ATOMS: atom_id res chain seq x y z
N PRO B 2 -28.60 -0.13 16.58
CA PRO B 2 -29.24 -0.09 15.25
C PRO B 2 -28.83 -1.27 14.38
N ARG B 3 -29.07 -2.49 14.89
CA ARG B 3 -28.79 -3.76 14.20
C ARG B 3 -27.30 -4.21 14.25
N ARG B 4 -26.96 -4.94 15.32
CA ARG B 4 -25.66 -5.55 15.53
C ARG B 4 -25.68 -6.86 14.74
N ALA B 5 -24.52 -7.24 14.22
CA ALA B 5 -24.37 -8.47 13.45
C ALA B 5 -24.38 -9.60 14.44
N PRO B 6 -25.02 -10.76 14.12
CA PRO B 6 -24.90 -11.90 15.05
C PRO B 6 -23.47 -12.42 15.06
N ALA B 7 -23.00 -12.89 16.19
CA ALA B 7 -21.65 -13.44 16.32
C ALA B 7 -21.74 -14.79 17.05
N PHE B 8 -20.95 -15.79 16.59
CA PHE B 8 -20.97 -17.16 17.13
C PHE B 8 -19.59 -17.63 17.45
N PRO B 9 -19.38 -18.19 18.67
CA PRO B 9 -18.05 -18.72 19.00
C PRO B 9 -17.74 -20.00 18.21
N LEU B 10 -16.46 -20.38 18.15
CA LEU B 10 -16.07 -21.61 17.42
C LEU B 10 -16.84 -22.87 17.90
N SER B 11 -17.10 -22.96 19.19
CA SER B 11 -17.86 -24.07 19.75
C SER B 11 -19.29 -24.21 19.16
N ASP B 12 -19.90 -23.10 18.65
CA ASP B 12 -21.26 -23.11 18.10
C ASP B 12 -21.34 -23.95 16.84
N ILE B 13 -22.48 -24.61 16.63
CA ILE B 13 -22.69 -25.43 15.43
C ILE B 13 -22.51 -24.66 14.13
N LYS B 14 -22.94 -23.37 14.10
CA LYS B 14 -22.81 -22.53 12.91
C LYS B 14 -21.36 -22.34 12.50
N ALA B 15 -20.43 -22.27 13.48
CA ALA B 15 -19.02 -22.13 13.21
C ALA B 15 -18.43 -23.49 12.92
N GLN B 16 -18.87 -24.53 13.64
CA GLN B 16 -18.33 -25.89 13.43
C GLN B 16 -18.56 -26.42 12.02
N MET B 17 -19.73 -26.06 11.44
CA MET B 17 -20.12 -26.42 10.09
C MET B 17 -19.23 -25.79 9.02
N LEU B 18 -18.35 -24.85 9.38
CA LEU B 18 -17.45 -24.21 8.41
C LEU B 18 -16.16 -25.02 8.21
N PHE B 19 -15.93 -25.98 9.07
CA PHE B 19 -14.67 -26.74 9.02
C PHE B 19 -14.94 -28.21 8.89
N ALA B 20 -14.46 -28.79 7.77
CA ALA B 20 -14.65 -30.21 7.49
C ALA B 20 -13.89 -31.12 8.49
N ASN B 21 -14.35 -32.36 8.65
CA ASN B 21 -13.76 -33.33 9.56
C ASN B 21 -12.43 -33.87 9.04
N ASN B 22 -11.43 -32.98 8.94
CA ASN B 22 -10.06 -33.29 8.55
C ASN B 22 -9.10 -32.39 9.38
N ILE B 23 -7.85 -32.83 9.53
CA ILE B 23 -6.81 -32.15 10.31
C ILE B 23 -6.62 -30.70 9.89
N LYS B 24 -6.42 -30.41 8.57
CA LYS B 24 -6.15 -29.04 8.12
C LYS B 24 -7.30 -28.08 8.43
N ALA B 25 -8.57 -28.50 8.17
CA ALA B 25 -9.70 -27.64 8.41
C ALA B 25 -9.84 -27.38 9.93
N GLN B 26 -9.66 -28.44 10.75
CA GLN B 26 -9.77 -28.33 12.21
C GLN B 26 -8.67 -27.43 12.78
N GLN B 27 -7.44 -27.57 12.29
CA GLN B 27 -6.33 -26.70 12.68
C GLN B 27 -6.60 -25.26 12.28
N ALA B 28 -7.20 -25.02 11.10
CA ALA B 28 -7.46 -23.64 10.65
C ALA B 28 -8.44 -22.97 11.57
N SER B 29 -9.49 -23.72 12.00
CA SER B 29 -10.51 -23.20 12.90
C SER B 29 -9.91 -22.73 14.21
N LYS B 30 -9.00 -23.55 14.78
CA LYS B 30 -8.39 -23.37 16.10
C LYS B 30 -7.07 -22.62 16.14
N ARG B 31 -6.40 -22.40 14.99
CA ARG B 31 -5.10 -21.76 15.00
C ARG B 31 -5.03 -20.50 15.86
N SER B 32 -4.13 -20.51 16.82
CA SER B 32 -3.93 -19.40 17.74
C SER B 32 -2.98 -18.38 17.09
N PHE B 33 -2.91 -17.18 17.70
CA PHE B 33 -2.01 -16.08 17.30
C PHE B 33 -0.60 -16.62 17.34
N LYS B 34 0.12 -16.44 16.22
CA LYS B 34 1.49 -16.89 15.98
C LYS B 34 2.35 -15.69 15.51
N GLU B 35 3.63 -15.66 15.91
CA GLU B 35 4.61 -14.65 15.50
C GLU B 35 6.02 -15.23 15.60
N GLY B 36 6.94 -14.67 14.81
CA GLY B 36 8.32 -15.14 14.73
C GLY B 36 9.05 -14.57 13.54
N ALA B 37 10.38 -14.44 13.66
CA ALA B 37 11.24 -13.86 12.61
C ALA B 37 11.07 -14.62 11.33
N ILE B 38 10.96 -13.92 10.20
CA ILE B 38 10.86 -14.61 8.90
C ILE B 38 12.28 -14.99 8.42
N GLU B 39 12.36 -16.05 7.59
CA GLU B 39 13.65 -16.42 7.02
C GLU B 39 13.71 -15.54 5.76
N THR B 40 14.28 -14.30 5.89
CA THR B 40 14.38 -13.29 4.81
C THR B 40 14.94 -13.88 3.54
N TYR B 41 16.04 -14.63 3.68
CA TYR B 41 16.74 -15.40 2.66
C TYR B 41 17.21 -16.66 3.34
N GLU B 42 17.53 -17.71 2.57
CA GLU B 42 18.05 -18.96 3.11
C GLU B 42 19.18 -18.70 4.12
N GLY B 43 18.97 -19.14 5.35
CA GLY B 43 19.97 -18.99 6.40
C GLY B 43 20.11 -17.62 7.01
N LEU B 44 19.19 -16.69 6.69
CA LEU B 44 19.17 -15.33 7.26
C LEU B 44 17.79 -14.95 7.87
N LEU B 45 17.75 -14.73 9.21
CA LEU B 45 16.55 -14.28 9.90
C LEU B 45 16.40 -12.75 9.83
N SER B 46 15.14 -12.26 9.71
CA SER B 46 14.82 -10.82 9.66
C SER B 46 15.37 -10.04 10.86
N VAL B 47 15.59 -10.73 11.98
CA VAL B 47 16.06 -10.12 13.22
C VAL B 47 17.55 -10.38 13.51
N ASP B 48 18.28 -10.98 12.54
CA ASP B 48 19.73 -11.20 12.68
C ASP B 48 20.39 -9.84 13.01
N PRO B 49 21.22 -9.76 14.09
CA PRO B 49 21.82 -8.46 14.45
C PRO B 49 22.61 -7.76 13.33
N ARG B 50 23.27 -8.53 12.45
CA ARG B 50 24.02 -7.95 11.33
C ARG B 50 23.06 -7.29 10.37
N PHE B 51 21.90 -7.96 10.08
CA PHE B 51 20.86 -7.49 9.17
C PHE B 51 20.20 -6.21 9.68
N LEU B 52 19.87 -6.16 10.99
CA LEU B 52 19.28 -4.96 11.58
C LEU B 52 20.28 -3.81 11.62
N SER B 53 21.58 -4.10 11.84
CA SER B 53 22.63 -3.07 11.81
C SER B 53 22.69 -2.47 10.40
N PHE B 54 22.63 -3.34 9.36
CA PHE B 54 22.61 -2.99 7.95
C PHE B 54 21.43 -2.08 7.66
N LYS B 55 20.22 -2.46 8.09
CA LYS B 55 19.00 -1.65 7.87
C LYS B 55 19.07 -0.30 8.59
N ASN B 56 19.65 -0.27 9.80
CA ASN B 56 19.82 1.00 10.49
C ASN B 56 20.76 1.93 9.70
N GLU B 57 21.98 1.43 9.33
CA GLU B 57 22.93 2.25 8.57
C GLU B 57 22.38 2.69 7.21
N LEU B 58 21.85 1.74 6.42
CA LEU B 58 21.31 2.05 5.11
C LEU B 58 20.14 3.06 5.10
N SER B 59 19.10 2.84 5.96
CA SER B 59 17.93 3.72 6.03
C SER B 59 18.35 5.16 6.39
N ARG B 60 19.32 5.27 7.33
CA ARG B 60 19.82 6.57 7.79
C ARG B 60 20.57 7.30 6.69
N TYR B 61 21.51 6.59 6.04
CA TYR B 61 22.33 7.12 4.97
C TYR B 61 21.52 7.60 3.78
N LEU B 62 20.60 6.75 3.29
CA LEU B 62 19.76 7.10 2.14
C LEU B 62 18.82 8.28 2.42
N THR B 63 18.22 8.35 3.61
CA THR B 63 17.35 9.48 3.96
C THR B 63 18.15 10.78 3.95
N ASP B 64 19.35 10.71 4.54
CA ASP B 64 20.28 11.81 4.63
C ASP B 64 20.70 12.35 3.28
N HIS B 65 21.23 11.48 2.42
CA HIS B 65 21.74 11.86 1.11
C HIS B 65 20.69 12.04 0.03
N PHE B 66 19.53 11.40 0.20
CA PHE B 66 18.48 11.49 -0.82
C PHE B 66 17.15 11.94 -0.25
N PRO B 67 17.06 13.25 0.11
CA PRO B 67 15.79 13.77 0.65
C PRO B 67 14.72 13.76 -0.45
N ALA B 68 13.43 13.65 -0.07
CA ALA B 68 12.31 13.60 -1.00
C ALA B 68 12.29 14.83 -1.93
N ASN B 69 11.98 14.62 -3.22
CA ASN B 69 11.85 15.70 -4.20
C ASN B 69 10.43 15.66 -4.74
N VAL B 70 9.48 16.18 -3.96
CA VAL B 70 8.06 16.23 -4.29
C VAL B 70 7.58 17.69 -4.17
N ASP B 71 7.04 18.27 -5.26
CA ASP B 71 6.55 19.64 -5.20
C ASP B 71 5.19 19.81 -4.42
N GLU B 72 4.72 21.08 -4.32
CA GLU B 72 3.49 21.52 -3.62
C GLU B 72 2.24 20.82 -4.14
N TYR B 73 2.28 20.33 -5.40
CA TYR B 73 1.22 19.61 -6.10
C TYR B 73 1.41 18.07 -6.11
N GLY B 74 2.35 17.61 -5.29
CA GLY B 74 2.64 16.19 -5.17
C GLY B 74 3.31 15.57 -6.38
N ARG B 75 3.95 16.39 -7.23
CA ARG B 75 4.66 15.86 -8.39
C ARG B 75 6.07 15.56 -7.98
N VAL B 76 6.55 14.39 -8.35
CA VAL B 76 7.93 13.98 -8.07
C VAL B 76 8.87 14.50 -9.17
N TYR B 77 10.01 15.04 -8.76
CA TYR B 77 11.03 15.57 -9.66
C TYR B 77 12.43 15.11 -9.16
N GLY B 78 13.49 15.65 -9.78
CA GLY B 78 14.88 15.45 -9.39
C GLY B 78 15.33 14.04 -9.17
N ASN B 79 15.62 13.69 -7.90
CA ASN B 79 16.13 12.35 -7.49
C ASN B 79 15.14 11.19 -7.58
N GLY B 80 13.86 11.49 -7.79
CA GLY B 80 12.77 10.51 -7.90
C GLY B 80 12.38 9.88 -6.57
N VAL B 81 12.74 10.54 -5.44
CA VAL B 81 12.47 10.08 -4.08
C VAL B 81 11.23 10.81 -3.55
N ARG B 82 10.27 10.05 -2.96
CA ARG B 82 9.05 10.63 -2.40
C ARG B 82 8.91 10.70 -0.90
N THR B 83 9.74 9.95 -0.13
CA THR B 83 9.76 9.97 1.33
C THR B 83 11.08 9.48 1.89
N ASN B 84 11.17 9.36 3.23
CA ASN B 84 12.35 8.84 3.92
C ASN B 84 12.53 7.32 3.62
N PHE B 85 13.64 6.75 4.05
CA PHE B 85 13.90 5.33 3.79
C PHE B 85 13.73 4.47 5.08
N PHE B 86 13.10 5.06 6.12
CA PHE B 86 12.90 4.41 7.41
C PHE B 86 11.85 3.30 7.44
N GLY B 87 11.08 3.14 6.36
CA GLY B 87 10.05 2.11 6.25
C GLY B 87 10.59 0.69 6.40
N MET B 88 11.89 0.48 6.13
CA MET B 88 12.56 -0.80 6.28
C MET B 88 12.83 -1.20 7.74
N ARG B 89 12.64 -0.27 8.67
CA ARG B 89 12.94 -0.51 10.09
C ARG B 89 11.87 -1.29 10.90
N HIS B 90 11.52 -2.50 10.43
CA HIS B 90 10.57 -3.34 11.13
C HIS B 90 11.15 -4.72 11.42
N MET B 91 10.64 -5.33 12.48
CA MET B 91 10.99 -6.67 12.94
C MET B 91 10.06 -7.62 12.18
N ASN B 92 10.38 -7.88 10.89
CA ASN B 92 9.54 -8.69 10.00
C ASN B 92 9.19 -10.05 10.57
N GLY B 93 7.90 -10.31 10.66
CA GLY B 93 7.38 -11.54 11.25
C GLY B 93 6.71 -11.33 12.59
N PHE B 94 6.93 -10.14 13.21
CA PHE B 94 6.34 -9.71 14.50
C PHE B 94 5.33 -8.60 14.25
N PRO B 95 4.02 -8.90 14.45
CA PRO B 95 2.99 -7.92 14.12
C PRO B 95 2.67 -6.92 15.20
N MET B 96 2.02 -5.82 14.79
CA MET B 96 1.44 -4.85 15.71
C MET B 96 0.31 -5.60 16.44
N ILE B 97 0.02 -5.21 17.66
CA ILE B 97 -1.01 -5.87 18.47
C ILE B 97 -2.02 -4.82 18.99
N PRO B 98 -3.33 -5.02 18.76
CA PRO B 98 -3.96 -6.13 18.05
C PRO B 98 -4.17 -5.77 16.56
N ALA B 99 -4.59 -6.76 15.74
CA ALA B 99 -4.97 -6.46 14.38
C ALA B 99 -6.48 -6.10 14.48
N THR B 100 -7.05 -5.47 13.45
CA THR B 100 -8.45 -5.08 13.49
C THR B 100 -9.43 -6.24 13.39
N TRP B 101 -10.60 -6.05 13.98
CA TRP B 101 -11.73 -6.92 13.78
C TRP B 101 -12.41 -6.35 12.52
N PRO B 102 -12.74 -7.17 11.49
CA PRO B 102 -13.38 -6.60 10.29
C PRO B 102 -14.79 -6.11 10.60
N LEU B 103 -15.12 -4.91 10.10
CA LEU B 103 -16.42 -4.30 10.30
C LEU B 103 -17.46 -5.15 9.56
N ALA B 104 -18.53 -5.52 10.26
CA ALA B 104 -19.62 -6.33 9.69
C ALA B 104 -20.47 -5.53 8.74
N SER B 105 -20.58 -4.19 8.99
CA SER B 105 -21.37 -3.25 8.18
C SER B 105 -20.63 -1.95 8.02
N ASN B 106 -20.51 -1.47 6.76
CA ASN B 106 -19.81 -0.21 6.49
C ASN B 106 -20.81 0.94 6.23
N LEU B 107 -22.12 0.69 6.38
CA LEU B 107 -23.14 1.70 6.09
C LEU B 107 -22.96 2.98 6.85
N LYS B 108 -22.74 2.89 8.19
CA LYS B 108 -22.54 4.07 9.05
C LYS B 108 -21.23 4.74 8.71
N LYS B 109 -20.16 3.93 8.49
CA LYS B 109 -18.84 4.48 8.13
C LYS B 109 -18.97 5.42 6.89
N ARG B 110 -19.69 4.94 5.82
CA ARG B 110 -19.92 5.67 4.59
C ARG B 110 -20.73 6.95 4.82
N ALA B 111 -21.87 6.81 5.53
CA ALA B 111 -22.77 7.91 5.84
C ALA B 111 -22.04 8.98 6.67
N ASP B 112 -21.24 8.57 7.65
CA ASP B 112 -20.48 9.53 8.48
C ASP B 112 -19.39 10.26 7.72
N ALA B 113 -18.89 9.66 6.62
CA ALA B 113 -17.85 10.26 5.78
C ALA B 113 -18.52 11.10 4.66
N ASP B 114 -19.87 11.24 4.73
CA ASP B 114 -20.68 11.97 3.77
C ASP B 114 -20.62 11.41 2.35
N LEU B 115 -20.65 10.06 2.26
CA LEU B 115 -20.61 9.35 0.98
C LEU B 115 -22.02 8.83 0.66
N ALA B 116 -22.41 8.85 -0.62
CA ALA B 116 -23.76 8.46 -1.08
C ALA B 116 -24.15 7.00 -0.88
N ASP B 117 -25.46 6.76 -0.62
CA ASP B 117 -26.02 5.42 -0.44
C ASP B 117 -26.69 4.87 -1.73
N GLY B 118 -26.32 5.46 -2.86
CA GLY B 118 -26.76 5.04 -4.17
C GLY B 118 -26.25 6.03 -5.20
N PRO B 119 -26.46 5.76 -6.52
CA PRO B 119 -26.05 6.76 -7.54
C PRO B 119 -26.78 8.06 -7.27
N VAL B 120 -26.07 9.19 -7.31
CA VAL B 120 -26.69 10.48 -6.98
C VAL B 120 -27.68 11.00 -8.01
N SER B 121 -27.35 10.76 -9.29
CA SER B 121 -28.13 11.24 -10.41
C SER B 121 -28.40 10.13 -11.40
N GLU B 122 -29.34 10.36 -12.33
CA GLU B 122 -29.64 9.38 -13.38
C GLU B 122 -28.46 9.12 -14.28
N ARG B 123 -27.64 10.14 -14.53
CA ARG B 123 -26.46 10.02 -15.36
C ARG B 123 -25.54 8.98 -14.76
N ASP B 124 -25.26 9.14 -13.44
CA ASP B 124 -24.37 8.24 -12.72
C ASP B 124 -24.89 6.83 -12.74
N ASN B 125 -26.23 6.69 -12.58
CA ASN B 125 -26.89 5.39 -12.65
C ASN B 125 -26.71 4.74 -14.02
N LEU B 126 -26.82 5.54 -15.09
CA LEU B 126 -26.60 5.01 -16.44
C LEU B 126 -25.12 4.61 -16.63
N LEU B 127 -24.16 5.40 -16.08
CA LEU B 127 -22.73 5.13 -16.28
C LEU B 127 -22.27 3.87 -15.55
N PHE B 128 -22.77 3.63 -14.32
CA PHE B 128 -22.41 2.43 -13.57
C PHE B 128 -23.01 1.23 -14.29
N ARG B 129 -24.26 1.37 -14.80
CA ARG B 129 -24.94 0.30 -15.54
C ARG B 129 -24.27 0.04 -16.87
N ALA B 130 -23.76 1.12 -17.55
CA ALA B 130 -23.05 0.99 -18.82
C ALA B 130 -21.74 0.24 -18.61
N ALA B 131 -21.03 0.47 -17.47
CA ALA B 131 -19.80 -0.23 -17.12
C ALA B 131 -20.09 -1.74 -17.07
N VAL B 132 -21.23 -2.15 -16.45
CA VAL B 132 -21.66 -3.57 -16.37
C VAL B 132 -21.87 -4.12 -17.77
N ARG B 133 -22.61 -3.39 -18.61
CA ARG B 133 -22.93 -3.78 -19.99
C ARG B 133 -21.68 -3.93 -20.81
N LEU B 134 -20.74 -2.97 -20.74
CA LEU B 134 -19.49 -3.08 -21.50
C LEU B 134 -18.58 -4.20 -21.00
N MET B 135 -18.51 -4.41 -19.68
CA MET B 135 -17.63 -5.40 -19.10
C MET B 135 -18.09 -6.84 -19.24
N PHE B 136 -19.41 -7.09 -19.06
CA PHE B 136 -19.99 -8.44 -19.04
C PHE B 136 -20.61 -8.96 -20.33
N SER B 137 -20.38 -8.23 -21.42
CA SER B 137 -20.94 -8.45 -22.74
C SER B 137 -20.62 -9.70 -23.55
N ASP B 138 -19.70 -9.55 -24.51
CA ASP B 138 -19.43 -10.62 -25.46
C ASP B 138 -18.20 -11.41 -25.06
N LEU B 139 -18.39 -12.20 -23.99
CA LEU B 139 -17.34 -12.96 -23.36
C LEU B 139 -17.03 -14.28 -24.04
N GLU B 140 -15.72 -14.60 -24.09
CA GLU B 140 -15.22 -15.85 -24.66
C GLU B 140 -14.66 -16.73 -23.53
N PRO B 141 -15.12 -18.00 -23.49
CA PRO B 141 -14.64 -18.92 -22.45
C PRO B 141 -13.15 -19.23 -22.53
N VAL B 142 -12.52 -19.32 -21.37
CA VAL B 142 -11.10 -19.62 -21.21
C VAL B 142 -10.98 -20.67 -20.10
N PRO B 143 -9.89 -21.48 -20.06
CA PRO B 143 -9.74 -22.41 -18.93
C PRO B 143 -9.71 -21.65 -17.57
N LEU B 144 -10.32 -22.24 -16.52
CA LEU B 144 -10.36 -21.69 -15.17
C LEU B 144 -8.96 -21.97 -14.57
N LYS B 145 -8.11 -20.92 -14.46
CA LYS B 145 -6.76 -21.08 -13.90
C LYS B 145 -6.77 -20.92 -12.40
N ILE B 146 -6.06 -21.83 -11.72
CA ILE B 146 -5.93 -21.96 -10.27
C ILE B 146 -4.49 -21.79 -9.87
N ARG B 147 -4.20 -20.93 -8.86
CA ARG B 147 -2.85 -20.72 -8.32
C ARG B 147 -2.38 -21.96 -7.56
N LYS B 148 -1.19 -22.45 -7.90
CA LYS B 148 -0.64 -23.61 -7.23
C LYS B 148 -0.35 -23.31 -5.74
N GLY B 149 -0.76 -24.24 -4.89
CA GLY B 149 -0.53 -24.07 -3.47
C GLY B 149 -1.54 -23.24 -2.70
N SER B 150 -2.47 -22.55 -3.43
CA SER B 150 -3.57 -21.77 -2.85
C SER B 150 -4.56 -22.73 -2.11
N SER B 151 -5.22 -22.23 -1.04
CA SER B 151 -6.15 -23.02 -0.24
C SER B 151 -7.54 -22.96 -0.80
N THR B 152 -8.34 -24.03 -0.59
CA THR B 152 -9.75 -24.03 -0.99
C THR B 152 -10.57 -23.38 0.13
N CYS B 153 -9.91 -23.07 1.28
CA CYS B 153 -10.52 -22.48 2.49
C CYS B 153 -11.79 -23.22 2.89
N ILE B 154 -12.87 -22.52 3.31
CA ILE B 154 -14.07 -23.18 3.82
C ILE B 154 -14.82 -24.08 2.81
N PRO B 155 -15.09 -25.38 3.16
CA PRO B 155 -14.79 -26.06 4.42
C PRO B 155 -13.58 -26.97 4.47
N TYR B 156 -13.02 -27.35 3.32
CA TYR B 156 -11.92 -28.35 3.22
C TYR B 156 -10.49 -27.95 3.53
N PHE B 157 -10.13 -26.69 3.29
CA PHE B 157 -8.77 -26.20 3.54
C PHE B 157 -7.74 -27.08 2.83
N SER B 158 -8.02 -27.46 1.57
CA SER B 158 -7.09 -28.27 0.77
C SER B 158 -6.14 -27.38 0.00
N ASN B 159 -4.88 -27.84 -0.17
CA ASN B 159 -3.85 -27.10 -0.95
C ASN B 159 -3.41 -27.97 -2.13
N ASP B 160 -4.02 -29.16 -2.27
CA ASP B 160 -3.75 -30.15 -3.30
C ASP B 160 -4.41 -29.78 -4.60
N MET B 161 -3.59 -29.67 -5.69
CA MET B 161 -4.08 -29.29 -7.02
C MET B 161 -5.14 -30.22 -7.57
N GLY B 162 -4.98 -31.51 -7.37
CA GLY B 162 -5.94 -32.52 -7.82
C GLY B 162 -7.30 -32.33 -7.21
N THR B 163 -7.32 -32.11 -5.88
CA THR B 163 -8.53 -31.87 -5.08
C THR B 163 -9.18 -30.53 -5.54
N LYS B 164 -8.37 -29.48 -5.74
CA LYS B 164 -8.84 -28.16 -6.17
C LYS B 164 -9.51 -28.30 -7.57
N ILE B 165 -8.89 -29.05 -8.51
CA ILE B 165 -9.47 -29.28 -9.84
C ILE B 165 -10.83 -29.98 -9.73
N GLU B 166 -10.91 -31.06 -8.92
CA GLU B 166 -12.16 -31.82 -8.66
C GLU B 166 -13.25 -30.88 -8.11
N ILE B 167 -12.90 -30.09 -7.07
CA ILE B 167 -13.81 -29.15 -6.43
C ILE B 167 -14.38 -28.14 -7.43
N ALA B 168 -13.48 -27.52 -8.26
CA ALA B 168 -13.85 -26.55 -9.29
C ALA B 168 -14.75 -27.18 -10.35
N GLU B 169 -14.40 -28.37 -10.86
CA GLU B 169 -15.21 -29.04 -11.89
C GLU B 169 -16.63 -29.35 -11.37
N ARG B 170 -16.69 -29.88 -10.13
CA ARG B 170 -17.95 -30.21 -9.46
C ARG B 170 -18.77 -28.93 -9.22
N ALA B 171 -18.08 -27.80 -8.88
CA ALA B 171 -18.74 -26.52 -8.63
C ALA B 171 -19.37 -26.02 -9.91
N LEU B 172 -18.68 -26.13 -11.05
CA LEU B 172 -19.26 -25.68 -12.31
C LEU B 172 -20.47 -26.54 -12.70
N GLU B 173 -20.46 -27.82 -12.28
CA GLU B 173 -21.57 -28.73 -12.57
C GLU B 173 -22.76 -28.42 -11.70
N LYS B 174 -22.54 -28.07 -10.41
CA LYS B 174 -23.62 -27.86 -9.45
C LYS B 174 -24.00 -26.42 -9.08
N ALA B 175 -23.33 -25.42 -9.69
CA ALA B 175 -23.59 -24.00 -9.43
C ALA B 175 -25.09 -23.62 -9.66
N GLU B 176 -25.69 -24.12 -10.77
CA GLU B 176 -27.09 -23.86 -11.10
C GLU B 176 -28.04 -24.36 -10.02
N GLU B 177 -27.84 -25.60 -9.56
CA GLU B 177 -28.66 -26.19 -8.50
C GLU B 177 -28.48 -25.41 -7.17
N ALA B 178 -27.22 -24.98 -6.86
CA ALA B 178 -26.92 -24.19 -5.67
C ALA B 178 -27.56 -22.80 -5.73
N GLY B 179 -27.38 -22.10 -6.84
CA GLY B 179 -27.94 -20.77 -7.03
C GLY B 179 -29.45 -20.77 -6.91
N ASN B 180 -30.10 -21.83 -7.45
CA ASN B 180 -31.55 -21.96 -7.38
C ASN B 180 -32.01 -22.17 -5.95
N LEU B 181 -31.20 -22.91 -5.15
CA LEU B 181 -31.52 -23.11 -3.73
C LEU B 181 -31.46 -21.75 -2.98
N MET B 182 -30.43 -20.94 -3.27
CA MET B 182 -30.27 -19.62 -2.67
C MET B 182 -31.43 -18.69 -3.07
N LEU B 183 -31.92 -18.79 -4.33
CA LEU B 183 -33.04 -17.98 -4.78
C LEU B 183 -34.30 -18.30 -3.95
N GLN B 184 -34.37 -19.56 -3.39
CA GLN B 184 -35.47 -20.00 -2.54
C GLN B 184 -35.22 -19.73 -1.05
N GLY B 185 -34.11 -19.05 -0.76
CA GLY B 185 -33.67 -18.77 0.61
C GLY B 185 -33.07 -19.99 1.31
N LYS B 186 -32.78 -21.07 0.55
CA LYS B 186 -32.20 -22.27 1.10
C LYS B 186 -30.66 -22.25 1.09
N PHE B 187 -30.06 -21.26 1.82
CA PHE B 187 -28.61 -21.10 1.90
C PHE B 187 -27.93 -22.28 2.60
N ASP B 188 -28.53 -22.79 3.68
CA ASP B 188 -27.96 -23.92 4.39
C ASP B 188 -27.89 -25.15 3.49
N ASP B 189 -28.94 -25.42 2.70
CA ASP B 189 -28.96 -26.55 1.77
C ASP B 189 -27.88 -26.38 0.68
N ALA B 190 -27.76 -25.17 0.07
CA ALA B 190 -26.75 -24.90 -0.96
C ALA B 190 -25.34 -25.15 -0.37
N TYR B 191 -25.12 -24.76 0.91
CA TYR B 191 -23.83 -24.94 1.57
C TYR B 191 -23.56 -26.42 1.89
N GLN B 192 -24.55 -27.08 2.51
CA GLN B 192 -24.47 -28.48 2.90
C GLN B 192 -24.23 -29.41 1.71
N LEU B 193 -24.94 -29.15 0.62
CA LEU B 193 -24.82 -29.99 -0.56
C LEU B 193 -23.66 -29.65 -1.43
N HIS B 194 -23.38 -28.35 -1.62
CA HIS B 194 -22.39 -27.93 -2.60
C HIS B 194 -21.24 -27.07 -2.09
N GLN B 195 -21.20 -26.85 -0.75
CA GLN B 195 -20.17 -26.06 -0.08
C GLN B 195 -20.10 -24.61 -0.62
N MET B 196 -21.26 -24.12 -1.14
CA MET B 196 -21.39 -22.77 -1.68
C MET B 196 -22.12 -21.91 -0.64
N GLY B 197 -21.32 -21.13 0.07
CA GLY B 197 -21.79 -20.31 1.18
C GLY B 197 -20.83 -20.43 2.35
N GLY B 198 -21.36 -20.37 3.57
CA GLY B 198 -20.55 -20.43 4.77
C GLY B 198 -19.97 -19.09 5.17
N ALA B 199 -18.68 -18.86 4.92
CA ALA B 199 -18.02 -17.60 5.31
C ALA B 199 -16.68 -17.45 4.65
N TYR B 200 -16.10 -16.22 4.77
CA TYR B 200 -14.74 -15.92 4.38
C TYR B 200 -13.91 -16.29 5.60
N TYR B 201 -12.69 -16.78 5.39
CA TYR B 201 -11.79 -17.12 6.48
C TYR B 201 -10.77 -16.00 6.58
N VAL B 202 -10.79 -15.28 7.70
CA VAL B 202 -9.91 -14.13 7.89
C VAL B 202 -8.50 -14.51 8.33
N VAL B 203 -7.52 -14.13 7.54
CA VAL B 203 -6.10 -14.29 7.88
C VAL B 203 -5.48 -12.90 7.97
N TYR B 204 -4.51 -12.72 8.82
CA TYR B 204 -3.89 -11.40 8.89
C TYR B 204 -2.51 -11.43 8.24
N ARG B 205 -2.33 -10.67 7.19
CA ARG B 205 -1.12 -10.60 6.36
C ARG B 205 -0.28 -9.37 6.76
N ALA B 206 1.04 -9.48 6.66
CA ALA B 206 1.93 -8.35 6.92
C ALA B 206 1.98 -7.38 5.76
N GLN B 207 2.10 -6.07 6.09
CA GLN B 207 2.44 -4.95 5.21
C GLN B 207 3.82 -4.61 5.87
N SER B 208 4.87 -5.29 5.35
CA SER B 208 6.25 -5.32 5.86
C SER B 208 6.96 -3.98 6.10
N THR B 209 6.53 -2.95 5.37
CA THR B 209 7.01 -1.58 5.45
C THR B 209 5.81 -0.65 5.58
N ASP B 210 5.93 0.29 6.50
CA ASP B 210 4.93 1.30 6.80
C ASP B 210 5.71 2.55 7.25
N ALA B 211 5.02 3.71 7.30
CA ALA B 211 5.65 4.98 7.65
C ALA B 211 6.29 5.03 9.03
N ILE B 212 7.52 5.56 9.07
CA ILE B 212 8.32 5.83 10.26
C ILE B 212 8.99 7.20 10.02
N THR B 213 9.03 8.05 11.05
CA THR B 213 9.68 9.37 10.94
C THR B 213 10.72 9.52 12.05
N LEU B 214 11.72 10.38 11.84
CA LEU B 214 12.72 10.65 12.86
C LEU B 214 12.45 12.04 13.44
N ASP B 215 12.09 12.11 14.75
CA ASP B 215 11.83 13.40 15.42
C ASP B 215 13.17 14.15 15.65
N PRO B 216 13.38 15.31 14.97
CA PRO B 216 14.67 16.03 15.11
C PRO B 216 14.96 16.52 16.52
N LYS B 217 13.92 16.95 17.27
CA LYS B 217 14.04 17.42 18.65
C LYS B 217 14.59 16.33 19.59
N THR B 218 14.02 15.12 19.51
CA THR B 218 14.40 14.02 20.39
C THR B 218 15.45 13.03 19.82
N GLY B 219 15.51 12.91 18.50
CA GLY B 219 16.40 11.95 17.84
C GLY B 219 15.84 10.54 17.90
N LYS B 220 14.55 10.42 18.30
CA LYS B 220 13.80 9.17 18.43
C LYS B 220 12.87 8.93 17.24
N PHE B 221 12.74 7.67 16.83
CA PHE B 221 11.88 7.34 15.70
C PHE B 221 10.44 7.20 16.14
N VAL B 222 9.49 7.54 15.26
CA VAL B 222 8.07 7.45 15.54
C VAL B 222 7.38 6.65 14.43
N SER B 223 6.70 5.56 14.79
CA SER B 223 5.96 4.76 13.81
C SER B 223 4.54 5.35 13.60
N LYS B 224 4.01 5.26 12.36
CA LYS B 224 2.67 5.72 12.01
C LYS B 224 1.63 4.89 12.76
N ASP B 225 0.73 5.56 13.52
CA ASP B 225 -0.37 4.91 14.26
C ASP B 225 -1.37 4.31 13.27
N ARG B 226 -1.74 3.04 13.49
CA ARG B 226 -2.70 2.33 12.66
C ARG B 226 -3.94 2.02 13.48
N MET B 227 -5.07 2.62 13.12
CA MET B 227 -6.32 2.48 13.88
C MET B 227 -6.97 1.13 13.69
N VAL B 228 -7.35 0.49 14.79
CA VAL B 228 -8.00 -0.83 14.76
C VAL B 228 -9.32 -0.82 15.52
N ALA B 229 -10.28 -1.64 15.06
CA ALA B 229 -11.58 -1.79 15.69
C ALA B 229 -11.56 -3.00 16.62
N ASP B 230 -12.14 -2.82 17.82
CA ASP B 230 -12.30 -3.95 18.74
C ASP B 230 -13.54 -4.75 18.28
N PHE B 231 -13.83 -5.90 18.91
CA PHE B 231 -14.98 -6.70 18.52
C PHE B 231 -16.32 -5.91 18.55
N GLU B 232 -16.57 -5.14 19.61
CA GLU B 232 -17.81 -4.35 19.73
C GLU B 232 -17.99 -3.37 18.61
N TYR B 233 -16.93 -2.65 18.26
CA TYR B 233 -16.96 -1.69 17.14
C TYR B 233 -17.31 -2.39 15.80
N ALA B 234 -16.66 -3.54 15.51
CA ALA B 234 -16.86 -4.34 14.31
C ALA B 234 -18.32 -4.87 14.14
N VAL B 235 -18.92 -5.44 15.19
CA VAL B 235 -20.28 -5.98 15.11
C VAL B 235 -21.36 -4.92 15.02
N THR B 236 -21.09 -3.73 15.63
CA THR B 236 -22.04 -2.61 15.66
C THR B 236 -21.78 -1.61 14.52
N GLY B 237 -20.85 -1.93 13.61
CA GLY B 237 -20.54 -1.02 12.51
C GLY B 237 -20.02 0.34 12.98
N GLY B 238 -19.48 0.36 14.20
CA GLY B 238 -18.91 1.55 14.80
C GLY B 238 -19.84 2.31 15.72
N GLU B 239 -21.11 1.83 15.89
CA GLU B 239 -22.11 2.45 16.77
C GLU B 239 -21.60 2.42 18.21
N GLN B 240 -21.03 1.29 18.64
CA GLN B 240 -20.47 1.08 19.98
C GLN B 240 -19.02 0.65 19.88
N GLY B 241 -18.39 0.33 20.99
CA GLY B 241 -17.00 -0.11 21.00
C GLY B 241 -16.02 1.00 20.69
N SER B 242 -14.77 0.62 20.47
CA SER B 242 -13.74 1.62 20.18
C SER B 242 -12.81 1.32 18.99
N LEU B 243 -12.33 2.41 18.40
CA LEU B 243 -11.37 2.48 17.32
C LEU B 243 -10.14 3.11 17.96
N PHE B 244 -9.01 2.39 18.02
CA PHE B 244 -7.82 2.85 18.71
C PHE B 244 -6.56 2.48 17.97
N ALA B 245 -5.42 3.09 18.34
CA ALA B 245 -4.14 2.80 17.69
C ALA B 245 -3.59 1.46 18.14
N ALA B 246 -3.17 0.61 17.18
CA ALA B 246 -2.56 -0.67 17.52
C ALA B 246 -1.15 -0.41 18.00
N SER B 247 -0.59 -1.27 18.85
CA SER B 247 0.77 -1.06 19.35
C SER B 247 1.87 -1.71 18.48
N LYS B 248 2.78 -0.86 17.95
CA LYS B 248 3.90 -1.28 17.10
C LYS B 248 5.20 -1.37 17.91
N ASP B 249 5.12 -1.14 19.23
CA ASP B 249 6.29 -1.21 20.14
C ASP B 249 6.86 -2.61 20.14
N ALA B 250 8.16 -2.72 19.77
CA ALA B 250 8.88 -4.01 19.65
C ALA B 250 9.72 -4.42 20.86
N SER B 251 9.71 -3.60 21.96
CA SER B 251 10.48 -3.85 23.20
C SER B 251 10.16 -5.21 23.75
N ARG B 252 8.88 -5.61 23.60
CA ARG B 252 8.34 -6.88 24.08
C ARG B 252 9.10 -8.11 23.66
N LEU B 253 9.70 -8.05 22.45
CA LEU B 253 10.47 -9.12 21.81
C LEU B 253 11.69 -9.52 22.63
N LYS B 254 12.28 -8.56 23.38
CA LYS B 254 13.43 -8.87 24.24
C LYS B 254 12.98 -9.77 25.38
N GLU B 255 11.93 -9.34 26.12
CA GLU B 255 11.41 -10.10 27.24
C GLU B 255 10.84 -11.45 26.83
N GLN B 256 9.96 -11.48 25.81
CA GLN B 256 9.27 -12.70 25.38
C GLN B 256 10.14 -13.68 24.65
N TYR B 257 11.09 -13.20 23.81
CA TYR B 257 11.82 -14.09 22.92
C TYR B 257 13.33 -14.04 23.00
N GLY B 258 13.85 -13.10 23.80
CA GLY B 258 15.29 -12.92 23.93
C GLY B 258 15.94 -12.30 22.70
N ILE B 259 15.15 -11.52 21.93
CA ILE B 259 15.61 -10.87 20.71
C ILE B 259 16.05 -9.46 21.04
N ASP B 260 17.31 -9.09 20.66
CA ASP B 260 17.77 -7.74 20.88
C ASP B 260 17.08 -6.84 19.84
N VAL B 261 16.38 -5.79 20.36
CA VAL B 261 15.64 -4.85 19.53
C VAL B 261 16.45 -3.55 19.46
N PRO B 262 17.07 -3.20 18.32
CA PRO B 262 17.77 -1.91 18.25
C PRO B 262 16.75 -0.76 18.33
N ASP B 263 17.26 0.45 18.60
CA ASP B 263 16.41 1.64 18.68
C ASP B 263 15.81 1.94 17.32
N GLY B 264 14.53 2.33 17.34
CA GLY B 264 13.81 2.72 16.14
C GLY B 264 13.42 1.60 15.21
N PHE B 265 13.21 0.39 15.75
CA PHE B 265 12.72 -0.77 15.02
C PHE B 265 11.36 -1.15 15.61
N PHE B 266 10.36 -1.40 14.73
CA PHE B 266 8.97 -1.62 15.16
C PHE B 266 8.36 -2.90 14.67
N CYS B 267 7.22 -3.25 15.27
CA CYS B 267 6.40 -4.37 14.84
C CYS B 267 5.66 -3.96 13.55
N GLU B 268 5.40 -4.94 12.68
CA GLU B 268 4.79 -4.72 11.38
C GLU B 268 3.32 -4.38 11.40
N ARG B 269 2.90 -3.60 10.42
CA ARG B 269 1.49 -3.32 10.18
C ARG B 269 0.86 -4.66 9.71
N ARG B 270 -0.34 -4.96 10.21
CA ARG B 270 -1.04 -6.16 9.82
C ARG B 270 -2.34 -5.83 9.19
N ARG B 271 -2.62 -6.43 8.02
CA ARG B 271 -3.82 -6.16 7.25
C ARG B 271 -4.74 -7.37 7.20
N THR B 272 -6.10 -7.17 7.21
CA THR B 272 -6.98 -8.32 7.10
C THR B 272 -6.90 -8.79 5.63
N ALA B 273 -6.95 -10.09 5.43
CA ALA B 273 -7.00 -10.75 4.13
C ALA B 273 -8.04 -11.82 4.31
N MET B 274 -8.87 -12.06 3.31
CA MET B 274 -9.95 -13.04 3.44
C MET B 274 -9.86 -14.10 2.38
N GLY B 275 -10.02 -15.35 2.77
CA GLY B 275 -10.03 -16.44 1.80
C GLY B 275 -11.45 -16.91 1.59
N GLY B 276 -11.88 -16.90 0.33
CA GLY B 276 -13.24 -17.31 0.02
C GLY B 276 -13.47 -18.80 0.00
N PRO B 277 -14.73 -19.24 0.17
CA PRO B 277 -15.03 -20.68 0.02
C PRO B 277 -14.89 -21.06 -1.47
N PHE B 278 -13.88 -21.86 -1.82
CA PHE B 278 -13.56 -22.18 -3.22
C PHE B 278 -14.71 -22.66 -4.13
N ALA B 279 -15.65 -23.49 -3.62
CA ALA B 279 -16.77 -23.99 -4.43
C ALA B 279 -17.62 -22.80 -4.89
N LEU B 280 -17.72 -21.72 -4.06
CA LEU B 280 -18.48 -20.53 -4.45
C LEU B 280 -17.67 -19.64 -5.43
N ASN B 281 -16.34 -19.57 -5.23
CA ASN B 281 -15.49 -18.77 -6.08
C ASN B 281 -15.31 -19.33 -7.49
N ALA B 282 -15.20 -20.67 -7.66
CA ALA B 282 -15.00 -21.30 -8.98
C ALA B 282 -16.03 -20.80 -10.04
N PRO B 283 -17.39 -20.87 -9.82
CA PRO B 283 -18.30 -20.32 -10.83
C PRO B 283 -18.16 -18.84 -11.11
N ILE B 284 -17.68 -18.05 -10.12
CA ILE B 284 -17.46 -16.61 -10.26
C ILE B 284 -16.21 -16.36 -11.09
N MET B 285 -15.12 -17.07 -10.80
CA MET B 285 -13.85 -16.94 -11.53
C MET B 285 -14.01 -17.32 -13.02
N ALA B 286 -14.89 -18.30 -13.32
CA ALA B 286 -15.19 -18.77 -14.67
C ALA B 286 -15.78 -17.66 -15.55
N VAL B 287 -16.33 -16.59 -14.93
CA VAL B 287 -16.89 -15.42 -15.62
C VAL B 287 -15.86 -14.25 -15.47
N ALA B 288 -15.25 -14.08 -14.27
CA ALA B 288 -14.28 -13.01 -14.01
C ALA B 288 -13.08 -13.01 -14.95
N GLN B 289 -12.48 -14.21 -15.25
CA GLN B 289 -11.34 -14.26 -16.19
C GLN B 289 -11.72 -13.81 -17.60
N PRO B 290 -12.81 -14.34 -18.22
CA PRO B 290 -13.28 -13.77 -19.51
C PRO B 290 -13.50 -12.24 -19.49
N VAL B 291 -14.02 -11.67 -18.39
CA VAL B 291 -14.25 -10.21 -18.25
C VAL B 291 -12.91 -9.47 -18.33
N ARG B 292 -11.90 -9.96 -17.55
CA ARG B 292 -10.56 -9.37 -17.54
C ARG B 292 -9.98 -9.35 -18.93
N ASN B 293 -10.13 -10.47 -19.66
CA ASN B 293 -9.60 -10.60 -21.02
C ASN B 293 -10.21 -9.55 -21.93
N LYS B 294 -11.53 -9.30 -21.79
CA LYS B 294 -12.22 -8.27 -22.59
C LYS B 294 -11.71 -6.86 -22.27
N ILE B 295 -11.71 -6.48 -20.99
CA ILE B 295 -11.27 -5.15 -20.58
C ILE B 295 -9.79 -4.90 -20.87
N TYR B 296 -8.93 -5.93 -20.80
CA TYR B 296 -7.49 -5.74 -21.05
C TYR B 296 -7.16 -5.73 -22.53
N SER B 297 -8.12 -6.15 -23.38
CA SER B 297 -7.99 -6.15 -24.84
C SER B 297 -8.75 -4.92 -25.42
N LYS B 298 -10.10 -4.96 -25.45
CA LYS B 298 -10.89 -3.86 -25.99
C LYS B 298 -10.62 -2.52 -25.28
N TYR B 299 -10.49 -2.58 -23.94
CA TYR B 299 -10.29 -1.35 -23.18
C TYR B 299 -8.90 -1.20 -22.61
N ALA B 300 -7.89 -1.77 -23.34
CA ALA B 300 -6.49 -1.77 -22.96
C ALA B 300 -5.94 -0.39 -22.62
N TYR B 301 -6.49 0.67 -23.25
CA TYR B 301 -6.00 2.02 -22.96
C TYR B 301 -6.13 2.33 -21.50
N THR B 302 -7.34 2.17 -20.97
CA THR B 302 -7.60 2.51 -19.57
C THR B 302 -7.13 1.43 -18.59
N PHE B 303 -7.26 0.15 -18.98
CA PHE B 303 -7.08 -1.01 -18.09
C PHE B 303 -5.84 -1.89 -18.16
N HIS B 304 -5.18 -1.99 -19.34
CA HIS B 304 -4.02 -2.84 -19.52
C HIS B 304 -2.68 -2.12 -19.39
N HIS B 305 -2.01 -2.36 -18.23
CA HIS B 305 -0.76 -1.71 -17.87
C HIS B 305 0.35 -2.70 -17.63
N THR B 306 1.44 -2.52 -18.39
CA THR B 306 2.58 -3.42 -18.37
C THR B 306 3.86 -2.69 -17.93
N THR B 307 4.60 -2.12 -18.89
CA THR B 307 5.89 -1.49 -18.60
C THR B 307 5.78 -0.01 -18.35
N ARG B 308 6.87 0.59 -17.82
CA ARG B 308 6.95 2.04 -17.59
C ARG B 308 6.77 2.80 -18.92
N LEU B 309 7.23 2.22 -20.04
CA LEU B 309 7.13 2.82 -21.37
C LEU B 309 5.74 2.73 -21.95
N ASN B 310 5.05 1.62 -21.66
CA ASN B 310 3.66 1.38 -22.05
C ASN B 310 2.77 2.50 -21.45
N LYS B 311 3.02 2.85 -20.16
CA LYS B 311 2.31 3.89 -19.41
C LYS B 311 2.70 5.28 -19.94
N GLU B 312 4.01 5.48 -20.18
CA GLU B 312 4.59 6.73 -20.64
C GLU B 312 4.01 7.21 -21.97
N GLU B 313 3.84 6.31 -22.94
CA GLU B 313 3.28 6.64 -24.24
C GLU B 313 1.89 7.31 -24.12
N LYS B 314 1.03 6.84 -23.20
CA LYS B 314 -0.31 7.39 -23.00
C LYS B 314 -0.26 8.78 -22.35
N VAL B 315 0.43 8.86 -21.18
CA VAL B 315 0.57 10.05 -20.35
C VAL B 315 1.23 11.22 -21.07
N LYS B 316 2.24 10.95 -21.93
CA LYS B 316 2.98 11.99 -22.66
C LYS B 316 2.09 12.84 -23.54
N GLU B 317 0.99 12.25 -24.05
CA GLU B 317 0.03 12.93 -24.92
C GLU B 317 -0.95 13.86 -24.15
N TRP B 318 -0.90 13.84 -22.81
CA TRP B 318 -1.82 14.61 -21.98
C TRP B 318 -1.28 15.98 -21.71
N SER B 319 -2.18 16.97 -21.56
CA SER B 319 -1.78 18.32 -21.19
C SER B 319 -1.70 18.43 -19.64
N LEU B 320 -2.51 17.62 -18.94
CA LEU B 320 -2.57 17.55 -17.48
C LEU B 320 -2.75 16.13 -16.99
N CYS B 321 -1.97 15.75 -15.97
CA CYS B 321 -2.01 14.43 -15.36
C CYS B 321 -2.22 14.58 -13.85
N VAL B 322 -3.33 14.03 -13.35
CA VAL B 322 -3.69 14.11 -11.93
C VAL B 322 -3.63 12.69 -11.32
N ALA B 323 -2.70 12.47 -10.38
CA ALA B 323 -2.52 11.18 -9.70
C ALA B 323 -3.35 11.18 -8.43
N THR B 324 -4.43 10.42 -8.45
CA THR B 324 -5.36 10.38 -7.33
C THR B 324 -5.01 9.34 -6.29
N ASP B 325 -5.63 9.49 -5.10
CA ASP B 325 -5.51 8.63 -3.93
C ASP B 325 -6.92 8.38 -3.36
N VAL B 326 -7.26 7.11 -3.05
CA VAL B 326 -8.53 6.74 -2.41
C VAL B 326 -8.23 6.25 -0.98
N SER B 327 -9.01 6.77 -0.02
CA SER B 327 -8.89 6.35 1.36
C SER B 327 -9.64 5.03 1.57
N ASP B 328 -8.91 4.00 2.07
CA ASP B 328 -9.41 2.68 2.48
C ASP B 328 -10.47 2.12 1.54
N HIS B 329 -10.13 1.95 0.27
CA HIS B 329 -11.06 1.52 -0.77
C HIS B 329 -11.95 0.34 -0.41
N ASP B 330 -11.35 -0.80 -0.03
CA ASP B 330 -12.11 -2.02 0.21
C ASP B 330 -13.15 -1.91 1.30
N THR B 331 -12.85 -1.20 2.38
CA THR B 331 -13.77 -1.10 3.52
C THR B 331 -14.92 -0.13 3.25
N PHE B 332 -14.67 0.84 2.37
CA PHE B 332 -15.67 1.83 1.95
C PHE B 332 -16.48 1.39 0.71
N TRP B 333 -16.05 0.33 -0.01
CA TRP B 333 -16.71 -0.17 -1.22
C TRP B 333 -18.19 -0.40 -0.91
N PRO B 334 -19.10 0.20 -1.73
CA PRO B 334 -20.54 0.13 -1.40
C PRO B 334 -21.35 -1.10 -1.82
N GLY B 335 -22.10 -1.66 -0.90
CA GLY B 335 -23.02 -2.73 -1.20
C GLY B 335 -24.09 -2.35 -2.23
N TRP B 336 -24.41 -1.03 -2.34
CA TRP B 336 -25.39 -0.62 -3.35
C TRP B 336 -24.86 -0.87 -4.76
N LEU B 337 -23.51 -0.87 -4.91
CA LEU B 337 -22.93 -1.20 -6.20
C LEU B 337 -23.10 -2.72 -6.52
N ARG B 338 -22.95 -3.59 -5.51
CA ARG B 338 -23.17 -5.02 -5.66
C ARG B 338 -24.61 -5.22 -6.20
N ASP B 339 -25.61 -4.52 -5.56
CA ASP B 339 -27.01 -4.64 -5.95
C ASP B 339 -27.31 -4.09 -7.34
N LEU B 340 -26.63 -2.99 -7.70
CA LEU B 340 -26.80 -2.38 -9.01
C LEU B 340 -26.24 -3.32 -10.09
N ILE B 341 -25.05 -3.91 -9.83
CA ILE B 341 -24.37 -4.83 -10.76
C ILE B 341 -25.26 -6.01 -11.02
N CYS B 342 -25.77 -6.60 -9.95
CA CYS B 342 -26.68 -7.74 -10.01
C CYS B 342 -27.95 -7.45 -10.81
N ASP B 343 -28.58 -6.29 -10.54
CA ASP B 343 -29.77 -5.85 -11.24
C ASP B 343 -29.51 -5.68 -12.75
N GLU B 344 -28.39 -5.03 -13.11
CA GLU B 344 -28.04 -4.87 -14.51
C GLU B 344 -27.71 -6.18 -15.24
N LEU B 345 -27.02 -7.13 -14.54
CA LEU B 345 -26.71 -8.43 -15.14
C LEU B 345 -28.00 -9.17 -15.44
N LEU B 346 -28.97 -9.07 -14.52
CA LEU B 346 -30.28 -9.69 -14.72
C LEU B 346 -30.97 -9.11 -15.96
N ASN B 347 -30.90 -7.75 -16.14
CA ASN B 347 -31.47 -7.03 -17.28
C ASN B 347 -30.81 -7.46 -18.58
N MET B 348 -29.49 -7.72 -18.56
CA MET B 348 -28.73 -8.18 -19.73
C MET B 348 -29.11 -9.59 -20.18
N GLY B 349 -29.73 -10.35 -19.28
CA GLY B 349 -30.13 -11.72 -19.57
C GLY B 349 -29.27 -12.80 -18.93
N TYR B 350 -28.39 -12.42 -17.94
CA TYR B 350 -27.56 -13.41 -17.22
C TYR B 350 -28.47 -14.37 -16.43
N ALA B 351 -28.06 -15.64 -16.28
CA ALA B 351 -28.77 -16.69 -15.53
C ALA B 351 -29.02 -16.18 -14.09
N PRO B 352 -30.32 -16.13 -13.66
CA PRO B 352 -30.60 -15.63 -12.30
C PRO B 352 -29.88 -16.38 -11.17
N TRP B 353 -29.71 -17.71 -11.34
CA TRP B 353 -29.00 -18.54 -10.37
C TRP B 353 -27.54 -18.09 -10.21
N TRP B 354 -26.87 -17.72 -11.33
CA TRP B 354 -25.48 -17.26 -11.28
C TRP B 354 -25.39 -15.88 -10.58
N VAL B 355 -26.32 -14.97 -10.92
CA VAL B 355 -26.35 -13.64 -10.32
C VAL B 355 -26.56 -13.78 -8.79
N LYS B 356 -27.41 -14.75 -8.35
CA LYS B 356 -27.60 -14.97 -6.93
C LYS B 356 -26.30 -15.43 -6.22
N LEU B 357 -25.49 -16.30 -6.88
CA LEU B 357 -24.23 -16.80 -6.34
C LEU B 357 -23.29 -15.61 -6.18
N PHE B 358 -23.27 -14.73 -7.20
CA PHE B 358 -22.42 -13.54 -7.23
C PHE B 358 -22.78 -12.58 -6.12
N GLU B 359 -24.08 -12.29 -5.99
CA GLU B 359 -24.63 -11.40 -4.95
C GLU B 359 -24.27 -11.97 -3.58
N THR B 360 -24.49 -13.26 -3.38
CA THR B 360 -24.23 -13.95 -2.10
C THR B 360 -22.76 -13.88 -1.67
N SER B 361 -21.83 -14.00 -2.64
CA SER B 361 -20.39 -13.89 -2.40
C SER B 361 -20.01 -12.52 -1.81
N LEU B 362 -20.85 -11.51 -2.01
CA LEU B 362 -20.57 -10.17 -1.55
C LEU B 362 -21.43 -9.75 -0.30
N LYS B 363 -22.10 -10.75 0.33
CA LYS B 363 -22.91 -10.54 1.55
C LYS B 363 -22.54 -11.56 2.61
N LEU B 364 -21.54 -12.37 2.31
CA LEU B 364 -21.15 -13.49 3.14
C LEU B 364 -20.57 -13.13 4.52
N PRO B 365 -20.92 -13.96 5.57
CA PRO B 365 -20.30 -13.84 6.91
C PRO B 365 -18.79 -13.98 6.86
N VAL B 366 -18.09 -13.70 7.98
CA VAL B 366 -16.61 -13.76 8.07
C VAL B 366 -16.17 -14.45 9.36
N TYR B 367 -15.27 -15.42 9.24
CA TYR B 367 -14.73 -16.15 10.38
C TYR B 367 -13.40 -15.51 10.78
N VAL B 368 -13.36 -14.96 12.00
CA VAL B 368 -12.19 -14.26 12.52
C VAL B 368 -11.29 -15.21 13.23
N GLY B 369 -10.05 -15.31 12.72
CA GLY B 369 -9.05 -16.20 13.28
C GLY B 369 -8.44 -15.69 14.57
N ALA B 370 -7.23 -15.13 14.48
CA ALA B 370 -6.52 -14.65 15.65
C ALA B 370 -5.91 -13.25 15.47
N PRO B 371 -6.68 -12.18 15.80
CA PRO B 371 -6.13 -10.81 15.68
C PRO B 371 -5.04 -10.48 16.69
N ALA B 372 -5.06 -11.18 17.82
CA ALA B 372 -4.14 -10.99 18.93
C ALA B 372 -4.12 -12.24 19.83
N PRO B 373 -3.15 -12.39 20.77
CA PRO B 373 -3.22 -13.53 21.72
C PRO B 373 -4.53 -13.49 22.53
N GLU B 374 -5.12 -14.67 22.81
CA GLU B 374 -6.37 -14.80 23.57
C GLU B 374 -7.62 -14.11 22.92
N GLN B 375 -7.60 -13.83 21.58
CA GLN B 375 -8.73 -13.19 20.86
C GLN B 375 -9.04 -13.92 19.56
N GLY B 376 -10.26 -13.77 19.07
CA GLY B 376 -10.69 -14.34 17.79
C GLY B 376 -11.59 -15.55 17.87
N HIS B 377 -11.44 -16.49 16.93
CA HIS B 377 -12.21 -17.73 16.82
C HIS B 377 -13.70 -17.45 16.93
N THR B 378 -14.18 -16.49 16.12
CA THR B 378 -15.57 -16.06 16.15
C THR B 378 -16.07 -15.86 14.74
N LEU B 379 -17.29 -16.35 14.48
CA LEU B 379 -17.94 -16.13 13.20
C LEU B 379 -18.83 -14.88 13.33
N LEU B 380 -18.72 -13.94 12.42
CA LEU B 380 -19.55 -12.72 12.37
C LEU B 380 -20.51 -12.89 11.23
N GLY B 381 -21.79 -12.77 11.51
CA GLY B 381 -22.85 -12.96 10.52
C GLY B 381 -23.37 -14.39 10.55
N ASP B 382 -24.61 -14.58 10.10
CA ASP B 382 -25.26 -15.87 10.10
C ASP B 382 -25.24 -16.43 8.68
N PRO B 383 -24.56 -17.56 8.44
CA PRO B 383 -24.51 -18.12 7.08
C PRO B 383 -25.85 -18.59 6.53
N SER B 384 -26.87 -18.76 7.39
CA SER B 384 -28.21 -19.19 6.99
C SER B 384 -28.93 -18.09 6.20
N ASN B 385 -28.53 -16.82 6.43
CA ASN B 385 -29.07 -15.69 5.69
C ASN B 385 -28.01 -14.63 5.50
N PRO B 386 -27.11 -14.80 4.47
CA PRO B 386 -26.02 -13.83 4.27
C PRO B 386 -26.54 -12.39 4.13
N ASP B 387 -26.11 -11.51 5.05
CA ASP B 387 -26.56 -10.13 5.07
C ASP B 387 -25.48 -9.09 5.49
N LEU B 388 -24.18 -9.49 5.46
CA LEU B 388 -23.09 -8.57 5.82
C LEU B 388 -22.85 -7.48 4.77
N GLU B 389 -22.25 -6.33 5.22
CA GLU B 389 -21.89 -5.18 4.41
C GLU B 389 -20.44 -4.82 4.74
N VAL B 390 -19.50 -5.77 4.55
CA VAL B 390 -18.07 -5.59 4.89
C VAL B 390 -17.30 -4.65 3.93
N GLY B 391 -17.91 -4.38 2.80
CA GLY B 391 -17.30 -3.66 1.70
C GLY B 391 -16.90 -4.68 0.67
N LEU B 392 -15.63 -4.66 0.23
CA LEU B 392 -15.15 -5.63 -0.75
C LEU B 392 -14.27 -6.64 -0.05
N SER B 393 -14.65 -7.95 -0.11
CA SER B 393 -13.88 -9.06 0.48
C SER B 393 -12.66 -9.38 -0.41
N SER B 394 -11.42 -9.35 0.11
CA SER B 394 -10.23 -9.62 -0.70
C SER B 394 -10.15 -10.99 -1.44
N GLY B 395 -10.85 -12.00 -0.91
CA GLY B 395 -10.85 -13.31 -1.52
C GLY B 395 -12.03 -13.62 -2.38
N GLN B 396 -12.81 -12.60 -2.77
CA GLN B 396 -13.99 -12.80 -3.62
C GLN B 396 -13.44 -13.06 -5.04
N GLY B 397 -14.11 -13.90 -5.83
CA GLY B 397 -13.58 -14.24 -7.15
C GLY B 397 -13.35 -13.13 -8.17
N ALA B 398 -13.95 -11.93 -7.96
CA ALA B 398 -13.89 -10.80 -8.89
C ALA B 398 -13.54 -9.49 -8.22
N THR B 399 -12.86 -9.48 -7.06
CA THR B 399 -12.56 -8.23 -6.32
C THR B 399 -11.90 -7.14 -7.14
N ASP B 400 -10.93 -7.51 -8.01
CA ASP B 400 -10.25 -6.51 -8.84
C ASP B 400 -11.28 -5.81 -9.76
N LEU B 401 -12.22 -6.57 -10.35
CA LEU B 401 -13.23 -6.04 -11.24
C LEU B 401 -14.23 -5.17 -10.49
N MET B 402 -14.58 -5.54 -9.26
CA MET B 402 -15.51 -4.75 -8.46
C MET B 402 -14.91 -3.38 -8.08
N GLY B 403 -13.62 -3.34 -7.71
CA GLY B 403 -12.91 -2.10 -7.42
C GLY B 403 -12.67 -1.28 -8.68
N THR B 404 -12.32 -1.93 -9.78
CA THR B 404 -12.08 -1.24 -11.05
C THR B 404 -13.37 -0.59 -11.57
N LEU B 405 -14.50 -1.34 -11.51
CA LEU B 405 -15.80 -0.84 -11.95
C LEU B 405 -16.17 0.40 -11.11
N LEU B 406 -16.19 0.29 -9.76
CA LEU B 406 -16.49 1.43 -8.90
C LEU B 406 -15.64 2.64 -9.22
N MET B 407 -14.31 2.47 -9.15
CA MET B 407 -13.39 3.58 -9.32
C MET B 407 -13.33 4.20 -10.72
N SER B 408 -13.38 3.38 -11.80
CA SER B 408 -13.31 3.93 -13.15
C SER B 408 -14.45 4.93 -13.37
N ILE B 409 -15.68 4.58 -12.88
CA ILE B 409 -16.85 5.43 -12.99
C ILE B 409 -16.77 6.64 -12.06
N THR B 410 -16.30 6.41 -10.81
CA THR B 410 -16.08 7.46 -9.82
C THR B 410 -15.18 8.55 -10.41
N TYR B 411 -14.07 8.17 -11.09
CA TYR B 411 -13.15 9.17 -11.66
C TYR B 411 -13.73 9.91 -12.85
N LEU B 412 -14.42 9.18 -13.74
CA LEU B 412 -15.12 9.77 -14.90
C LEU B 412 -16.16 10.80 -14.39
N VAL B 413 -16.93 10.45 -13.35
CA VAL B 413 -17.94 11.34 -12.77
C VAL B 413 -17.27 12.62 -12.23
N MET B 414 -16.12 12.48 -11.60
CA MET B 414 -15.37 13.60 -11.09
C MET B 414 -14.95 14.53 -12.23
N GLN B 415 -14.46 13.96 -13.35
CA GLN B 415 -14.07 14.73 -14.54
C GLN B 415 -15.31 15.42 -15.13
N LEU B 416 -16.49 14.73 -15.14
CA LEU B 416 -17.73 15.31 -15.68
C LEU B 416 -18.21 16.47 -14.84
N ASP B 417 -18.37 16.24 -13.53
CA ASP B 417 -18.81 17.24 -12.58
C ASP B 417 -17.92 18.50 -12.54
N HIS B 418 -16.60 18.34 -12.41
CA HIS B 418 -15.73 19.48 -12.24
C HIS B 418 -15.05 20.06 -13.45
N THR B 419 -15.12 19.39 -14.61
CA THR B 419 -14.35 19.84 -15.78
C THR B 419 -15.09 19.73 -17.12
N ALA B 420 -16.04 18.81 -17.27
CA ALA B 420 -16.65 18.63 -18.59
C ALA B 420 -18.16 18.58 -18.64
N PRO B 421 -18.89 19.63 -18.17
CA PRO B 421 -20.37 19.59 -18.24
C PRO B 421 -20.94 19.52 -19.67
N HIS B 422 -20.13 19.97 -20.65
CA HIS B 422 -20.45 19.91 -22.08
C HIS B 422 -20.56 18.47 -22.62
N LEU B 423 -20.08 17.47 -21.82
CA LEU B 423 -20.19 16.08 -22.25
C LEU B 423 -21.46 15.43 -21.71
N ASN B 424 -22.11 16.04 -20.69
CA ASN B 424 -23.34 15.49 -20.10
C ASN B 424 -24.45 15.19 -21.07
N SER B 425 -24.56 16.00 -22.15
CA SER B 425 -25.57 15.85 -23.20
C SER B 425 -25.34 14.57 -24.06
N ARG B 426 -24.14 13.96 -23.99
CA ARG B 426 -23.82 12.71 -24.68
C ARG B 426 -24.35 11.48 -23.89
N ILE B 427 -24.78 11.69 -22.63
CA ILE B 427 -25.28 10.61 -21.76
C ILE B 427 -26.78 10.88 -21.48
N LYS B 428 -27.63 10.37 -22.37
CA LYS B 428 -29.08 10.61 -22.30
C LYS B 428 -29.89 9.38 -21.97
N ASP B 429 -29.35 8.18 -22.27
CA ASP B 429 -30.03 6.89 -22.03
C ASP B 429 -28.98 5.77 -22.02
N MET B 430 -29.42 4.51 -21.92
CA MET B 430 -28.49 3.39 -21.93
C MET B 430 -27.60 3.30 -23.20
N PRO B 431 -28.17 3.29 -24.44
CA PRO B 431 -27.33 3.24 -25.64
C PRO B 431 -26.29 4.35 -25.73
N SER B 432 -26.69 5.58 -25.40
CA SER B 432 -25.76 6.71 -25.44
C SER B 432 -24.72 6.66 -24.30
N ALA B 433 -25.12 6.14 -23.09
CA ALA B 433 -24.19 5.99 -21.95
C ALA B 433 -23.10 4.95 -22.33
N CYS B 434 -23.51 3.81 -22.98
CA CYS B 434 -22.61 2.79 -23.46
C CYS B 434 -21.67 3.33 -24.53
N ARG B 435 -22.21 4.04 -25.57
CA ARG B 435 -21.38 4.64 -26.65
C ARG B 435 -20.31 5.59 -26.11
N PHE B 436 -20.71 6.47 -25.17
CA PHE B 436 -19.82 7.43 -24.55
C PHE B 436 -18.73 6.70 -23.75
N LEU B 437 -19.16 5.75 -22.89
CA LEU B 437 -18.24 5.03 -22.03
C LEU B 437 -17.20 4.21 -22.84
N ASP B 438 -17.68 3.56 -23.94
CA ASP B 438 -16.87 2.76 -24.84
C ASP B 438 -15.78 3.63 -25.49
N SER B 439 -16.13 4.87 -25.90
CA SER B 439 -15.21 5.84 -26.47
C SER B 439 -14.20 6.34 -25.43
N TYR B 440 -14.68 6.67 -24.22
CA TYR B 440 -13.88 7.15 -23.10
C TYR B 440 -12.82 6.12 -22.68
N TRP B 441 -13.26 4.86 -22.48
CA TRP B 441 -12.38 3.76 -22.06
C TRP B 441 -11.30 3.43 -23.11
N GLN B 442 -11.54 3.74 -24.40
CA GLN B 442 -10.58 3.55 -25.48
C GLN B 442 -9.56 4.73 -25.60
N GLY B 443 -9.70 5.73 -24.75
CA GLY B 443 -8.86 6.92 -24.77
C GLY B 443 -9.20 7.90 -25.91
N HIS B 444 -10.43 7.85 -26.44
CA HIS B 444 -10.86 8.69 -27.55
C HIS B 444 -11.48 10.03 -27.19
N GLU B 445 -11.63 10.35 -25.90
CA GLU B 445 -12.23 11.61 -25.47
C GLU B 445 -11.14 12.56 -24.97
N GLU B 446 -11.49 13.84 -24.78
CA GLU B 446 -10.53 14.85 -24.32
C GLU B 446 -10.21 14.69 -22.82
N ILE B 447 -11.06 13.92 -22.14
CA ILE B 447 -10.87 13.48 -20.76
C ILE B 447 -10.50 11.99 -20.82
N ARG B 448 -9.42 11.65 -20.13
CA ARG B 448 -8.88 10.29 -20.14
C ARG B 448 -8.50 9.77 -18.76
N GLN B 449 -8.23 8.46 -18.68
CA GLN B 449 -7.74 7.84 -17.44
C GLN B 449 -7.02 6.54 -17.70
N ILE B 450 -6.12 6.21 -16.81
CA ILE B 450 -5.44 4.94 -16.75
C ILE B 450 -5.67 4.51 -15.31
N SER B 451 -6.29 3.34 -15.10
CA SER B 451 -6.61 2.93 -13.75
C SER B 451 -6.52 1.42 -13.53
N LYS B 452 -6.48 1.07 -12.26
CA LYS B 452 -6.57 -0.30 -11.75
C LYS B 452 -7.02 -0.18 -10.30
N SER B 453 -8.27 -0.62 -10.01
CA SER B 453 -8.86 -0.55 -8.66
C SER B 453 -8.70 0.90 -8.10
N ASP B 454 -8.00 1.06 -6.96
CA ASP B 454 -7.82 2.36 -6.32
C ASP B 454 -6.60 3.18 -6.76
N ASP B 455 -5.90 2.74 -7.86
CA ASP B 455 -4.74 3.48 -8.40
C ASP B 455 -5.12 4.01 -9.73
N ALA B 456 -4.87 5.31 -9.95
CA ALA B 456 -5.21 5.94 -11.21
C ALA B 456 -4.44 7.19 -11.46
N MET B 457 -4.45 7.57 -12.73
CA MET B 457 -3.95 8.83 -13.26
C MET B 457 -4.99 9.36 -14.20
N LEU B 458 -5.47 10.59 -13.92
CA LEU B 458 -6.53 11.24 -14.70
C LEU B 458 -5.94 12.24 -15.65
N GLY B 459 -6.34 12.18 -16.91
CA GLY B 459 -5.80 13.08 -17.91
C GLY B 459 -6.78 13.95 -18.66
N TRP B 460 -6.23 15.09 -19.12
CA TRP B 460 -6.91 16.09 -19.96
C TRP B 460 -6.01 16.40 -21.15
N THR B 461 -6.57 16.39 -22.35
CA THR B 461 -5.85 16.83 -23.53
C THR B 461 -6.25 18.31 -23.71
N LYS B 462 -5.86 18.97 -24.82
CA LYS B 462 -6.29 20.34 -25.08
C LYS B 462 -7.80 20.30 -25.37
N GLY B 463 -8.52 21.30 -24.90
CA GLY B 463 -9.95 21.35 -25.13
C GLY B 463 -10.69 22.13 -24.07
N ARG B 464 -12.02 22.09 -24.15
CA ARG B 464 -12.88 22.80 -23.19
C ARG B 464 -12.74 22.34 -21.72
N ALA B 465 -12.48 21.03 -21.50
CA ALA B 465 -12.35 20.45 -20.18
C ALA B 465 -11.04 20.80 -19.44
N LEU B 466 -9.97 21.16 -20.20
CA LEU B 466 -8.64 21.45 -19.64
C LEU B 466 -8.59 22.48 -18.54
N VAL B 467 -9.31 23.58 -18.69
CA VAL B 467 -9.33 24.63 -17.67
C VAL B 467 -9.92 24.11 -16.33
N GLY B 468 -11.01 23.32 -16.45
CA GLY B 468 -11.70 22.67 -15.34
C GLY B 468 -10.78 21.66 -14.67
N GLY B 469 -10.03 20.93 -15.48
CA GLY B 469 -9.05 19.98 -15.00
C GLY B 469 -8.10 20.64 -14.04
N HIS B 470 -7.60 21.86 -14.35
CA HIS B 470 -6.66 22.60 -13.49
C HIS B 470 -7.32 23.09 -12.19
N ARG B 471 -8.62 23.46 -12.24
CA ARG B 471 -9.37 23.89 -11.06
C ARG B 471 -9.56 22.72 -10.12
N LEU B 472 -9.83 21.51 -10.69
CA LEU B 472 -10.00 20.26 -9.92
C LEU B 472 -8.72 19.92 -9.18
N PHE B 473 -7.58 19.99 -9.88
CA PHE B 473 -6.25 19.74 -9.32
C PHE B 473 -6.01 20.70 -8.17
N GLU B 474 -6.38 21.99 -8.35
CA GLU B 474 -6.27 23.01 -7.33
C GLU B 474 -7.16 22.69 -6.12
N MET B 475 -8.40 22.24 -6.36
CA MET B 475 -9.31 21.85 -5.31
C MET B 475 -8.70 20.70 -4.47
N LEU B 476 -8.04 19.73 -5.17
CA LEU B 476 -7.37 18.58 -4.54
C LEU B 476 -6.21 19.05 -3.68
N LYS B 477 -5.36 19.95 -4.23
CA LYS B 477 -4.23 20.52 -3.48
C LYS B 477 -4.72 21.16 -2.15
N GLU B 478 -5.81 21.96 -2.23
CA GLU B 478 -6.41 22.61 -1.08
C GLU B 478 -6.89 21.63 -0.02
N GLY B 479 -7.42 20.50 -0.47
CA GLY B 479 -7.93 19.42 0.39
C GLY B 479 -8.98 19.82 1.42
N LYS B 480 -9.91 20.69 1.03
CA LYS B 480 -10.99 21.15 1.92
C LYS B 480 -12.33 20.49 1.55
N VAL B 481 -12.52 20.21 0.25
CA VAL B 481 -13.73 19.63 -0.28
C VAL B 481 -13.44 18.33 -0.99
N ASN B 482 -14.19 17.26 -0.66
CA ASN B 482 -14.03 15.99 -1.37
C ASN B 482 -14.68 16.17 -2.78
N PRO B 483 -13.94 15.90 -3.88
CA PRO B 483 -14.52 16.08 -5.21
C PRO B 483 -15.53 15.01 -5.65
N SER B 484 -15.71 13.97 -4.86
CA SER B 484 -16.62 12.87 -5.20
C SER B 484 -17.73 12.65 -4.14
N PRO B 485 -18.98 12.31 -4.58
CA PRO B 485 -19.99 11.86 -3.61
C PRO B 485 -19.83 10.37 -3.22
N TYR B 486 -19.01 9.60 -3.96
CA TYR B 486 -18.87 8.16 -3.77
C TYR B 486 -17.79 7.65 -2.86
N MET B 487 -16.58 8.25 -2.96
CA MET B 487 -15.42 7.79 -2.18
C MET B 487 -14.63 9.00 -1.72
N LYS B 488 -13.70 8.79 -0.76
CA LYS B 488 -12.86 9.86 -0.23
C LYS B 488 -11.64 9.95 -1.15
N ILE B 489 -11.63 10.96 -2.05
CA ILE B 489 -10.56 11.18 -3.05
C ILE B 489 -9.67 12.38 -2.66
N SER B 490 -8.37 12.19 -2.84
CA SER B 490 -7.34 13.21 -2.62
C SER B 490 -6.29 13.03 -3.72
N TYR B 491 -5.22 13.81 -3.67
CA TYR B 491 -4.16 13.65 -4.65
C TYR B 491 -3.04 12.86 -3.98
N GLU B 492 -2.28 12.09 -4.78
CA GLU B 492 -1.17 11.30 -4.25
C GLU B 492 0.02 12.22 -3.99
N HIS B 493 0.65 12.09 -2.82
CA HIS B 493 1.83 12.87 -2.43
C HIS B 493 3.07 12.16 -3.04
N GLY B 494 3.36 12.49 -4.30
CA GLY B 494 4.42 11.84 -5.06
C GLY B 494 3.74 10.87 -6.01
N GLY B 495 3.12 11.42 -7.04
CA GLY B 495 2.35 10.67 -8.02
C GLY B 495 3.06 9.50 -8.68
N ALA B 496 2.48 8.32 -8.56
CA ALA B 496 2.98 7.10 -9.17
C ALA B 496 1.80 6.25 -9.66
N PHE B 497 2.04 5.40 -10.65
CA PHE B 497 1.00 4.54 -11.17
C PHE B 497 1.53 3.14 -11.30
N LEU B 498 0.90 2.23 -10.53
CA LEU B 498 1.19 0.82 -10.49
C LEU B 498 2.69 0.59 -10.28
N GLY B 499 3.24 1.26 -9.26
CA GLY B 499 4.64 1.11 -8.85
C GLY B 499 5.69 1.95 -9.55
N ASP B 500 5.34 2.63 -10.67
CA ASP B 500 6.26 3.49 -11.41
C ASP B 500 5.99 4.95 -11.09
N ILE B 501 7.02 5.65 -10.66
CA ILE B 501 6.91 7.06 -10.33
C ILE B 501 6.87 7.89 -11.60
N LEU B 502 5.96 8.90 -11.68
CA LEU B 502 5.93 9.81 -12.83
C LEU B 502 6.91 10.94 -12.49
N LEU B 503 8.10 10.91 -13.12
CA LEU B 503 9.17 11.86 -12.86
C LEU B 503 9.07 13.08 -13.80
N TYR B 504 8.70 14.23 -13.23
CA TYR B 504 8.57 15.48 -13.95
C TYR B 504 9.92 16.21 -13.98
N ASP B 505 10.08 17.14 -14.96
CA ASP B 505 11.28 17.98 -15.01
C ASP B 505 10.89 19.40 -14.61
N SER B 506 11.70 20.42 -14.96
CA SER B 506 11.46 21.84 -14.64
C SER B 506 10.13 22.38 -15.15
N ARG B 507 9.68 21.89 -16.32
CA ARG B 507 8.42 22.29 -16.97
C ARG B 507 7.16 21.84 -16.18
N ARG B 508 7.25 20.73 -15.40
CA ARG B 508 6.14 20.13 -14.65
C ARG B 508 4.96 19.86 -15.57
N GLU B 509 5.24 19.24 -16.73
CA GLU B 509 4.22 18.92 -17.72
C GLU B 509 4.34 17.44 -18.11
N PRO B 510 3.17 16.75 -18.35
CA PRO B 510 3.21 15.33 -18.73
C PRO B 510 4.01 14.99 -19.97
N GLY B 511 4.06 15.93 -20.92
CA GLY B 511 4.78 15.75 -22.18
C GLY B 511 6.27 15.48 -22.04
N SER B 512 6.90 16.08 -21.00
CA SER B 512 8.33 15.92 -20.74
C SER B 512 8.61 15.10 -19.49
N ALA B 513 7.55 14.47 -18.92
CA ALA B 513 7.68 13.64 -17.73
C ALA B 513 7.94 12.21 -18.16
N ILE B 514 8.63 11.42 -17.32
CA ILE B 514 8.93 10.01 -17.61
C ILE B 514 8.56 9.09 -16.45
N PHE B 515 8.15 7.87 -16.77
CA PHE B 515 7.88 6.88 -15.72
C PHE B 515 9.18 6.15 -15.37
N VAL B 516 9.52 6.11 -14.06
CA VAL B 516 10.73 5.44 -13.57
C VAL B 516 10.34 4.48 -12.45
N GLY B 517 11.05 3.36 -12.31
CA GLY B 517 10.79 2.41 -11.25
C GLY B 517 11.02 3.08 -9.91
N ASN B 518 10.27 2.64 -8.87
CA ASN B 518 10.41 3.21 -7.54
C ASN B 518 11.50 2.45 -6.77
N ILE B 519 12.64 3.13 -6.55
CA ILE B 519 13.79 2.54 -5.83
C ILE B 519 13.44 2.04 -4.43
N ASN B 520 12.48 2.71 -3.76
CA ASN B 520 12.03 2.30 -2.44
C ASN B 520 11.34 0.92 -2.53
N SER B 521 10.62 0.62 -3.63
CA SER B 521 9.96 -0.67 -3.79
C SER B 521 10.99 -1.77 -3.96
N MET B 522 12.15 -1.45 -4.62
CA MET B 522 13.25 -2.41 -4.77
C MET B 522 13.74 -2.76 -3.37
N LEU B 523 13.94 -1.74 -2.51
CA LEU B 523 14.37 -1.91 -1.14
C LEU B 523 13.38 -2.71 -0.29
N ASN B 524 12.09 -2.41 -0.43
CA ASN B 524 11.02 -3.14 0.23
C ASN B 524 11.09 -4.60 -0.17
N ASN B 525 11.12 -4.88 -1.47
CA ASN B 525 11.17 -6.25 -1.98
C ASN B 525 12.40 -7.02 -1.57
N GLN B 526 13.59 -6.38 -1.58
CA GLN B 526 14.84 -7.05 -1.25
C GLN B 526 15.13 -7.21 0.21
N PHE B 527 14.78 -6.22 1.04
CA PHE B 527 15.11 -6.32 2.47
C PHE B 527 13.94 -6.47 3.44
N SER B 528 12.71 -6.24 2.95
CA SER B 528 11.52 -6.41 3.77
C SER B 528 10.47 -7.27 3.06
N PRO B 529 10.78 -8.52 2.60
CA PRO B 529 9.73 -9.34 1.99
C PRO B 529 8.57 -9.62 2.97
N GLU B 530 7.37 -9.83 2.41
CA GLU B 530 6.19 -10.07 3.23
C GLU B 530 6.24 -11.46 3.89
N TYR B 531 6.86 -12.43 3.19
CA TYR B 531 6.98 -13.81 3.62
C TYR B 531 8.42 -14.25 3.65
N GLY B 532 8.67 -15.30 4.39
CA GLY B 532 9.96 -15.95 4.42
C GLY B 532 10.15 -16.81 3.17
N VAL B 533 11.37 -17.41 3.05
CA VAL B 533 11.71 -18.23 1.89
C VAL B 533 11.02 -19.58 1.77
N GLN B 534 10.37 -20.04 2.89
CA GLN B 534 9.69 -21.34 3.03
C GLN B 534 10.57 -22.49 2.57
N SER B 535 11.80 -22.57 3.11
CA SER B 535 12.78 -23.58 2.70
C SER B 535 12.29 -25.03 2.82
N GLY B 536 11.35 -25.26 3.72
CA GLY B 536 10.77 -26.57 3.95
C GLY B 536 9.72 -27.02 2.95
N VAL B 537 9.24 -26.10 2.10
CA VAL B 537 8.24 -26.43 1.09
C VAL B 537 9.06 -26.88 -0.13
N ARG B 538 9.12 -28.19 -0.38
CA ARG B 538 9.89 -28.80 -1.48
C ARG B 538 9.52 -28.29 -2.83
N ASP B 539 8.19 -28.24 -3.10
CA ASP B 539 7.68 -27.72 -4.38
C ASP B 539 7.73 -26.17 -4.37
N ARG B 540 8.75 -25.62 -5.02
CA ARG B 540 8.95 -24.18 -5.10
C ARG B 540 7.79 -23.39 -5.70
N SER B 541 7.07 -24.00 -6.67
CA SER B 541 5.93 -23.35 -7.32
C SER B 541 4.78 -23.06 -6.32
N LYS B 542 4.72 -23.80 -5.21
CA LYS B 542 3.72 -23.60 -4.16
C LYS B 542 4.13 -22.54 -3.07
N ARG B 543 5.40 -22.07 -3.09
CA ARG B 543 5.90 -21.09 -2.12
C ARG B 543 5.36 -19.70 -2.47
N LYS B 544 5.35 -18.79 -1.48
CA LYS B 544 4.94 -17.40 -1.68
C LYS B 544 6.04 -16.65 -2.45
N ARG B 545 7.31 -17.13 -2.34
CA ARG B 545 8.45 -16.55 -3.05
C ARG B 545 9.18 -17.72 -3.73
N PRO B 546 8.67 -18.25 -4.86
CA PRO B 546 9.30 -19.45 -5.47
C PRO B 546 10.80 -19.37 -5.78
N PHE B 547 11.26 -18.31 -6.50
CA PHE B 547 12.64 -18.18 -6.92
C PHE B 547 13.16 -16.76 -6.61
N PRO B 548 13.40 -16.44 -5.31
CA PRO B 548 13.85 -15.07 -4.95
C PRO B 548 15.08 -14.51 -5.67
N GLY B 549 16.04 -15.38 -6.00
CA GLY B 549 17.30 -15.03 -6.65
C GLY B 549 17.16 -14.38 -7.99
N LEU B 550 16.10 -14.78 -8.74
CA LEU B 550 15.74 -14.30 -10.10
C LEU B 550 15.50 -12.80 -10.20
N ALA B 551 15.02 -12.13 -9.13
CA ALA B 551 14.76 -10.70 -9.11
C ALA B 551 16.02 -9.87 -9.42
N TRP B 552 17.24 -10.42 -9.14
CA TRP B 552 18.50 -9.73 -9.43
C TRP B 552 18.69 -9.55 -10.94
N ALA B 553 18.27 -10.55 -11.72
CA ALA B 553 18.35 -10.54 -13.18
C ALA B 553 17.44 -9.47 -13.86
N SER B 554 16.31 -9.08 -13.19
CA SER B 554 15.35 -8.10 -13.71
C SER B 554 15.48 -6.72 -13.08
N MET B 555 16.27 -6.59 -12.01
CA MET B 555 16.52 -5.34 -11.29
C MET B 555 16.83 -4.11 -12.15
N LYS B 556 17.84 -4.22 -13.05
CA LYS B 556 18.25 -3.11 -13.90
C LYS B 556 17.08 -2.71 -14.80
N ASP B 557 16.35 -3.70 -15.37
CA ASP B 557 15.20 -3.42 -16.23
C ASP B 557 14.08 -2.69 -15.49
N THR B 558 13.76 -3.16 -14.27
CA THR B 558 12.72 -2.60 -13.41
C THR B 558 13.08 -1.24 -12.81
N TYR B 559 14.28 -1.14 -12.23
CA TYR B 559 14.70 0.06 -11.49
C TYR B 559 15.79 0.97 -12.08
N GLY B 560 16.44 0.55 -13.16
CA GLY B 560 17.55 1.25 -13.81
C GLY B 560 17.35 2.69 -14.17
N ALA B 561 16.10 3.08 -14.50
CA ALA B 561 15.71 4.45 -14.83
C ALA B 561 15.56 5.40 -13.63
N CYS B 562 15.61 4.87 -12.39
CA CYS B 562 15.55 5.74 -11.21
C CYS B 562 16.82 6.60 -11.17
N PRO B 563 16.68 7.95 -11.05
CA PRO B 563 17.86 8.81 -11.01
C PRO B 563 18.99 8.36 -10.06
N ILE B 564 18.62 7.75 -8.91
CA ILE B 564 19.57 7.34 -7.88
C ILE B 564 19.90 5.84 -7.85
N TYR B 565 19.57 5.11 -8.94
CA TYR B 565 19.77 3.65 -9.01
C TYR B 565 21.17 3.17 -8.59
N SER B 566 22.21 3.70 -9.26
CA SER B 566 23.61 3.37 -8.98
C SER B 566 24.01 3.74 -7.57
N ASP B 567 23.58 4.93 -7.11
CA ASP B 567 23.85 5.44 -5.77
C ASP B 567 23.34 4.47 -4.68
N VAL B 568 22.10 3.94 -4.88
CA VAL B 568 21.47 3.01 -3.95
C VAL B 568 22.22 1.70 -3.93
N LEU B 569 22.55 1.15 -5.13
CA LEU B 569 23.28 -0.11 -5.20
C LEU B 569 24.64 -0.04 -4.51
N GLU B 570 25.35 1.12 -4.66
CA GLU B 570 26.66 1.32 -4.01
C GLU B 570 26.48 1.49 -2.52
N ALA B 571 25.41 2.20 -2.07
CA ALA B 571 25.13 2.37 -0.63
C ALA B 571 24.85 1.02 0.01
N ILE B 572 24.10 0.12 -0.71
CA ILE B 572 23.78 -1.21 -0.24
C ILE B 572 25.09 -1.98 -0.04
N GLU B 573 25.95 -1.98 -1.08
CA GLU B 573 27.21 -2.73 -1.08
C GLU B 573 28.05 -2.33 0.10
N ARG B 574 28.23 -1.01 0.30
CA ARG B 574 29.03 -0.45 1.38
C ARG B 574 28.45 -0.85 2.71
N CYS B 575 27.14 -0.66 2.92
CA CYS B 575 26.51 -1.02 4.21
C CYS B 575 26.52 -2.53 4.50
N TRP B 576 26.35 -3.38 3.47
CA TRP B 576 26.35 -4.84 3.62
C TRP B 576 27.74 -5.31 3.97
N TRP B 577 28.78 -4.69 3.36
CA TRP B 577 30.17 -4.92 3.69
C TRP B 577 30.43 -4.60 5.17
N ASN B 578 29.96 -3.43 5.64
CA ASN B 578 30.09 -3.03 7.05
C ASN B 578 29.42 -4.01 8.01
N ALA B 579 28.23 -4.52 7.65
CA ALA B 579 27.47 -5.42 8.50
C ALA B 579 27.84 -6.90 8.44
N PHE B 580 28.16 -7.42 7.25
CA PHE B 580 28.44 -8.85 7.10
C PHE B 580 29.90 -9.20 6.73
N GLY B 581 30.67 -8.22 6.25
CA GLY B 581 32.00 -8.44 5.74
C GLY B 581 31.94 -9.29 4.47
N GLU B 582 30.94 -9.03 3.64
CA GLU B 582 30.67 -9.82 2.43
C GLU B 582 30.18 -8.87 1.36
N SER B 583 30.32 -9.30 0.08
CA SER B 583 29.81 -8.54 -1.06
C SER B 583 28.33 -8.88 -1.29
N TYR B 584 27.43 -7.89 -1.17
CA TYR B 584 26.01 -8.13 -1.42
C TYR B 584 25.81 -8.57 -2.86
N ARG B 585 26.51 -7.91 -3.81
CA ARG B 585 26.43 -8.24 -5.23
C ARG B 585 26.81 -9.71 -5.49
N ALA B 586 27.92 -10.17 -4.90
CA ALA B 586 28.36 -11.56 -5.08
C ALA B 586 27.36 -12.55 -4.48
N TYR B 587 26.81 -12.19 -3.30
CA TYR B 587 25.81 -12.97 -2.59
C TYR B 587 24.60 -13.16 -3.50
N ARG B 588 24.11 -12.07 -4.14
CA ARG B 588 22.97 -12.10 -5.04
C ARG B 588 23.27 -12.81 -6.34
N GLU B 589 24.53 -12.72 -6.83
CA GLU B 589 24.92 -13.44 -8.05
C GLU B 589 24.90 -14.95 -7.80
N ASP B 590 25.33 -15.40 -6.61
CA ASP B 590 25.27 -16.82 -6.27
C ASP B 590 23.82 -17.28 -6.18
N MET B 591 22.94 -16.47 -5.52
CA MET B 591 21.50 -16.76 -5.37
C MET B 591 20.84 -16.83 -6.75
N LEU B 592 21.22 -15.93 -7.69
CA LEU B 592 20.72 -15.91 -9.08
C LEU B 592 21.10 -17.23 -9.77
N LYS B 593 22.39 -17.66 -9.65
CA LYS B 593 22.87 -18.93 -10.21
C LYS B 593 22.08 -20.11 -9.66
N ARG B 594 21.92 -20.20 -8.31
CA ARG B 594 21.20 -21.32 -7.69
C ARG B 594 19.75 -21.41 -8.16
N ASP B 595 19.04 -20.26 -8.14
CA ASP B 595 17.63 -20.19 -8.55
C ASP B 595 17.40 -20.44 -10.04
N THR B 596 18.34 -20.01 -10.93
CA THR B 596 18.29 -20.26 -12.37
C THR B 596 18.34 -21.78 -12.63
N LEU B 597 19.25 -22.48 -11.91
CA LEU B 597 19.43 -23.93 -12.02
C LEU B 597 18.19 -24.66 -11.56
N GLU B 598 17.64 -24.23 -10.43
CA GLU B 598 16.44 -24.82 -9.82
C GLU B 598 15.23 -24.64 -10.74
N LEU B 599 15.11 -23.44 -11.39
CA LEU B 599 14.00 -23.12 -12.30
C LEU B 599 13.82 -24.14 -13.46
N SER B 600 14.93 -24.61 -14.05
CA SER B 600 14.86 -25.56 -15.17
C SER B 600 14.09 -26.88 -14.81
N ARG B 601 14.06 -27.21 -13.50
CA ARG B 601 13.37 -28.39 -12.99
C ARG B 601 11.87 -28.22 -13.14
N TYR B 602 11.41 -26.96 -13.14
CA TYR B 602 10.00 -26.60 -13.20
C TYR B 602 9.44 -26.26 -14.59
N VAL B 603 10.33 -25.91 -15.55
CA VAL B 603 9.97 -25.51 -16.93
C VAL B 603 10.34 -26.62 -17.91
N ALA B 604 9.33 -27.25 -18.53
CA ALA B 604 9.50 -28.37 -19.49
C ALA B 604 10.39 -28.01 -20.70
N SER B 605 10.29 -26.75 -21.18
CA SER B 605 11.10 -26.25 -22.29
C SER B 605 12.58 -26.02 -21.89
N MET B 606 12.87 -25.92 -20.59
CA MET B 606 14.20 -25.69 -20.07
C MET B 606 14.95 -26.94 -19.78
N ALA B 607 16.10 -27.05 -20.43
CA ALA B 607 17.03 -28.15 -20.24
C ALA B 607 17.78 -27.91 -18.93
N ARG B 608 18.30 -29.00 -18.34
CA ARG B 608 19.08 -29.09 -17.09
C ARG B 608 19.97 -27.87 -16.70
N GLN B 609 20.41 -27.08 -17.69
CA GLN B 609 21.21 -25.86 -17.51
C GLN B 609 20.85 -24.71 -18.50
N ALA B 610 19.59 -24.66 -18.96
CA ALA B 610 19.15 -23.60 -19.84
C ALA B 610 19.14 -22.30 -18.99
N GLY B 611 19.64 -21.21 -19.55
CA GLY B 611 19.65 -19.92 -18.85
C GLY B 611 18.33 -19.19 -18.89
N LEU B 612 18.32 -17.92 -18.46
CA LEU B 612 17.09 -17.13 -18.49
C LEU B 612 16.90 -16.35 -19.81
N ALA B 613 17.53 -16.79 -20.90
CA ALA B 613 17.52 -16.11 -22.19
C ALA B 613 16.13 -15.80 -22.74
N GLU B 614 15.21 -16.78 -22.67
CA GLU B 614 13.87 -16.57 -23.21
C GLU B 614 12.89 -15.77 -22.29
N LEU B 615 13.27 -15.59 -21.01
CA LEU B 615 12.46 -14.92 -19.99
C LEU B 615 12.52 -13.41 -19.97
N THR B 616 11.35 -12.79 -19.78
CA THR B 616 11.20 -11.34 -19.76
C THR B 616 11.42 -10.84 -18.34
N PRO B 617 11.67 -9.54 -18.14
CA PRO B 617 11.80 -9.02 -16.76
C PRO B 617 10.52 -9.26 -15.93
N ILE B 618 9.32 -9.18 -16.54
CA ILE B 618 8.06 -9.46 -15.86
C ILE B 618 8.09 -10.90 -15.32
N ASP B 619 8.46 -11.86 -16.20
CA ASP B 619 8.57 -13.27 -15.85
C ASP B 619 9.43 -13.45 -14.61
N LEU B 620 10.58 -12.76 -14.56
CA LEU B 620 11.51 -12.86 -13.44
C LEU B 620 10.97 -12.26 -12.13
N GLU B 621 10.37 -11.06 -12.20
CA GLU B 621 9.77 -10.38 -11.04
C GLU B 621 8.63 -11.19 -10.40
N VAL B 622 7.84 -11.87 -11.27
CA VAL B 622 6.70 -12.71 -10.92
C VAL B 622 7.20 -14.01 -10.33
N LEU B 623 8.29 -14.58 -10.83
CA LEU B 623 8.78 -15.85 -10.27
C LEU B 623 9.34 -15.64 -8.87
N ALA B 624 9.90 -14.43 -8.61
CA ALA B 624 10.46 -14.04 -7.33
C ALA B 624 9.33 -13.61 -6.37
N ASP B 625 8.23 -13.04 -6.93
CA ASP B 625 7.07 -12.56 -6.17
C ASP B 625 5.75 -12.72 -6.96
N PRO B 626 5.10 -13.90 -6.93
CA PRO B 626 3.83 -14.05 -7.68
C PRO B 626 2.67 -13.16 -7.23
N ASN B 627 2.82 -12.48 -6.08
CA ASN B 627 1.83 -11.56 -5.55
C ASN B 627 1.71 -10.37 -6.51
N LYS B 628 2.73 -10.14 -7.34
CA LYS B 628 2.70 -9.08 -8.35
C LYS B 628 1.67 -9.41 -9.44
N LEU B 629 1.26 -10.70 -9.53
CA LEU B 629 0.26 -11.21 -10.45
C LEU B 629 -1.17 -10.92 -9.92
N GLN B 630 -1.27 -10.53 -8.64
CA GLN B 630 -2.53 -10.23 -7.93
C GLN B 630 -2.81 -8.72 -7.82
N TYR B 631 -1.83 -7.87 -8.15
CA TYR B 631 -2.06 -6.45 -8.00
C TYR B 631 -1.40 -5.61 -9.09
N LYS B 632 -0.37 -6.13 -9.73
CA LYS B 632 0.39 -5.36 -10.71
C LYS B 632 0.15 -5.80 -12.15
N TRP B 633 0.34 -7.09 -12.43
CA TRP B 633 0.18 -7.63 -13.77
C TRP B 633 -0.94 -8.65 -13.86
N THR B 634 -1.10 -9.22 -15.07
CA THR B 634 -2.09 -10.26 -15.36
C THR B 634 -1.43 -11.44 -16.10
N GLU B 635 -2.15 -12.56 -16.23
CA GLU B 635 -1.76 -13.78 -16.92
C GLU B 635 -1.13 -13.51 -18.30
N ALA B 636 -1.76 -12.65 -19.13
CA ALA B 636 -1.28 -12.36 -20.48
C ALA B 636 0.12 -11.72 -20.53
N ASP B 637 0.53 -11.06 -19.43
CA ASP B 637 1.81 -10.34 -19.31
C ASP B 637 2.99 -11.27 -19.06
N VAL B 638 2.69 -12.52 -18.73
CA VAL B 638 3.66 -13.56 -18.43
C VAL B 638 3.78 -14.57 -19.59
N SER B 639 5.02 -14.98 -19.91
CA SER B 639 5.32 -15.99 -20.92
C SER B 639 4.56 -17.25 -20.56
N ALA B 640 4.08 -17.98 -21.58
CA ALA B 640 3.27 -19.17 -21.42
C ALA B 640 3.92 -20.29 -20.62
N ASN B 641 5.20 -20.52 -20.87
CA ASN B 641 5.94 -21.56 -20.16
C ASN B 641 6.12 -21.22 -18.65
N ILE B 642 6.07 -19.94 -18.28
CA ILE B 642 6.20 -19.47 -16.91
C ILE B 642 4.85 -19.53 -16.18
N HIS B 643 3.78 -19.15 -16.88
CA HIS B 643 2.45 -19.17 -16.32
C HIS B 643 2.12 -20.58 -15.80
N GLU B 644 2.47 -21.60 -16.58
CA GLU B 644 2.27 -23.02 -16.22
C GLU B 644 3.04 -23.48 -14.95
N VAL B 645 4.13 -22.78 -14.56
CA VAL B 645 4.88 -23.07 -13.34
C VAL B 645 4.01 -22.72 -12.13
N LEU B 646 3.28 -21.58 -12.20
CA LEU B 646 2.50 -20.98 -11.13
C LEU B 646 1.05 -21.32 -11.05
N MET B 647 0.45 -21.70 -12.17
CA MET B 647 -0.98 -21.99 -12.30
C MET B 647 -1.25 -23.28 -13.00
N HIS B 648 -2.41 -23.85 -12.73
CA HIS B 648 -2.95 -25.01 -13.41
C HIS B 648 -4.42 -24.70 -13.75
N GLY B 649 -4.92 -25.23 -14.86
CA GLY B 649 -6.28 -24.97 -15.29
C GLY B 649 -7.22 -26.15 -15.43
N VAL B 650 -8.54 -25.85 -15.30
CA VAL B 650 -9.67 -26.75 -15.55
C VAL B 650 -9.87 -26.64 -17.06
N SER B 651 -10.20 -27.74 -17.78
CA SER B 651 -10.36 -27.71 -19.27
C SER B 651 -11.39 -26.70 -19.76
N VAL B 652 -11.11 -26.10 -20.93
CA VAL B 652 -12.00 -25.12 -21.60
C VAL B 652 -13.33 -25.80 -21.97
N GLU B 653 -13.34 -27.14 -22.10
CA GLU B 653 -14.55 -27.91 -22.42
C GLU B 653 -15.59 -27.78 -21.30
N LYS B 654 -15.12 -27.90 -20.03
CA LYS B 654 -15.97 -27.80 -18.84
C LYS B 654 -16.41 -26.34 -18.62
N THR B 655 -15.51 -25.36 -18.88
CA THR B 655 -15.84 -23.94 -18.65
C THR B 655 -16.73 -23.43 -19.78
N GLU B 656 -16.52 -23.89 -21.01
CA GLU B 656 -17.30 -23.51 -22.20
C GLU B 656 -18.78 -23.87 -21.99
N ARG B 657 -19.04 -25.10 -21.52
CA ARG B 657 -20.37 -25.61 -21.24
C ARG B 657 -20.99 -24.80 -20.08
N PHE B 658 -20.20 -24.50 -19.02
CA PHE B 658 -20.68 -23.75 -17.87
C PHE B 658 -21.08 -22.37 -18.31
N LEU B 659 -20.16 -21.70 -19.05
CA LEU B 659 -20.36 -20.34 -19.52
C LEU B 659 -21.58 -20.15 -20.39
N ARG B 660 -21.86 -21.14 -21.27
CA ARG B 660 -23.02 -21.14 -22.18
C ARG B 660 -24.32 -21.04 -21.36
N SER B 661 -24.37 -21.76 -20.22
CA SER B 661 -25.55 -21.77 -19.34
C SER B 661 -25.76 -20.49 -18.50
N VAL B 662 -24.71 -19.65 -18.36
CA VAL B 662 -24.71 -18.43 -17.52
C VAL B 662 -25.14 -17.22 -18.31
N MET B 663 -24.47 -17.05 -19.43
CA MET B 663 -24.57 -15.92 -20.31
C MET B 663 -25.85 -15.81 -21.08
N PRO B 664 -26.21 -14.55 -21.47
CA PRO B 664 -27.44 -14.36 -22.27
C PRO B 664 -27.31 -14.94 -23.67
N ARG B 665 -26.17 -14.63 -24.36
CA ARG B 665 -25.72 -15.07 -25.71
C ARG B 665 -24.15 -14.92 -25.84
N PRO C 2 55.98 -25.37 32.91
CA PRO C 2 57.21 -25.03 33.64
C PRO C 2 57.94 -23.82 33.04
N ARG C 3 57.45 -23.37 31.87
CA ARG C 3 57.91 -22.26 31.03
C ARG C 3 56.79 -22.05 29.95
N ARG C 4 55.78 -21.22 30.32
CA ARG C 4 54.68 -20.92 29.43
C ARG C 4 55.25 -20.25 28.21
N ALA C 5 54.64 -20.46 27.06
CA ALA C 5 55.08 -19.84 25.81
C ALA C 5 54.65 -18.37 25.86
N PRO C 6 55.46 -17.41 25.38
CA PRO C 6 54.98 -16.03 25.36
C PRO C 6 53.82 -15.90 24.36
N ALA C 7 52.84 -15.05 24.65
CA ALA C 7 51.72 -14.83 23.75
C ALA C 7 51.53 -13.34 23.55
N PHE C 8 51.25 -12.89 22.31
CA PHE C 8 51.10 -11.46 21.99
C PHE C 8 49.81 -11.19 21.23
N PRO C 9 49.01 -10.18 21.63
CA PRO C 9 47.80 -9.85 20.87
C PRO C 9 48.16 -9.20 19.52
N LEU C 10 47.18 -9.18 18.58
CA LEU C 10 47.44 -8.60 17.26
C LEU C 10 47.96 -7.14 17.34
N SER C 11 47.43 -6.35 18.30
CA SER C 11 47.86 -4.97 18.49
C SER C 11 49.36 -4.85 18.80
N ASP C 12 50.03 -5.91 19.36
CA ASP C 12 51.46 -5.85 19.72
C ASP C 12 52.33 -5.75 18.48
N ILE C 13 53.47 -5.04 18.60
CA ILE C 13 54.43 -4.90 17.50
C ILE C 13 54.92 -6.23 16.96
N LYS C 14 55.13 -7.22 17.84
CA LYS C 14 55.60 -8.56 17.43
C LYS C 14 54.63 -9.27 16.46
N ALA C 15 53.30 -9.00 16.64
CA ALA C 15 52.28 -9.58 15.79
C ALA C 15 52.14 -8.69 14.56
N GLN C 16 52.22 -7.35 14.74
CA GLN C 16 52.08 -6.43 13.61
C GLN C 16 53.14 -6.65 12.52
N MET C 17 54.37 -7.00 12.96
CA MET C 17 55.49 -7.26 12.09
C MET C 17 55.28 -8.51 11.21
N LEU C 18 54.21 -9.27 11.45
CA LEU C 18 53.94 -10.47 10.64
C LEU C 18 53.11 -10.18 9.40
N PHE C 19 52.51 -8.98 9.36
CA PHE C 19 51.61 -8.60 8.26
C PHE C 19 52.13 -7.39 7.53
N ALA C 20 52.40 -7.55 6.23
CA ALA C 20 52.90 -6.47 5.39
C ALA C 20 51.87 -5.32 5.19
N ASN C 21 52.40 -4.11 4.84
CA ASN C 21 51.60 -2.90 4.61
C ASN C 21 50.81 -2.95 3.30
N ASN C 22 49.90 -3.92 3.21
CA ASN C 22 48.99 -4.15 2.09
C ASN C 22 47.62 -4.66 2.64
N ILE C 23 46.54 -4.49 1.86
CA ILE C 23 45.19 -4.83 2.25
C ILE C 23 45.05 -6.29 2.64
N LYS C 24 45.54 -7.14 1.78
CA LYS C 24 45.35 -8.57 1.86
C LYS C 24 46.05 -9.21 3.12
N ALA C 25 47.23 -8.69 3.49
CA ALA C 25 48.03 -9.04 4.66
C ALA C 25 47.33 -8.50 5.90
N GLN C 26 46.78 -7.30 5.83
CA GLN C 26 46.05 -6.73 6.97
C GLN C 26 44.74 -7.43 7.25
N GLN C 27 44.00 -7.85 6.20
CA GLN C 27 42.70 -8.53 6.30
C GLN C 27 42.87 -9.91 6.85
N ALA C 28 44.05 -10.50 6.57
CA ALA C 28 44.44 -11.82 7.00
C ALA C 28 44.61 -11.85 8.52
N SER C 29 45.26 -10.83 9.11
CA SER C 29 45.50 -10.69 10.55
C SER C 29 44.17 -10.56 11.28
N LYS C 30 43.32 -9.63 10.79
CA LYS C 30 42.03 -9.27 11.33
C LYS C 30 40.89 -10.26 11.09
N ARG C 31 41.02 -11.18 10.10
CA ARG C 31 40.01 -12.21 9.73
C ARG C 31 39.28 -12.82 10.93
N SER C 32 37.95 -12.72 10.96
CA SER C 32 37.08 -13.22 12.02
C SER C 32 36.47 -14.61 11.71
N PHE C 33 35.91 -15.26 12.76
CA PHE C 33 35.24 -16.57 12.65
C PHE C 33 34.07 -16.39 11.65
N LYS C 34 34.00 -17.28 10.66
CA LYS C 34 33.03 -17.34 9.57
C LYS C 34 32.45 -18.80 9.52
N GLU C 35 31.16 -18.91 9.17
CA GLU C 35 30.42 -20.17 9.00
C GLU C 35 29.24 -19.97 8.06
N GLY C 36 28.86 -21.04 7.38
CA GLY C 36 27.79 -21.02 6.39
C GLY C 36 27.81 -22.25 5.53
N ALA C 37 26.63 -22.63 5.03
CA ALA C 37 26.47 -23.83 4.20
C ALA C 37 27.38 -23.78 3.01
N ILE C 38 28.06 -24.90 2.70
CA ILE C 38 28.89 -24.98 1.50
C ILE C 38 28.03 -25.26 0.23
N GLU C 39 28.50 -24.78 -0.96
CA GLU C 39 27.83 -25.09 -2.22
C GLU C 39 28.38 -26.50 -2.59
N THR C 40 27.70 -27.55 -2.09
CA THR C 40 28.11 -28.93 -2.31
C THR C 40 28.41 -29.16 -3.81
N TYR C 41 27.47 -28.72 -4.68
CA TYR C 41 27.50 -28.72 -6.14
C TYR C 41 26.83 -27.42 -6.57
N GLU C 42 27.08 -26.96 -7.82
CA GLU C 42 26.46 -25.77 -8.35
C GLU C 42 24.92 -25.81 -8.10
N GLY C 43 24.44 -24.78 -7.44
CA GLY C 43 23.02 -24.64 -7.16
C GLY C 43 22.52 -25.44 -5.98
N LEU C 44 23.40 -26.24 -5.29
CA LEU C 44 23.00 -27.07 -4.15
C LEU C 44 23.78 -26.79 -2.85
N LEU C 45 23.06 -26.31 -1.81
CA LEU C 45 23.63 -26.07 -0.48
C LEU C 45 23.63 -27.34 0.36
N SER C 46 24.69 -27.51 1.18
CA SER C 46 24.85 -28.67 2.08
C SER C 46 23.67 -28.88 3.03
N VAL C 47 22.95 -27.82 3.34
CA VAL C 47 21.80 -27.78 4.25
C VAL C 47 20.42 -27.77 3.54
N ASP C 48 20.41 -27.91 2.18
CA ASP C 48 19.17 -28.02 1.41
C ASP C 48 18.30 -29.17 2.02
N PRO C 49 17.00 -28.92 2.35
CA PRO C 49 16.19 -29.95 2.99
C PRO C 49 16.08 -31.25 2.22
N ARG C 50 16.12 -31.18 0.86
CA ARG C 50 16.04 -32.39 0.04
C ARG C 50 17.30 -33.23 0.23
N PHE C 51 18.48 -32.55 0.26
CA PHE C 51 19.78 -33.15 0.44
C PHE C 51 19.92 -33.84 1.81
N LEU C 52 19.46 -33.12 2.89
CA LEU C 52 19.52 -33.71 4.23
C LEU C 52 18.55 -34.90 4.37
N SER C 53 17.39 -34.83 3.67
CA SER C 53 16.44 -35.96 3.66
C SER C 53 17.11 -37.20 3.01
N PHE C 54 17.84 -36.94 1.87
CA PHE C 54 18.58 -37.92 1.10
C PHE C 54 19.63 -38.57 1.98
N LYS C 55 20.41 -37.73 2.68
CA LYS C 55 21.49 -38.21 3.56
C LYS C 55 20.93 -39.05 4.69
N ASN C 56 19.80 -38.61 5.29
CA ASN C 56 19.16 -39.38 6.36
C ASN C 56 18.72 -40.78 5.86
N GLU C 57 18.06 -40.84 4.69
CA GLU C 57 17.58 -42.11 4.15
C GLU C 57 18.75 -42.98 3.74
N LEU C 58 19.70 -42.42 3.02
CA LEU C 58 20.84 -43.19 2.51
C LEU C 58 21.76 -43.75 3.60
N SER C 59 22.13 -42.93 4.64
CA SER C 59 22.95 -43.38 5.78
C SER C 59 22.26 -44.50 6.56
N ARG C 60 20.93 -44.38 6.78
CA ARG C 60 20.14 -45.35 7.53
C ARG C 60 20.03 -46.65 6.82
N TYR C 61 19.64 -46.62 5.53
CA TYR C 61 19.44 -47.81 4.71
C TYR C 61 20.73 -48.61 4.52
N LEU C 62 21.83 -47.92 4.18
CA LEU C 62 23.13 -48.54 3.99
C LEU C 62 23.65 -49.24 5.29
N THR C 63 23.54 -48.55 6.47
CA THR C 63 23.98 -49.11 7.74
C THR C 63 23.17 -50.37 8.03
N ASP C 64 21.86 -50.29 7.81
CA ASP C 64 20.93 -51.39 7.99
C ASP C 64 21.26 -52.63 7.15
N HIS C 65 21.34 -52.47 5.83
CA HIS C 65 21.61 -53.55 4.90
C HIS C 65 23.07 -53.96 4.78
N PHE C 66 24.01 -53.08 5.13
CA PHE C 66 25.41 -53.39 5.01
C PHE C 66 26.17 -53.19 6.31
N PRO C 67 25.96 -54.12 7.25
CA PRO C 67 26.68 -54.02 8.54
C PRO C 67 28.15 -54.28 8.33
N ALA C 68 29.01 -53.70 9.19
CA ALA C 68 30.46 -53.86 9.09
C ALA C 68 30.88 -55.34 9.13
N ASN C 69 31.83 -55.73 8.26
CA ASN C 69 32.33 -57.11 8.26
C ASN C 69 33.79 -57.03 8.60
N VAL C 70 34.04 -56.84 9.91
CA VAL C 70 35.36 -56.74 10.52
C VAL C 70 35.56 -57.75 11.70
N ASP C 71 36.43 -58.75 11.47
CA ASP C 71 36.71 -59.73 12.52
C ASP C 71 37.49 -59.14 13.71
N GLU C 72 37.75 -60.00 14.73
CA GLU C 72 38.41 -59.67 16.01
C GLU C 72 39.81 -59.10 15.82
N TYR C 73 40.42 -59.35 14.65
CA TYR C 73 41.77 -58.91 14.31
C TYR C 73 41.79 -57.74 13.30
N GLY C 74 40.71 -56.95 13.31
CA GLY C 74 40.53 -55.77 12.45
C GLY C 74 40.53 -56.07 10.96
N ARG C 75 40.55 -57.35 10.55
CA ARG C 75 40.56 -57.77 9.16
C ARG C 75 39.20 -57.51 8.58
N VAL C 76 39.15 -56.93 7.40
CA VAL C 76 37.87 -56.74 6.80
C VAL C 76 37.65 -57.86 5.81
N TYR C 77 36.42 -58.37 5.79
CA TYR C 77 36.01 -59.46 4.93
C TYR C 77 34.63 -59.13 4.29
N GLY C 78 34.04 -60.13 3.62
CA GLY C 78 32.71 -60.08 3.03
C GLY C 78 32.38 -58.87 2.22
N ASN C 79 31.45 -58.02 2.74
CA ASN C 79 30.92 -56.85 2.05
C ASN C 79 31.88 -55.68 1.86
N GLY C 80 33.04 -55.74 2.52
CA GLY C 80 34.08 -54.70 2.46
C GLY C 80 33.72 -53.46 3.24
N VAL C 81 32.77 -53.58 4.20
CA VAL C 81 32.33 -52.46 5.03
C VAL C 81 33.00 -52.55 6.38
N ARG C 82 33.57 -51.42 6.86
CA ARG C 82 34.25 -51.36 8.15
C ARG C 82 33.54 -50.62 9.28
N THR C 83 32.57 -49.74 8.95
CA THR C 83 31.76 -49.03 9.94
C THR C 83 30.35 -48.67 9.44
N ASN C 84 29.59 -47.90 10.25
CA ASN C 84 28.26 -47.42 9.86
C ASN C 84 28.42 -46.31 8.78
N PHE C 85 27.29 -45.88 8.20
CA PHE C 85 27.35 -44.89 7.14
C PHE C 85 26.88 -43.50 7.62
N PHE C 86 26.76 -43.33 8.96
CA PHE C 86 26.31 -42.10 9.62
C PHE C 86 27.30 -40.92 9.59
N GLY C 87 28.54 -41.14 9.15
CA GLY C 87 29.53 -40.06 9.04
C GLY C 87 29.12 -38.90 8.13
N MET C 88 28.22 -39.19 7.18
CA MET C 88 27.69 -38.19 6.25
C MET C 88 26.71 -37.22 6.89
N ARG C 89 26.29 -37.48 8.13
CA ARG C 89 25.27 -36.68 8.80
C ARG C 89 25.79 -35.39 9.45
N HIS C 90 26.40 -34.50 8.66
CA HIS C 90 26.89 -33.21 9.13
C HIS C 90 26.38 -32.03 8.29
N MET C 91 26.27 -30.90 8.96
CA MET C 91 25.83 -29.61 8.40
C MET C 91 27.12 -28.97 7.86
N ASN C 92 27.60 -29.45 6.68
CA ASN C 92 28.87 -29.03 6.07
C ASN C 92 28.94 -27.54 5.90
N GLY C 93 29.99 -26.94 6.49
CA GLY C 93 30.18 -25.50 6.48
C GLY C 93 29.95 -24.85 7.82
N PHE C 94 29.31 -25.60 8.76
CA PHE C 94 29.06 -25.19 10.16
C PHE C 94 29.97 -26.01 11.09
N PRO C 95 31.00 -25.35 11.69
CA PRO C 95 31.96 -26.08 12.51
C PRO C 95 31.57 -26.32 13.95
N MET C 96 32.23 -27.30 14.56
CA MET C 96 32.11 -27.52 15.98
C MET C 96 32.71 -26.23 16.66
N ILE C 97 32.25 -25.88 17.83
CA ILE C 97 32.73 -24.71 18.53
C ILE C 97 33.18 -25.12 19.93
N PRO C 98 34.42 -24.78 20.33
CA PRO C 98 35.44 -24.04 19.57
C PRO C 98 36.41 -25.03 18.87
N ALA C 99 37.30 -24.51 18.05
CA ALA C 99 38.31 -25.36 17.45
C ALA C 99 39.46 -25.29 18.45
N THR C 100 40.43 -26.20 18.37
CA THR C 100 41.54 -26.19 19.33
C THR C 100 42.53 -25.03 19.15
N TRP C 101 43.15 -24.64 20.25
CA TRP C 101 44.27 -23.72 20.22
C TRP C 101 45.49 -24.69 20.04
N PRO C 102 46.42 -24.42 19.12
CA PRO C 102 47.52 -25.37 18.93
C PRO C 102 48.47 -25.34 20.11
N LEU C 103 48.88 -26.51 20.60
CA LEU C 103 49.78 -26.64 21.72
C LEU C 103 51.12 -26.06 21.33
N ALA C 104 51.66 -25.17 22.19
CA ALA C 104 52.95 -24.54 21.98
C ALA C 104 54.09 -25.51 22.20
N SER C 105 53.92 -26.47 23.12
CA SER C 105 54.93 -27.47 23.49
C SER C 105 54.26 -28.79 23.71
N ASN C 106 54.80 -29.84 23.08
CA ASN C 106 54.22 -31.18 23.23
C ASN C 106 55.00 -32.05 24.20
N LEU C 107 56.05 -31.49 24.83
CA LEU C 107 56.94 -32.19 25.73
C LEU C 107 56.25 -32.93 26.84
N LYS C 108 55.34 -32.25 27.55
CA LYS C 108 54.56 -32.84 28.66
C LYS C 108 53.58 -33.89 28.12
N LYS C 109 52.87 -33.57 27.02
CA LYS C 109 51.93 -34.50 26.41
C LYS C 109 52.64 -35.87 26.13
N ARG C 110 53.86 -35.83 25.54
CA ARG C 110 54.66 -37.02 25.20
C ARG C 110 55.07 -37.80 26.44
N ALA C 111 55.67 -37.10 27.41
CA ALA C 111 56.13 -37.65 28.66
C ALA C 111 54.96 -38.31 29.43
N ASP C 112 53.81 -37.62 29.51
CA ASP C 112 52.61 -38.16 30.17
C ASP C 112 52.01 -39.39 29.47
N ALA C 113 52.27 -39.56 28.16
CA ALA C 113 51.77 -40.69 27.37
C ALA C 113 52.82 -41.80 27.39
N ASP C 114 53.88 -41.61 28.21
CA ASP C 114 55.00 -42.55 28.38
C ASP C 114 55.78 -42.82 27.09
N LEU C 115 56.01 -41.72 26.31
CA LEU C 115 56.77 -41.76 25.06
C LEU C 115 58.19 -41.16 25.31
N ALA C 116 59.23 -41.78 24.66
CA ALA C 116 60.63 -41.40 24.85
C ALA C 116 61.02 -39.96 24.44
N ASP C 117 62.01 -39.38 25.13
CA ASP C 117 62.55 -38.04 24.87
C ASP C 117 63.86 -38.06 24.04
N GLY C 118 64.09 -39.21 23.41
CA GLY C 118 65.22 -39.47 22.53
C GLY C 118 65.23 -40.92 22.11
N PRO C 119 66.15 -41.34 21.22
CA PRO C 119 66.22 -42.76 20.83
C PRO C 119 66.54 -43.56 22.08
N VAL C 120 65.86 -44.70 22.31
CA VAL C 120 66.05 -45.46 23.54
C VAL C 120 67.36 -46.22 23.64
N SER C 121 67.82 -46.73 22.48
CA SER C 121 69.05 -47.51 22.39
C SER C 121 69.94 -46.97 21.27
N GLU C 122 71.23 -47.37 21.27
CA GLU C 122 72.16 -46.94 20.23
C GLU C 122 71.74 -47.46 18.86
N ARG C 123 71.12 -48.66 18.81
CA ARG C 123 70.61 -49.23 17.57
C ARG C 123 69.63 -48.24 16.93
N ASP C 124 68.62 -47.81 17.74
CA ASP C 124 67.62 -46.88 17.24
C ASP C 124 68.23 -45.57 16.76
N ASN C 125 69.24 -45.10 17.50
CA ASN C 125 69.94 -43.88 17.13
C ASN C 125 70.65 -44.05 15.77
N LEU C 126 71.23 -45.21 15.53
CA LEU C 126 71.86 -45.50 14.24
C LEU C 126 70.78 -45.60 13.12
N LEU C 127 69.61 -46.21 13.40
CA LEU C 127 68.56 -46.38 12.40
C LEU C 127 67.91 -45.06 11.98
N PHE C 128 67.66 -44.15 12.95
CA PHE C 128 67.10 -42.85 12.62
C PHE C 128 68.13 -42.06 11.83
N ARG C 129 69.42 -42.16 12.21
CA ARG C 129 70.50 -41.48 11.49
C ARG C 129 70.71 -42.07 10.10
N ALA C 130 70.51 -43.39 9.95
CA ALA C 130 70.66 -44.08 8.67
C ALA C 130 69.55 -43.65 7.73
N ALA C 131 68.32 -43.44 8.24
CA ALA C 131 67.19 -42.94 7.46
C ALA C 131 67.53 -41.60 6.86
N VAL C 132 68.16 -40.69 7.65
CA VAL C 132 68.62 -39.35 7.19
C VAL C 132 69.62 -39.54 6.05
N ARG C 133 70.63 -40.40 6.25
CA ARG C 133 71.69 -40.68 5.30
C ARG C 133 71.14 -41.24 4.00
N LEU C 134 70.25 -42.22 4.07
CA LEU C 134 69.65 -42.78 2.85
C LEU C 134 68.73 -41.79 2.12
N MET C 135 67.97 -40.97 2.86
CA MET C 135 67.02 -40.04 2.27
C MET C 135 67.68 -38.80 1.65
N PHE C 136 68.67 -38.19 2.30
CA PHE C 136 69.28 -36.92 1.90
C PHE C 136 70.57 -37.00 1.07
N SER C 137 70.88 -38.21 0.58
CA SER C 137 72.09 -38.56 -0.13
C SER C 137 72.37 -37.99 -1.50
N ASP C 138 72.14 -38.82 -2.53
CA ASP C 138 72.55 -38.47 -3.89
C ASP C 138 71.42 -37.84 -4.66
N LEU C 139 71.11 -36.58 -4.28
CA LEU C 139 69.94 -35.85 -4.80
C LEU C 139 70.16 -35.17 -6.12
N GLU C 140 69.14 -35.23 -6.99
CA GLU C 140 69.20 -34.57 -8.29
C GLU C 140 68.22 -33.39 -8.29
N PRO C 141 68.72 -32.20 -8.71
CA PRO C 141 67.85 -31.00 -8.73
C PRO C 141 66.69 -31.09 -9.72
N VAL C 142 65.55 -30.57 -9.30
CA VAL C 142 64.32 -30.52 -10.08
C VAL C 142 63.73 -29.10 -9.98
N PRO C 143 62.89 -28.64 -10.93
CA PRO C 143 62.28 -27.31 -10.74
C PRO C 143 61.43 -27.23 -9.45
N LEU C 144 61.45 -26.05 -8.78
CA LEU C 144 60.66 -25.82 -7.57
C LEU C 144 59.21 -25.59 -8.01
N LYS C 145 58.32 -26.57 -7.85
CA LYS C 145 56.91 -26.46 -8.26
C LYS C 145 56.07 -25.81 -7.16
N ILE C 146 55.24 -24.85 -7.55
CA ILE C 146 54.34 -24.02 -6.72
C ILE C 146 52.91 -24.28 -7.17
N ARG C 147 52.00 -24.54 -6.26
CA ARG C 147 50.61 -24.78 -6.56
C ARG C 147 49.94 -23.46 -6.97
N LYS C 148 49.03 -23.48 -7.96
CA LYS C 148 48.31 -22.29 -8.43
C LYS C 148 47.27 -21.85 -7.38
N GLY C 149 47.22 -20.54 -7.12
CA GLY C 149 46.26 -19.97 -6.17
C GLY C 149 46.62 -20.01 -4.70
N SER C 150 47.69 -20.70 -4.31
CA SER C 150 48.13 -20.83 -2.91
C SER C 150 48.70 -19.51 -2.36
N SER C 151 48.63 -19.31 -1.04
CA SER C 151 49.12 -18.07 -0.43
C SER C 151 50.58 -18.14 -0.06
N THR C 152 51.27 -16.97 -0.11
CA THR C 152 52.66 -16.90 0.34
C THR C 152 52.67 -16.73 1.86
N CYS C 153 51.48 -16.51 2.47
CA CYS C 153 51.29 -16.24 3.90
C CYS C 153 52.23 -15.23 4.43
N ILE C 154 52.68 -15.35 5.68
CA ILE C 154 53.52 -14.32 6.30
C ILE C 154 54.80 -13.88 5.53
N PRO C 155 54.98 -12.58 5.23
CA PRO C 155 54.13 -11.43 5.57
C PRO C 155 53.23 -10.89 4.48
N TYR C 156 53.44 -11.28 3.22
CA TYR C 156 52.73 -10.73 2.02
C TYR C 156 51.33 -11.23 1.71
N PHE C 157 51.04 -12.48 2.00
CA PHE C 157 49.72 -13.03 1.75
C PHE C 157 49.28 -12.99 0.27
N SER C 158 50.27 -13.01 -0.66
CA SER C 158 50.03 -12.98 -2.10
C SER C 158 49.52 -14.32 -2.64
N ASN C 159 48.66 -14.30 -3.66
CA ASN C 159 48.11 -15.47 -4.35
C ASN C 159 48.49 -15.40 -5.86
N ASP C 160 49.25 -14.32 -6.23
CA ASP C 160 49.75 -14.05 -7.57
C ASP C 160 50.97 -14.90 -7.87
N MET C 161 50.88 -15.71 -8.97
CA MET C 161 51.94 -16.61 -9.42
C MET C 161 53.25 -15.90 -9.68
N GLY C 162 53.17 -14.72 -10.28
CA GLY C 162 54.34 -13.93 -10.62
C GLY C 162 55.11 -13.52 -9.40
N THR C 163 54.38 -13.03 -8.38
CA THR C 163 54.91 -12.61 -7.08
C THR C 163 55.52 -13.85 -6.38
N LYS C 164 54.80 -14.99 -6.37
CA LYS C 164 55.25 -16.23 -5.75
C LYS C 164 56.59 -16.67 -6.40
N ILE C 165 56.70 -16.62 -7.77
CA ILE C 165 57.94 -16.97 -8.48
C ILE C 165 59.09 -16.06 -8.05
N GLU C 166 58.88 -14.73 -8.04
CA GLU C 166 59.85 -13.71 -7.58
C GLU C 166 60.32 -14.01 -6.15
N ILE C 167 59.35 -14.23 -5.22
CA ILE C 167 59.60 -14.55 -3.81
C ILE C 167 60.52 -15.77 -3.64
N ALA C 168 60.16 -16.86 -4.34
CA ALA C 168 60.93 -18.12 -4.33
C ALA C 168 62.32 -17.91 -4.89
N GLU C 169 62.44 -17.28 -6.08
CA GLU C 169 63.76 -17.04 -6.69
C GLU C 169 64.69 -16.21 -5.77
N ARG C 170 64.12 -15.15 -5.18
CA ARG C 170 64.84 -14.26 -4.26
C ARG C 170 65.24 -15.04 -3.00
N ALA C 171 64.36 -15.98 -2.55
CA ALA C 171 64.64 -16.79 -1.38
C ALA C 171 65.83 -17.70 -1.62
N LEU C 172 65.89 -18.34 -2.81
CA LEU C 172 67.01 -19.21 -3.14
C LEU C 172 68.32 -18.42 -3.22
N GLU C 173 68.22 -17.13 -3.61
CA GLU C 173 69.36 -16.23 -3.70
C GLU C 173 69.85 -15.82 -2.32
N LYS C 174 68.94 -15.52 -1.39
CA LYS C 174 69.31 -14.99 -0.08
C LYS C 174 69.28 -15.96 1.12
N ALA C 175 68.94 -17.27 0.90
CA ALA C 175 68.83 -18.26 1.95
C ALA C 175 70.12 -18.38 2.79
N GLU C 176 71.28 -18.40 2.12
CA GLU C 176 72.59 -18.50 2.77
C GLU C 176 72.85 -17.31 3.73
N GLU C 177 72.55 -16.08 3.27
CA GLU C 177 72.73 -14.88 4.07
C GLU C 177 71.77 -14.89 5.28
N ALA C 178 70.51 -15.37 5.07
CA ALA C 178 69.51 -15.49 6.14
C ALA C 178 69.90 -16.53 7.16
N GLY C 179 70.25 -17.75 6.69
CA GLY C 179 70.66 -18.85 7.55
C GLY C 179 71.84 -18.45 8.41
N ASN C 180 72.79 -17.69 7.81
CA ASN C 180 73.96 -17.24 8.54
C ASN C 180 73.60 -16.25 9.64
N LEU C 181 72.58 -15.44 9.41
CA LEU C 181 72.09 -14.50 10.40
C LEU C 181 71.50 -15.26 11.61
N MET C 182 70.70 -16.31 11.32
CA MET C 182 70.08 -17.16 12.32
C MET C 182 71.17 -17.89 13.13
N LEU C 183 72.27 -18.30 12.47
CA LEU C 183 73.37 -18.97 13.19
C LEU C 183 73.99 -18.05 14.22
N GLN C 184 73.90 -16.72 14.00
CA GLN C 184 74.40 -15.67 14.88
C GLN C 184 73.33 -15.21 15.90
N GLY C 185 72.18 -15.87 15.87
CA GLY C 185 71.02 -15.55 16.72
C GLY C 185 70.27 -14.31 16.25
N LYS C 186 70.56 -13.82 15.02
CA LYS C 186 69.92 -12.63 14.46
C LYS C 186 68.65 -12.99 13.66
N PHE C 187 67.66 -13.60 14.35
CA PHE C 187 66.38 -14.01 13.72
C PHE C 187 65.58 -12.82 13.20
N ASP C 188 65.56 -11.73 13.97
CA ASP C 188 64.85 -10.52 13.58
C ASP C 188 65.40 -9.95 12.28
N ASP C 189 66.74 -9.91 12.14
CA ASP C 189 67.40 -9.43 10.94
C ASP C 189 67.07 -10.32 9.74
N ALA C 190 67.08 -11.66 9.91
CA ALA C 190 66.80 -12.62 8.85
C ALA C 190 65.35 -12.55 8.42
N TYR C 191 64.46 -12.13 9.31
CA TYR C 191 63.06 -11.95 8.95
C TYR C 191 62.88 -10.62 8.26
N GLN C 192 63.43 -9.55 8.85
CA GLN C 192 63.31 -8.19 8.33
C GLN C 192 63.85 -8.04 6.92
N LEU C 193 65.03 -8.62 6.67
CA LEU C 193 65.68 -8.53 5.38
C LEU C 193 65.16 -9.52 4.38
N HIS C 194 64.89 -10.76 4.81
CA HIS C 194 64.56 -11.81 3.87
C HIS C 194 63.22 -12.51 4.05
N GLN C 195 62.41 -12.03 5.02
CA GLN C 195 61.08 -12.56 5.34
C GLN C 195 61.13 -14.04 5.71
N MET C 196 62.32 -14.51 6.23
CA MET C 196 62.59 -15.89 6.63
C MET C 196 62.50 -15.93 8.17
N GLY C 197 61.36 -16.40 8.62
CA GLY C 197 61.03 -16.42 10.03
C GLY C 197 59.60 -15.97 10.24
N GLY C 198 59.35 -15.31 11.39
CA GLY C 198 58.04 -14.81 11.78
C GLY C 198 57.19 -15.88 12.45
N ALA C 199 56.23 -16.48 11.73
CA ALA C 199 55.33 -17.49 12.27
C ALA C 199 54.58 -18.22 11.19
N TYR C 200 53.86 -19.29 11.62
CA TYR C 200 52.92 -20.05 10.80
C TYR C 200 51.60 -19.34 10.99
N TYR C 201 50.79 -19.29 9.96
CA TYR C 201 49.48 -18.66 10.01
C TYR C 201 48.44 -19.78 10.13
N VAL C 202 47.77 -19.83 11.30
CA VAL C 202 46.80 -20.90 11.57
C VAL C 202 45.42 -20.66 10.96
N VAL C 203 44.99 -21.59 10.14
CA VAL C 203 43.64 -21.60 9.56
C VAL C 203 42.95 -22.89 10.02
N TYR C 204 41.62 -22.90 10.13
CA TYR C 204 40.90 -24.10 10.53
C TYR C 204 40.14 -24.67 9.37
N ARG C 205 40.49 -25.89 8.97
CA ARG C 205 39.90 -26.61 7.82
C ARG C 205 39.01 -27.78 8.27
N ALA C 206 37.86 -27.97 7.60
CA ALA C 206 36.89 -29.01 7.90
C ALA C 206 37.37 -30.44 7.68
N GLN C 207 36.79 -31.35 8.46
CA GLN C 207 36.91 -32.78 8.33
C GLN C 207 35.43 -33.10 8.35
N SER C 208 34.88 -32.99 7.12
CA SER C 208 33.49 -33.08 6.70
C SER C 208 32.71 -34.26 7.16
N THR C 209 33.42 -35.39 7.44
CA THR C 209 32.87 -36.62 7.99
C THR C 209 33.69 -37.04 9.20
N ASP C 210 33.01 -37.42 10.27
CA ASP C 210 33.58 -37.89 11.51
C ASP C 210 32.61 -38.94 12.07
N ALA C 211 33.04 -39.74 13.08
CA ALA C 211 32.22 -40.80 13.66
C ALA C 211 30.93 -40.34 14.27
N ILE C 212 29.86 -41.09 13.94
CA ILE C 212 28.51 -40.88 14.47
C ILE C 212 27.99 -42.29 14.74
N THR C 213 27.29 -42.49 15.87
CA THR C 213 26.72 -43.80 16.21
C THR C 213 25.23 -43.66 16.57
N LEU C 214 24.44 -44.72 16.35
CA LEU C 214 23.03 -44.68 16.69
C LEU C 214 22.85 -45.51 17.95
N ASP C 215 22.46 -44.87 19.09
CA ASP C 215 22.22 -45.58 20.35
C ASP C 215 20.91 -46.41 20.24
N PRO C 216 21.03 -47.77 20.25
CA PRO C 216 19.83 -48.59 20.09
C PRO C 216 18.79 -48.42 21.19
N LYS C 217 19.21 -48.17 22.44
CA LYS C 217 18.26 -47.96 23.52
C LYS C 217 17.42 -46.68 23.39
N THR C 218 18.09 -45.55 23.07
CA THR C 218 17.45 -44.24 22.93
C THR C 218 16.88 -43.94 21.52
N GLY C 219 17.53 -44.48 20.47
CA GLY C 219 17.19 -44.23 19.07
C GLY C 219 17.72 -42.87 18.62
N LYS C 220 18.61 -42.29 19.45
CA LYS C 220 19.26 -41.00 19.24
C LYS C 220 20.69 -41.15 18.75
N PHE C 221 21.10 -40.28 17.84
CA PHE C 221 22.45 -40.33 17.31
C PHE C 221 23.43 -39.63 18.26
N VAL C 222 24.66 -40.11 18.29
CA VAL C 222 25.71 -39.56 19.12
C VAL C 222 26.94 -39.27 18.23
N SER C 223 27.40 -38.02 18.24
CA SER C 223 28.62 -37.65 17.54
C SER C 223 29.85 -37.94 18.44
N LYS C 224 30.98 -38.37 17.82
CA LYS C 224 32.24 -38.62 18.51
C LYS C 224 32.76 -37.34 19.10
N ASP C 225 33.01 -37.31 20.43
CA ASP C 225 33.57 -36.15 21.15
C ASP C 225 34.97 -35.87 20.67
N ARG C 226 35.23 -34.59 20.31
CA ARG C 226 36.54 -34.14 19.86
C ARG C 226 37.14 -33.18 20.85
N MET C 227 38.24 -33.59 21.50
CA MET C 227 38.89 -32.80 22.57
C MET C 227 39.63 -31.63 22.06
N VAL C 228 39.36 -30.46 22.64
CA VAL C 228 40.01 -29.21 22.25
C VAL C 228 40.69 -28.54 23.44
N ALA C 229 41.81 -27.86 23.19
CA ALA C 229 42.56 -27.13 24.18
C ALA C 229 42.13 -25.69 24.13
N ASP C 230 41.93 -25.09 25.33
CA ASP C 230 41.66 -23.66 25.43
C ASP C 230 43.00 -22.92 25.33
N PHE C 231 42.98 -21.60 25.27
CA PHE C 231 44.24 -20.84 25.20
C PHE C 231 45.27 -21.19 26.32
N GLU C 232 44.80 -21.27 27.60
CA GLU C 232 45.66 -21.58 28.74
C GLU C 232 46.36 -22.92 28.58
N TYR C 233 45.60 -23.94 28.18
CA TYR C 233 46.16 -25.27 27.98
C TYR C 233 47.25 -25.27 26.89
N ALA C 234 46.99 -24.62 25.74
CA ALA C 234 47.89 -24.52 24.60
C ALA C 234 49.21 -23.81 24.96
N VAL C 235 49.11 -22.64 25.67
CA VAL C 235 50.30 -21.88 26.10
C VAL C 235 51.16 -22.59 27.18
N THR C 236 50.56 -23.37 28.04
CA THR C 236 51.24 -24.07 29.12
C THR C 236 51.58 -25.51 28.79
N GLY C 237 51.38 -25.92 27.54
CA GLY C 237 51.62 -27.32 27.14
C GLY C 237 50.81 -28.33 27.94
N GLY C 238 49.69 -27.85 28.49
CA GLY C 238 48.74 -28.65 29.25
C GLY C 238 48.91 -28.63 30.74
N GLU C 239 49.92 -27.85 31.24
CA GLU C 239 50.18 -27.66 32.68
C GLU C 239 48.97 -27.04 33.36
N GLN C 240 48.38 -26.01 32.72
CA GLN C 240 47.18 -25.31 33.20
C GLN C 240 46.08 -25.38 32.16
N GLY C 241 44.98 -24.72 32.40
CA GLY C 241 43.88 -24.68 31.44
C GLY C 241 43.15 -25.99 31.31
N SER C 242 42.28 -26.08 30.31
CA SER C 242 41.49 -27.28 30.13
C SER C 242 41.42 -27.82 28.71
N LEU C 243 41.26 -29.15 28.65
CA LEU C 243 41.08 -29.96 27.45
C LEU C 243 39.66 -30.49 27.59
N PHE C 244 38.77 -30.10 26.68
CA PHE C 244 37.36 -30.45 26.76
C PHE C 244 36.77 -30.78 25.42
N ALA C 245 35.58 -31.39 25.39
CA ALA C 245 34.91 -31.74 24.14
C ALA C 245 34.37 -30.48 23.47
N ALA C 246 34.62 -30.35 22.16
CA ALA C 246 34.07 -29.23 21.42
C ALA C 246 32.61 -29.54 21.15
N SER C 247 31.76 -28.49 21.02
CA SER C 247 30.33 -28.70 20.80
C SER C 247 29.94 -28.86 19.33
N LYS C 248 29.42 -30.07 18.97
CA LYS C 248 29.00 -30.43 17.62
C LYS C 248 27.49 -30.27 17.47
N ASP C 249 26.83 -29.75 18.53
CA ASP C 249 25.38 -29.60 18.56
C ASP C 249 25.00 -28.55 17.54
N ALA C 250 24.15 -28.95 16.56
CA ALA C 250 23.70 -28.13 15.45
C ALA C 250 22.41 -27.39 15.67
N SER C 251 21.78 -27.53 16.87
CA SER C 251 20.48 -26.90 17.22
C SER C 251 20.59 -25.41 17.07
N ARG C 252 21.78 -24.87 17.35
CA ARG C 252 22.08 -23.44 17.28
C ARG C 252 21.77 -22.80 15.96
N LEU C 253 21.89 -23.57 14.87
CA LEU C 253 21.63 -23.15 13.49
C LEU C 253 20.19 -22.77 13.27
N LYS C 254 19.25 -23.36 14.04
CA LYS C 254 17.84 -23.00 13.96
C LYS C 254 17.64 -21.61 14.54
N GLU C 255 18.14 -21.37 15.76
CA GLU C 255 18.07 -20.08 16.43
C GLU C 255 18.83 -18.97 15.72
N GLN C 256 20.09 -19.21 15.35
CA GLN C 256 20.93 -18.19 14.73
C GLN C 256 20.59 -17.86 13.27
N TYR C 257 20.22 -18.89 12.50
CA TYR C 257 20.10 -18.74 11.06
C TYR C 257 18.76 -19.13 10.47
N GLY C 258 17.89 -19.71 11.28
CA GLY C 258 16.61 -20.19 10.79
C GLY C 258 16.69 -21.42 9.90
N ILE C 259 17.75 -22.24 10.13
CA ILE C 259 18.01 -23.45 9.36
C ILE C 259 17.39 -24.62 10.10
N ASP C 260 16.51 -25.36 9.41
CA ASP C 260 15.92 -26.57 9.99
C ASP C 260 17.01 -27.67 10.03
N VAL C 261 17.28 -28.13 11.26
CA VAL C 261 18.28 -29.12 11.56
C VAL C 261 17.55 -30.44 11.81
N PRO C 262 17.64 -31.42 10.91
CA PRO C 262 16.97 -32.71 11.17
C PRO C 262 17.63 -33.42 12.35
N ASP C 263 16.96 -34.45 12.91
CA ASP C 263 17.52 -35.17 14.03
C ASP C 263 18.70 -35.97 13.56
N GLY C 264 19.74 -35.98 14.39
CA GLY C 264 20.98 -36.71 14.14
C GLY C 264 21.92 -36.11 13.10
N PHE C 265 21.87 -34.77 12.93
CA PHE C 265 22.78 -34.04 12.07
C PHE C 265 23.62 -33.10 12.95
N PHE C 266 24.94 -33.06 12.73
CA PHE C 266 25.87 -32.33 13.59
C PHE C 266 26.74 -31.33 12.90
N CYS C 267 27.40 -30.48 13.68
CA CYS C 267 28.43 -29.54 13.21
C CYS C 267 29.74 -30.34 12.92
N GLU C 268 30.50 -29.88 11.91
CA GLU C 268 31.72 -30.55 11.45
C GLU C 268 32.91 -30.48 12.38
N ARG C 269 33.73 -31.53 12.32
CA ARG C 269 35.00 -31.56 13.05
C ARG C 269 35.91 -30.53 12.35
N ARG C 270 36.64 -29.73 13.14
CA ARG C 270 37.53 -28.75 12.56
C ARG C 270 38.96 -29.04 12.96
N ARG C 271 39.86 -29.00 11.99
CA ARG C 271 41.27 -29.32 12.17
C ARG C 271 42.16 -28.11 11.90
N THR C 272 43.27 -27.97 12.64
CA THR C 272 44.21 -26.84 12.43
C THR C 272 45.02 -27.16 11.20
N ALA C 273 45.29 -26.14 10.43
CA ALA C 273 46.12 -26.20 9.21
C ALA C 273 46.99 -24.97 9.30
N MET C 274 48.27 -25.11 8.98
CA MET C 274 49.23 -24.00 9.14
C MET C 274 49.87 -23.62 7.84
N GLY C 275 49.89 -22.34 7.54
CA GLY C 275 50.56 -21.84 6.34
C GLY C 275 51.92 -21.29 6.67
N GLY C 276 52.94 -21.85 6.03
CA GLY C 276 54.29 -21.41 6.27
C GLY C 276 54.62 -20.10 5.60
N PRO C 277 55.63 -19.33 6.19
CA PRO C 277 56.12 -18.09 5.53
C PRO C 277 56.88 -18.55 4.27
N PHE C 278 56.35 -18.16 3.07
CA PHE C 278 56.89 -18.68 1.81
C PHE C 278 58.40 -18.54 1.53
N ALA C 279 58.99 -17.42 1.93
CA ALA C 279 60.42 -17.19 1.75
C ALA C 279 61.24 -18.27 2.51
N LEU C 280 60.74 -18.78 3.67
CA LEU C 280 61.44 -19.81 4.44
C LEU C 280 61.18 -21.19 3.84
N ASN C 281 59.98 -21.42 3.21
CA ASN C 281 59.61 -22.73 2.64
C ASN C 281 60.31 -22.98 1.37
N ALA C 282 60.48 -21.96 0.53
CA ALA C 282 61.11 -22.14 -0.79
C ALA C 282 62.47 -22.88 -0.68
N PRO C 283 63.47 -22.41 0.12
CA PRO C 283 64.74 -23.18 0.23
C PRO C 283 64.58 -24.61 0.73
N ILE C 284 63.56 -24.87 1.59
CA ILE C 284 63.28 -26.21 2.14
C ILE C 284 62.69 -27.11 1.07
N MET C 285 61.70 -26.58 0.31
CA MET C 285 61.04 -27.34 -0.76
C MET C 285 62.04 -27.75 -1.87
N ALA C 286 63.04 -26.86 -2.16
CA ALA C 286 64.09 -27.10 -3.13
C ALA C 286 64.96 -28.38 -2.79
N VAL C 287 64.93 -28.84 -1.54
CA VAL C 287 65.62 -30.05 -1.12
C VAL C 287 64.55 -31.17 -0.91
N ALA C 288 63.37 -30.83 -0.35
CA ALA C 288 62.31 -31.81 -0.10
C ALA C 288 61.83 -32.56 -1.36
N GLN C 289 61.66 -31.83 -2.49
CA GLN C 289 61.23 -32.49 -3.73
C GLN C 289 62.28 -33.50 -4.27
N PRO C 290 63.59 -33.13 -4.43
CA PRO C 290 64.60 -34.14 -4.77
C PRO C 290 64.59 -35.36 -3.83
N VAL C 291 64.37 -35.17 -2.49
CA VAL C 291 64.29 -36.28 -1.50
C VAL C 291 63.14 -37.23 -1.86
N ARG C 292 61.95 -36.66 -2.12
CA ARG C 292 60.75 -37.42 -2.51
C ARG C 292 61.00 -38.28 -3.72
N ASN C 293 61.65 -37.67 -4.74
CA ASN C 293 61.97 -38.35 -5.98
C ASN C 293 62.85 -39.54 -5.73
N LYS C 294 63.87 -39.40 -4.80
CA LYS C 294 64.77 -40.52 -4.43
C LYS C 294 64.00 -41.66 -3.75
N ILE C 295 63.27 -41.34 -2.67
CA ILE C 295 62.52 -42.34 -1.91
C ILE C 295 61.42 -43.02 -2.73
N TYR C 296 60.78 -42.30 -3.67
CA TYR C 296 59.70 -42.91 -4.48
C TYR C 296 60.25 -43.72 -5.64
N SER C 297 61.56 -43.57 -5.93
CA SER C 297 62.22 -44.33 -6.98
C SER C 297 63.03 -45.49 -6.33
N LYS C 298 64.21 -45.21 -5.70
CA LYS C 298 65.05 -46.22 -5.07
C LYS C 298 64.31 -47.03 -4.01
N TYR C 299 63.48 -46.34 -3.20
CA TYR C 299 62.76 -47.03 -2.14
C TYR C 299 61.26 -47.17 -2.40
N ALA C 300 60.88 -47.26 -3.71
CA ALA C 300 59.52 -47.39 -4.17
C ALA C 300 58.74 -48.53 -3.50
N TYR C 301 59.44 -49.62 -3.08
CA TYR C 301 58.75 -50.73 -2.43
C TYR C 301 58.00 -50.21 -1.19
N THR C 302 58.71 -49.54 -0.28
CA THR C 302 58.12 -49.08 0.96
C THR C 302 57.33 -47.77 0.80
N PHE C 303 57.79 -46.87 -0.10
CA PHE C 303 57.27 -45.50 -0.22
C PHE C 303 56.37 -45.06 -1.39
N HIS C 304 56.48 -45.72 -2.56
CA HIS C 304 55.69 -45.34 -3.73
C HIS C 304 54.44 -46.18 -3.96
N HIS C 305 53.28 -45.56 -3.65
CA HIS C 305 51.97 -46.20 -3.72
C HIS C 305 51.00 -45.52 -4.68
N THR C 306 50.51 -46.31 -5.65
CA THR C 306 49.62 -45.81 -6.71
C THR C 306 48.26 -46.50 -6.69
N THR C 307 48.13 -47.62 -7.40
CA THR C 307 46.85 -48.33 -7.56
C THR C 307 46.67 -49.43 -6.56
N ARG C 308 45.43 -49.95 -6.47
CA ARG C 308 45.09 -51.08 -5.61
C ARG C 308 45.89 -52.33 -5.99
N LEU C 309 46.21 -52.48 -7.30
CA LEU C 309 47.00 -53.61 -7.81
C LEU C 309 48.48 -53.46 -7.50
N ASN C 310 48.97 -52.22 -7.54
CA ASN C 310 50.36 -51.88 -7.18
C ASN C 310 50.65 -52.35 -5.73
N LYS C 311 49.68 -52.08 -4.81
CA LYS C 311 49.72 -52.44 -3.39
C LYS C 311 49.56 -53.96 -3.22
N GLU C 312 48.60 -54.54 -3.95
CA GLU C 312 48.26 -55.96 -3.91
C GLU C 312 49.44 -56.89 -4.24
N GLU C 313 50.22 -56.57 -5.29
CA GLU C 313 51.39 -57.34 -5.67
C GLU C 313 52.38 -57.51 -4.50
N LYS C 314 52.60 -56.45 -3.69
CA LYS C 314 53.54 -56.51 -2.55
C LYS C 314 53.01 -57.39 -1.40
N VAL C 315 51.77 -57.05 -0.94
CA VAL C 315 51.05 -57.68 0.18
C VAL C 315 50.78 -59.18 -0.05
N LYS C 316 50.45 -59.59 -1.30
CA LYS C 316 50.15 -60.98 -1.63
C LYS C 316 51.28 -61.94 -1.29
N GLU C 317 52.53 -61.46 -1.34
CA GLU C 317 53.74 -62.23 -1.04
C GLU C 317 54.03 -62.38 0.46
N TRP C 318 53.23 -61.72 1.32
CA TRP C 318 53.42 -61.76 2.76
C TRP C 318 52.67 -62.90 3.37
N SER C 319 53.23 -63.48 4.43
CA SER C 319 52.56 -64.54 5.19
C SER C 319 51.61 -63.86 6.24
N LEU C 320 51.98 -62.63 6.71
CA LEU C 320 51.19 -61.89 7.68
C LEU C 320 51.23 -60.44 7.31
N CYS C 321 50.10 -59.77 7.47
CA CYS C 321 49.92 -58.34 7.21
C CYS C 321 49.24 -57.66 8.42
N VAL C 322 49.92 -56.67 9.03
CA VAL C 322 49.43 -55.97 10.20
C VAL C 322 49.19 -54.48 9.83
N ALA C 323 47.92 -54.05 9.85
CA ALA C 323 47.55 -52.68 9.53
C ALA C 323 47.54 -51.83 10.83
N THR C 324 48.52 -50.94 10.97
CA THR C 324 48.68 -50.08 12.15
C THR C 324 47.98 -48.70 12.11
N ASP C 325 47.71 -48.21 13.32
CA ASP C 325 47.06 -46.94 13.62
C ASP C 325 47.92 -46.12 14.61
N VAL C 326 48.18 -44.85 14.31
CA VAL C 326 48.92 -43.93 15.18
C VAL C 326 47.97 -42.85 15.70
N SER C 327 48.04 -42.61 17.01
CA SER C 327 47.25 -41.57 17.63
C SER C 327 47.94 -40.20 17.46
N ASP C 328 47.15 -39.18 17.06
CA ASP C 328 47.53 -37.75 16.93
C ASP C 328 48.94 -37.58 16.43
N HIS C 329 49.23 -38.14 15.25
CA HIS C 329 50.54 -38.19 14.63
C HIS C 329 51.38 -36.90 14.67
N ASP C 330 50.83 -35.80 14.15
CA ASP C 330 51.50 -34.51 14.02
C ASP C 330 51.75 -33.79 15.34
N THR C 331 50.80 -33.89 16.30
CA THR C 331 50.96 -33.20 17.60
C THR C 331 51.95 -33.92 18.54
N PHE C 332 52.13 -35.22 18.34
CA PHE C 332 53.04 -36.05 19.09
C PHE C 332 54.45 -36.14 18.47
N TRP C 333 54.61 -35.70 17.18
CA TRP C 333 55.88 -35.74 16.47
C TRP C 333 56.97 -35.06 17.32
N PRO C 334 58.09 -35.79 17.60
CA PRO C 334 59.09 -35.26 18.55
C PRO C 334 60.13 -34.26 18.05
N GLY C 335 60.31 -33.17 18.80
CA GLY C 335 61.37 -32.20 18.52
C GLY C 335 62.75 -32.83 18.53
N TRP C 336 62.95 -33.95 19.32
CA TRP C 336 64.25 -34.60 19.36
C TRP C 336 64.61 -35.16 18.03
N LEU C 337 63.58 -35.52 17.22
CA LEU C 337 63.85 -36.02 15.86
C LEU C 337 64.32 -34.86 14.94
N ARG C 338 63.74 -33.65 15.08
CA ARG C 338 64.16 -32.46 14.33
C ARG C 338 65.66 -32.25 14.62
N ASP C 339 66.05 -32.30 15.91
CA ASP C 339 67.44 -32.06 16.30
C ASP C 339 68.39 -33.16 15.83
N LEU C 340 67.91 -34.42 15.82
CA LEU C 340 68.70 -35.54 15.37
C LEU C 340 68.94 -35.42 13.85
N ILE C 341 67.90 -35.03 13.10
CA ILE C 341 67.93 -34.87 11.63
C ILE C 341 68.95 -33.81 11.28
N CYS C 342 68.85 -32.67 11.96
CA CYS C 342 69.77 -31.54 11.79
C CYS C 342 71.23 -31.91 12.09
N ASP C 343 71.47 -32.60 13.23
CA ASP C 343 72.79 -33.08 13.60
C ASP C 343 73.37 -34.02 12.55
N GLU C 344 72.58 -35.01 12.06
CA GLU C 344 73.05 -35.91 11.02
C GLU C 344 73.31 -35.21 9.69
N LEU C 345 72.48 -34.19 9.31
CA LEU C 345 72.70 -33.44 8.06
C LEU C 345 73.98 -32.65 8.14
N LEU C 346 74.28 -32.13 9.33
CA LEU C 346 75.54 -31.42 9.53
C LEU C 346 76.73 -32.39 9.37
N ASN C 347 76.61 -33.63 9.92
CA ASN C 347 77.64 -34.68 9.82
C ASN C 347 77.85 -35.11 8.39
N MET C 348 76.77 -35.16 7.59
CA MET C 348 76.79 -35.54 6.17
C MET C 348 77.53 -34.50 5.33
N GLY C 349 77.64 -33.27 5.83
CA GLY C 349 78.29 -32.17 5.15
C GLY C 349 77.37 -31.14 4.53
N TYR C 350 76.07 -31.17 4.92
CA TYR C 350 75.08 -30.18 4.45
C TYR C 350 75.51 -28.78 4.95
N ALA C 351 75.23 -27.73 4.15
CA ALA C 351 75.53 -26.36 4.48
C ALA C 351 74.91 -26.00 5.81
N PRO C 352 75.74 -25.56 6.81
CA PRO C 352 75.18 -25.21 8.14
C PRO C 352 74.04 -24.18 8.10
N TRP C 353 74.12 -23.18 7.19
CA TRP C 353 73.10 -22.17 7.02
C TRP C 353 71.76 -22.77 6.62
N TRP C 354 71.77 -23.77 5.73
CA TRP C 354 70.55 -24.46 5.28
C TRP C 354 69.94 -25.27 6.42
N VAL C 355 70.80 -26.00 7.17
CA VAL C 355 70.35 -26.81 8.31
C VAL C 355 69.68 -25.91 9.37
N LYS C 356 70.24 -24.69 9.58
CA LYS C 356 69.65 -23.73 10.52
C LYS C 356 68.25 -23.28 10.07
N LEU C 357 68.07 -23.07 8.76
CA LEU C 357 66.80 -22.67 8.19
C LEU C 357 65.78 -23.76 8.43
N PHE C 358 66.19 -25.00 8.14
CA PHE C 358 65.38 -26.19 8.32
C PHE C 358 64.94 -26.40 9.77
N GLU C 359 65.90 -26.32 10.72
CA GLU C 359 65.68 -26.42 12.18
C GLU C 359 64.68 -25.34 12.58
N THR C 360 64.90 -24.10 12.16
CA THR C 360 64.07 -22.94 12.51
C THR C 360 62.65 -23.09 12.06
N SER C 361 62.42 -23.70 10.88
CA SER C 361 61.08 -23.93 10.36
C SER C 361 60.27 -24.87 11.26
N LEU C 362 60.97 -25.68 12.09
CA LEU C 362 60.31 -26.64 12.98
C LEU C 362 60.27 -26.19 14.46
N LYS C 363 60.61 -24.90 14.71
CA LYS C 363 60.61 -24.29 16.06
C LYS C 363 59.84 -22.99 16.04
N LEU C 364 59.26 -22.66 14.88
CA LEU C 364 58.63 -21.38 14.61
C LEU C 364 57.35 -21.10 15.41
N PRO C 365 57.17 -19.81 15.87
CA PRO C 365 55.91 -19.39 16.51
C PRO C 365 54.69 -19.62 15.62
N VAL C 366 53.46 -19.43 16.14
CA VAL C 366 52.21 -19.64 15.39
C VAL C 366 51.22 -18.53 15.65
N TYR C 367 50.64 -17.97 14.58
CA TYR C 367 49.63 -16.92 14.68
C TYR C 367 48.24 -17.56 14.62
N VAL C 368 47.48 -17.41 15.71
CA VAL C 368 46.16 -18.01 15.81
C VAL C 368 45.10 -17.09 15.28
N GLY C 369 44.39 -17.56 14.26
CA GLY C 369 43.33 -16.82 13.61
C GLY C 369 42.06 -16.73 14.43
N ALA C 370 41.03 -17.48 14.00
CA ALA C 370 39.74 -17.49 14.70
C ALA C 370 39.20 -18.91 15.02
N PRO C 371 39.55 -19.48 16.19
CA PRO C 371 39.02 -20.81 16.57
C PRO C 371 37.53 -20.84 16.84
N ALA C 372 37.00 -19.68 17.24
CA ALA C 372 35.59 -19.50 17.61
C ALA C 372 35.22 -18.02 17.55
N PRO C 373 33.93 -17.62 17.60
CA PRO C 373 33.61 -16.19 17.60
C PRO C 373 34.21 -15.53 18.83
N GLU C 374 34.69 -14.28 18.70
CA GLU C 374 35.31 -13.52 19.81
C GLU C 374 36.59 -14.17 20.46
N GLN C 375 37.31 -15.00 19.68
CA GLN C 375 38.55 -15.66 20.11
C GLN C 375 39.61 -15.64 19.01
N GLY C 376 40.87 -15.69 19.39
CA GLY C 376 41.98 -15.75 18.45
C GLY C 376 42.81 -14.50 18.32
N HIS C 377 43.40 -14.26 17.15
CA HIS C 377 44.18 -13.09 16.81
C HIS C 377 45.30 -12.85 17.80
N THR C 378 46.03 -13.91 18.06
CA THR C 378 47.11 -13.99 19.04
C THR C 378 48.27 -14.76 18.47
N LEU C 379 49.47 -14.22 18.70
CA LEU C 379 50.70 -14.88 18.28
C LEU C 379 51.19 -15.66 19.49
N LEU C 380 51.51 -16.96 19.30
CA LEU C 380 52.10 -17.83 20.36
C LEU C 380 53.55 -18.02 20.01
N GLY C 381 54.43 -17.67 20.92
CA GLY C 381 55.86 -17.76 20.69
C GLY C 381 56.44 -16.44 20.23
N ASP C 382 57.75 -16.23 20.52
CA ASP C 382 58.47 -15.00 20.19
C ASP C 382 59.30 -15.25 18.93
N PRO C 383 59.01 -14.56 17.81
CA PRO C 383 59.77 -14.80 16.60
C PRO C 383 61.24 -14.41 16.67
N SER C 384 61.63 -13.62 17.71
CA SER C 384 63.01 -13.17 17.94
C SER C 384 63.90 -14.33 18.36
N ASN C 385 63.30 -15.36 18.99
CA ASN C 385 64.00 -16.59 19.38
C ASN C 385 63.10 -17.79 19.22
N PRO C 386 62.96 -18.35 17.98
CA PRO C 386 62.06 -19.51 17.78
C PRO C 386 62.42 -20.68 18.72
N ASP C 387 61.44 -21.06 19.57
CA ASP C 387 61.62 -22.12 20.55
C ASP C 387 60.37 -22.99 20.81
N LEU C 388 59.36 -22.94 19.89
CA LEU C 388 58.15 -23.77 20.00
C LEU C 388 58.43 -25.29 19.75
N GLU C 389 57.57 -26.16 20.32
CA GLU C 389 57.60 -27.62 20.22
C GLU C 389 56.18 -28.10 19.85
N VAL C 390 55.61 -27.57 18.75
CA VAL C 390 54.24 -27.87 18.32
C VAL C 390 54.05 -29.30 17.76
N GLY C 391 55.15 -29.93 17.46
CA GLY C 391 55.17 -31.22 16.81
C GLY C 391 55.50 -30.96 15.36
N LEU C 392 54.70 -31.50 14.44
CA LEU C 392 54.93 -31.28 13.00
C LEU C 392 53.93 -30.24 12.46
N SER C 393 54.41 -29.08 11.91
CA SER C 393 53.55 -28.01 11.36
C SER C 393 53.14 -28.38 9.95
N SER C 394 51.84 -28.44 9.64
CA SER C 394 51.33 -28.86 8.34
C SER C 394 51.83 -28.07 7.11
N GLY C 395 52.26 -26.83 7.34
CA GLY C 395 52.73 -25.98 6.25
C GLY C 395 54.21 -25.89 6.09
N GLN C 396 54.98 -26.63 6.89
CA GLN C 396 56.44 -26.68 6.77
C GLN C 396 56.71 -27.38 5.41
N GLY C 397 57.81 -27.03 4.76
CA GLY C 397 58.09 -27.56 3.42
C GLY C 397 58.36 -29.06 3.21
N ALA C 398 58.62 -29.82 4.30
CA ALA C 398 58.98 -31.23 4.26
C ALA C 398 58.21 -32.08 5.25
N THR C 399 57.01 -31.65 5.66
CA THR C 399 56.27 -32.39 6.66
C THR C 399 56.12 -33.85 6.37
N ASP C 400 55.68 -34.21 5.12
CA ASP C 400 55.48 -35.61 4.73
C ASP C 400 56.75 -36.47 4.95
N LEU C 401 57.90 -35.87 4.71
CA LEU C 401 59.16 -36.54 4.91
C LEU C 401 59.50 -36.68 6.40
N MET C 402 59.07 -35.71 7.24
CA MET C 402 59.23 -35.79 8.70
C MET C 402 58.34 -36.90 9.37
N GLY C 403 57.12 -37.11 8.85
CA GLY C 403 56.23 -38.18 9.27
C GLY C 403 56.77 -39.51 8.79
N THR C 404 57.27 -39.52 7.55
CA THR C 404 57.86 -40.71 6.91
C THR C 404 59.13 -41.21 7.64
N LEU C 405 60.09 -40.29 7.94
CA LEU C 405 61.34 -40.58 8.66
C LEU C 405 60.96 -41.13 10.04
N LEU C 406 60.13 -40.41 10.82
CA LEU C 406 59.70 -40.94 12.11
C LEU C 406 59.08 -42.31 12.04
N MET C 407 57.94 -42.43 11.34
CA MET C 407 57.20 -43.70 11.26
C MET C 407 57.91 -44.88 10.63
N SER C 408 58.64 -44.68 9.55
CA SER C 408 59.27 -45.84 8.95
C SER C 408 60.24 -46.53 9.96
N ILE C 409 60.90 -45.72 10.81
CA ILE C 409 61.79 -46.29 11.78
C ILE C 409 61.02 -46.85 12.95
N THR C 410 60.03 -46.09 13.45
CA THR C 410 59.16 -46.49 14.55
C THR C 410 58.65 -47.89 14.33
N TYR C 411 58.03 -48.12 13.14
CA TYR C 411 57.49 -49.42 12.72
C TYR C 411 58.55 -50.47 12.58
N LEU C 412 59.72 -50.14 12.01
CA LEU C 412 60.78 -51.13 11.84
C LEU C 412 61.28 -51.59 13.21
N VAL C 413 61.44 -50.64 14.17
CA VAL C 413 61.88 -50.90 15.55
C VAL C 413 60.87 -51.79 16.27
N MET C 414 59.62 -51.66 15.94
CA MET C 414 58.54 -52.48 16.48
C MET C 414 58.73 -53.91 16.00
N GLN C 415 59.09 -54.11 14.72
CA GLN C 415 59.36 -55.45 14.17
C GLN C 415 60.66 -56.05 14.80
N LEU C 416 61.72 -55.21 14.89
CA LEU C 416 62.98 -55.64 15.48
C LEU C 416 62.73 -56.04 16.94
N ASP C 417 62.07 -55.20 17.74
CA ASP C 417 61.79 -55.50 19.15
C ASP C 417 60.94 -56.71 19.39
N HIS C 418 59.78 -56.80 18.76
CA HIS C 418 58.83 -57.87 19.05
C HIS C 418 58.89 -59.11 18.18
N THR C 419 59.64 -59.11 17.07
CA THR C 419 59.62 -60.25 16.16
C THR C 419 60.99 -60.68 15.64
N ALA C 420 61.96 -59.73 15.50
CA ALA C 420 63.28 -60.08 14.92
C ALA C 420 64.58 -59.62 15.63
N PRO C 421 64.78 -60.07 16.88
CA PRO C 421 66.03 -59.74 17.59
C PRO C 421 67.28 -60.31 16.89
N HIS C 422 67.14 -61.41 16.11
CA HIS C 422 68.21 -62.01 15.32
C HIS C 422 68.79 -61.07 14.25
N LEU C 423 68.06 -59.97 13.91
CA LEU C 423 68.59 -59.02 12.93
C LEU C 423 69.42 -57.91 13.57
N ASN C 424 69.28 -57.68 14.92
CA ASN C 424 70.03 -56.66 15.66
C ASN C 424 71.52 -56.70 15.44
N SER C 425 72.10 -57.92 15.20
CA SER C 425 73.54 -58.14 14.96
C SER C 425 74.01 -57.55 13.63
N ARG C 426 73.05 -57.21 12.70
CA ARG C 426 73.29 -56.59 11.38
C ARG C 426 73.45 -55.08 11.52
N ILE C 427 73.11 -54.55 12.72
CA ILE C 427 73.15 -53.10 13.02
C ILE C 427 74.22 -52.84 14.10
N LYS C 428 75.47 -52.67 13.67
CA LYS C 428 76.64 -52.51 14.56
C LYS C 428 77.28 -51.10 14.53
N ASP C 429 77.09 -50.35 13.42
CA ASP C 429 77.63 -49.00 13.22
C ASP C 429 76.86 -48.31 12.09
N MET C 430 77.29 -47.07 11.74
CA MET C 430 76.64 -46.35 10.64
C MET C 430 76.62 -47.08 9.28
N PRO C 431 77.77 -47.55 8.74
CA PRO C 431 77.75 -48.27 7.46
C PRO C 431 76.84 -49.53 7.46
N SER C 432 76.95 -50.37 8.51
CA SER C 432 76.12 -51.57 8.63
C SER C 432 74.64 -51.18 8.72
N ALA C 433 74.31 -50.12 9.55
CA ALA C 433 72.94 -49.63 9.75
C ALA C 433 72.31 -49.14 8.40
N CYS C 434 73.10 -48.37 7.59
CA CYS C 434 72.66 -47.95 6.28
C CYS C 434 72.39 -49.16 5.40
N ARG C 435 73.35 -50.12 5.31
CA ARG C 435 73.21 -51.35 4.51
C ARG C 435 71.91 -52.13 4.82
N PHE C 436 71.65 -52.31 6.12
CA PHE C 436 70.46 -53.00 6.60
C PHE C 436 69.17 -52.26 6.16
N LEU C 437 69.07 -50.97 6.48
CA LEU C 437 67.90 -50.16 6.15
C LEU C 437 67.67 -50.07 4.65
N ASP C 438 68.77 -49.94 3.84
CA ASP C 438 68.69 -49.88 2.38
C ASP C 438 68.04 -51.17 1.83
N SER C 439 68.41 -52.33 2.42
CA SER C 439 67.89 -53.65 2.09
C SER C 439 66.41 -53.76 2.51
N TYR C 440 66.11 -53.32 3.74
CA TYR C 440 64.78 -53.34 4.33
C TYR C 440 63.80 -52.50 3.50
N TRP C 441 64.17 -51.25 3.20
CA TRP C 441 63.33 -50.31 2.44
C TRP C 441 63.04 -50.81 0.99
N GLN C 442 63.94 -51.66 0.43
CA GLN C 442 63.76 -52.24 -0.89
C GLN C 442 62.89 -53.52 -0.87
N GLY C 443 62.46 -53.93 0.31
CA GLY C 443 61.65 -55.13 0.51
C GLY C 443 62.43 -56.43 0.44
N HIS C 444 63.74 -56.36 0.70
CA HIS C 444 64.64 -57.51 0.61
C HIS C 444 64.81 -58.34 1.89
N GLU C 445 64.16 -57.96 3.00
CA GLU C 445 64.28 -58.68 4.27
C GLU C 445 63.00 -59.49 4.56
N GLU C 446 63.02 -60.41 5.58
CA GLU C 446 61.82 -61.23 5.94
C GLU C 446 60.73 -60.39 6.63
N ILE C 447 61.16 -59.19 7.09
CA ILE C 447 60.33 -58.15 7.69
C ILE C 447 60.23 -57.00 6.67
N ARG C 448 58.99 -56.60 6.40
CA ARG C 448 58.71 -55.61 5.37
C ARG C 448 57.67 -54.59 5.81
N GLN C 449 57.55 -53.48 5.04
CA GLN C 449 56.52 -52.46 5.27
C GLN C 449 56.18 -51.68 4.01
N ILE C 450 54.97 -51.17 3.98
CA ILE C 450 54.49 -50.21 2.99
C ILE C 450 53.92 -49.08 3.83
N SER C 451 54.45 -47.88 3.68
CA SER C 451 54.03 -46.77 4.51
C SER C 451 53.99 -45.39 3.81
N LYS C 452 53.20 -44.47 4.41
CA LYS C 452 53.00 -43.05 4.09
C LYS C 452 52.61 -42.45 5.44
N SER C 453 53.65 -41.96 6.19
CA SER C 453 53.56 -41.39 7.54
C SER C 453 52.86 -42.38 8.47
N ASP C 454 51.72 -41.98 9.06
CA ASP C 454 50.95 -42.83 9.95
C ASP C 454 50.30 -44.03 9.24
N ASP C 455 49.91 -43.88 7.95
CA ASP C 455 49.29 -45.01 7.26
C ASP C 455 50.36 -45.99 6.90
N ALA C 456 50.17 -47.27 7.31
CA ALA C 456 51.11 -48.37 7.05
C ALA C 456 50.51 -49.73 7.17
N MET C 457 51.18 -50.68 6.54
CA MET C 457 50.91 -52.09 6.63
C MET C 457 52.27 -52.78 6.83
N LEU C 458 52.38 -53.59 7.93
CA LEU C 458 53.62 -54.27 8.32
C LEU C 458 53.55 -55.72 7.91
N GLY C 459 54.59 -56.19 7.22
CA GLY C 459 54.59 -57.55 6.73
C GLY C 459 55.71 -58.46 7.17
N TRP C 460 55.37 -59.76 7.18
CA TRP C 460 56.27 -60.87 7.50
C TRP C 460 56.14 -61.92 6.43
N THR C 461 57.28 -62.43 5.97
CA THR C 461 57.33 -63.51 5.01
C THR C 461 57.60 -64.78 5.86
N LYS C 462 57.85 -65.96 5.21
CA LYS C 462 58.21 -67.18 5.95
C LYS C 462 59.63 -66.95 6.54
N GLY C 463 59.86 -67.38 7.80
CA GLY C 463 61.10 -67.16 8.52
C GLY C 463 60.99 -67.07 10.03
N ARG C 464 62.14 -66.80 10.67
CA ARG C 464 62.29 -66.74 12.13
C ARG C 464 61.40 -65.69 12.82
N ALA C 465 61.20 -64.54 12.14
CA ALA C 465 60.38 -63.41 12.61
C ALA C 465 58.85 -63.64 12.53
N LEU C 466 58.36 -64.48 11.55
CA LEU C 466 56.94 -64.81 11.39
C LEU C 466 56.19 -65.22 12.70
N VAL C 467 56.86 -66.00 13.58
CA VAL C 467 56.29 -66.42 14.86
C VAL C 467 56.02 -65.23 15.84
N GLY C 468 56.97 -64.26 15.90
CA GLY C 468 56.86 -63.06 16.72
C GLY C 468 55.86 -62.06 16.21
N GLY C 469 55.70 -62.05 14.89
CA GLY C 469 54.74 -61.20 14.19
C GLY C 469 53.35 -61.56 14.63
N HIS C 470 53.08 -62.86 14.81
CA HIS C 470 51.78 -63.27 15.35
C HIS C 470 51.58 -62.82 16.79
N ARG C 471 52.66 -62.81 17.59
CA ARG C 471 52.57 -62.42 19.00
C ARG C 471 52.32 -60.94 19.09
N LEU C 472 52.99 -60.14 18.21
CA LEU C 472 52.86 -58.68 18.13
C LEU C 472 51.42 -58.32 17.78
N PHE C 473 50.86 -58.98 16.74
CA PHE C 473 49.50 -58.82 16.28
C PHE C 473 48.57 -59.11 17.43
N GLU C 474 48.84 -60.19 18.19
CA GLU C 474 48.07 -60.58 19.37
C GLU C 474 48.13 -59.50 20.46
N MET C 475 49.34 -58.96 20.73
CA MET C 475 49.53 -57.88 21.69
C MET C 475 48.67 -56.66 21.31
N LEU C 476 48.63 -56.35 19.97
CA LEU C 476 47.86 -55.25 19.43
C LEU C 476 46.37 -55.51 19.62
N LYS C 477 45.90 -56.76 19.30
CA LYS C 477 44.50 -57.14 19.50
C LYS C 477 44.08 -56.89 20.94
N GLU C 478 44.93 -57.30 21.91
CA GLU C 478 44.68 -57.12 23.34
C GLU C 478 44.54 -55.66 23.74
N GLY C 479 45.31 -54.80 23.09
CA GLY C 479 45.26 -53.36 23.32
C GLY C 479 45.49 -52.90 24.74
N LYS C 480 46.41 -53.56 25.48
CA LYS C 480 46.70 -53.19 26.86
C LYS C 480 48.09 -52.53 26.95
N VAL C 481 49.01 -52.95 26.07
CA VAL C 481 50.38 -52.46 26.05
C VAL C 481 50.72 -51.82 24.72
N ASN C 482 51.36 -50.66 24.78
CA ASN C 482 51.81 -49.97 23.57
C ASN C 482 53.09 -50.70 23.10
N PRO C 483 53.12 -51.15 21.82
CA PRO C 483 54.32 -51.85 21.32
C PRO C 483 55.52 -50.94 20.96
N SER C 484 55.34 -49.63 21.06
CA SER C 484 56.42 -48.69 20.75
C SER C 484 56.81 -47.74 21.90
N PRO C 485 58.12 -47.40 22.08
CA PRO C 485 58.48 -46.32 23.05
C PRO C 485 58.33 -44.90 22.42
N TYR C 486 58.15 -44.82 21.08
CA TYR C 486 58.10 -43.55 20.37
C TYR C 486 56.78 -42.91 20.13
N MET C 487 55.77 -43.70 19.74
CA MET C 487 54.41 -43.21 19.43
C MET C 487 53.37 -44.16 19.99
N LYS C 488 52.11 -43.70 20.05
CA LYS C 488 50.99 -44.49 20.54
C LYS C 488 50.45 -45.28 19.34
N ILE C 489 50.83 -46.60 19.26
CA ILE C 489 50.45 -47.51 18.18
C ILE C 489 49.37 -48.50 18.60
N SER C 490 48.44 -48.76 17.70
CA SER C 490 47.36 -49.74 17.86
C SER C 490 47.13 -50.40 16.48
N TYR C 491 46.13 -51.28 16.37
CA TYR C 491 45.82 -51.85 15.08
C TYR C 491 44.62 -51.12 14.52
N GLU C 492 44.52 -51.06 13.19
CA GLU C 492 43.39 -50.40 12.53
C GLU C 492 42.21 -51.35 12.55
N HIS C 493 41.04 -50.84 12.96
CA HIS C 493 39.78 -51.60 13.01
C HIS C 493 39.17 -51.55 11.63
N GLY C 494 39.50 -52.56 10.82
CA GLY C 494 39.16 -52.64 9.41
C GLY C 494 40.36 -52.10 8.65
N GLY C 495 41.39 -52.91 8.48
CA GLY C 495 42.62 -52.51 7.82
C GLY C 495 42.52 -52.05 6.38
N ALA C 496 43.08 -50.89 6.10
CA ALA C 496 43.14 -50.31 4.76
C ALA C 496 44.46 -49.55 4.61
N PHE C 497 44.90 -49.36 3.35
CA PHE C 497 46.13 -48.64 3.08
C PHE C 497 45.93 -47.63 1.98
N LEU C 498 46.10 -46.34 2.35
CA LEU C 498 45.98 -45.19 1.48
C LEU C 498 44.65 -45.25 0.73
N GLY C 499 43.59 -45.47 1.48
CA GLY C 499 42.22 -45.48 0.95
C GLY C 499 41.67 -46.75 0.35
N ASP C 500 42.51 -47.79 0.17
CA ASP C 500 42.07 -49.09 -0.35
C ASP C 500 41.95 -50.10 0.78
N ILE C 501 40.79 -50.71 0.91
CA ILE C 501 40.56 -51.71 1.94
C ILE C 501 41.22 -53.04 1.56
N LEU C 502 41.88 -53.74 2.53
CA LEU C 502 42.45 -55.05 2.26
C LEU C 502 41.36 -56.05 2.59
N LEU C 503 40.76 -56.67 1.54
CA LEU C 503 39.65 -57.60 1.64
C LEU C 503 40.09 -59.06 1.73
N TYR C 504 39.98 -59.60 2.93
CA TYR C 504 40.34 -60.99 3.20
C TYR C 504 39.18 -61.89 2.86
N ASP C 505 39.47 -63.18 2.59
CA ASP C 505 38.42 -64.17 2.36
C ASP C 505 38.39 -65.11 3.58
N SER C 506 37.80 -66.32 3.44
CA SER C 506 37.68 -67.32 4.50
C SER C 506 39.03 -67.72 5.13
N ARG C 507 40.11 -67.78 4.29
CA ARG C 507 41.46 -68.12 4.72
C ARG C 507 42.09 -67.11 5.70
N ARG C 508 41.71 -65.81 5.59
CA ARG C 508 42.25 -64.71 6.39
C ARG C 508 43.75 -64.62 6.21
N GLU C 509 44.20 -64.73 4.97
CA GLU C 509 45.62 -64.70 4.65
C GLU C 509 45.92 -63.69 3.57
N PRO C 510 47.08 -62.96 3.67
CA PRO C 510 47.42 -61.94 2.65
C PRO C 510 47.50 -62.45 1.22
N GLY C 511 47.89 -63.72 1.05
CA GLY C 511 48.02 -64.34 -0.26
C GLY C 511 46.73 -64.41 -1.08
N SER C 512 45.58 -64.56 -0.42
CA SER C 512 44.26 -64.61 -1.08
C SER C 512 43.41 -63.35 -0.79
N ALA C 513 44.03 -62.33 -0.18
CA ALA C 513 43.33 -61.08 0.11
C ALA C 513 43.51 -60.14 -1.09
N ILE C 514 42.56 -59.22 -1.30
CA ILE C 514 42.64 -58.24 -2.40
C ILE C 514 42.40 -56.82 -1.91
N PHE C 515 43.04 -55.84 -2.56
CA PHE C 515 42.79 -54.43 -2.26
C PHE C 515 41.60 -53.93 -3.10
N VAL C 516 40.61 -53.34 -2.43
CA VAL C 516 39.40 -52.82 -3.07
C VAL C 516 39.21 -51.38 -2.61
N GLY C 517 38.66 -50.52 -3.47
CA GLY C 517 38.39 -49.13 -3.12
C GLY C 517 37.40 -49.08 -1.97
N ASN C 518 37.50 -48.04 -1.13
CA ASN C 518 36.59 -47.89 0.01
C ASN C 518 35.35 -47.11 -0.42
N ILE C 519 34.22 -47.82 -0.50
CA ILE C 519 32.94 -47.23 -0.90
C ILE C 519 32.52 -46.07 -0.02
N ASN C 520 32.89 -46.09 1.29
CA ASN C 520 32.59 -45.00 2.20
C ASN C 520 33.32 -43.73 1.77
N SER C 521 34.57 -43.86 1.25
CA SER C 521 35.32 -42.69 0.77
C SER C 521 34.67 -42.08 -0.45
N MET C 522 34.04 -42.92 -1.31
CA MET C 522 33.30 -42.44 -2.48
C MET C 522 32.15 -41.58 -1.95
N LEU C 523 31.43 -42.07 -0.90
CA LEU C 523 30.30 -41.36 -0.29
C LEU C 523 30.75 -40.05 0.35
N ASN C 524 31.89 -40.07 1.06
CA ASN C 524 32.50 -38.88 1.65
C ASN C 524 32.80 -37.88 0.56
N ASN C 525 33.52 -38.31 -0.48
CA ASN C 525 33.88 -37.41 -1.58
C ASN C 525 32.69 -36.81 -2.32
N GLN C 526 31.63 -37.63 -2.58
CA GLN C 526 30.47 -37.22 -3.36
C GLN C 526 29.44 -36.41 -2.59
N PHE C 527 29.18 -36.75 -1.33
CA PHE C 527 28.14 -36.06 -0.58
C PHE C 527 28.62 -35.17 0.55
N SER C 528 29.89 -35.32 0.98
CA SER C 528 30.46 -34.49 2.03
C SER C 528 31.82 -33.88 1.63
N PRO C 529 31.93 -33.13 0.50
CA PRO C 529 33.22 -32.48 0.20
C PRO C 529 33.67 -31.48 1.31
N GLU C 530 34.98 -31.18 1.37
CA GLU C 530 35.50 -30.30 2.42
C GLU C 530 35.43 -28.83 2.08
N TYR C 531 35.13 -28.57 0.80
CA TYR C 531 34.97 -27.22 0.30
C TYR C 531 33.79 -27.21 -0.65
N GLY C 532 33.25 -26.01 -0.86
CA GLY C 532 32.18 -25.80 -1.83
C GLY C 532 32.77 -25.75 -3.23
N VAL C 533 31.90 -25.62 -4.24
CA VAL C 533 32.29 -25.53 -5.65
C VAL C 533 33.00 -24.24 -6.07
N GLN C 534 32.97 -23.18 -5.20
CA GLN C 534 33.60 -21.86 -5.39
C GLN C 534 33.21 -21.28 -6.76
N SER C 535 31.88 -21.24 -7.07
CA SER C 535 31.38 -20.74 -8.37
C SER C 535 31.85 -19.34 -8.74
N GLY C 536 32.14 -18.53 -7.74
CA GLY C 536 32.62 -17.16 -7.89
C GLY C 536 34.10 -17.04 -8.26
N VAL C 537 34.88 -18.13 -8.17
CA VAL C 537 36.30 -18.10 -8.52
C VAL C 537 36.37 -18.43 -9.99
N ARG C 538 36.67 -17.38 -10.79
CA ARG C 538 36.71 -17.41 -12.26
C ARG C 538 37.59 -18.51 -12.80
N ASP C 539 38.84 -18.51 -12.32
CA ASP C 539 39.89 -19.44 -12.72
C ASP C 539 39.75 -20.77 -11.94
N ARG C 540 39.21 -21.77 -12.61
CA ARG C 540 38.99 -23.08 -12.04
C ARG C 540 40.24 -23.77 -11.47
N SER C 541 41.42 -23.50 -12.06
CA SER C 541 42.68 -24.08 -11.58
C SER C 541 43.06 -23.56 -10.16
N LYS C 542 42.53 -22.37 -9.76
CA LYS C 542 42.76 -21.80 -8.41
C LYS C 542 41.72 -22.29 -7.35
N ARG C 543 40.64 -23.03 -7.77
CA ARG C 543 39.62 -23.59 -6.89
C ARG C 543 40.16 -24.82 -6.15
N LYS C 544 39.57 -25.11 -4.96
CA LYS C 544 39.91 -26.31 -4.19
C LYS C 544 39.34 -27.56 -4.87
N ARG C 545 38.27 -27.40 -5.67
CA ARG C 545 37.65 -28.47 -6.45
C ARG C 545 37.49 -27.95 -7.90
N PRO C 546 38.56 -27.93 -8.73
CA PRO C 546 38.41 -27.39 -10.10
C PRO C 546 37.33 -28.02 -11.00
N PHE C 547 37.31 -29.34 -11.16
CA PHE C 547 36.34 -29.95 -12.07
C PHE C 547 35.62 -31.10 -11.38
N PRO C 548 34.70 -30.81 -10.43
CA PRO C 548 34.01 -31.88 -9.68
C PRO C 548 33.33 -33.01 -10.47
N GLY C 549 32.78 -32.68 -11.65
CA GLY C 549 32.07 -33.60 -12.53
C GLY C 549 32.87 -34.77 -13.04
N LEU C 550 34.21 -34.53 -13.22
CA LEU C 550 35.19 -35.50 -13.71
C LEU C 550 35.32 -36.76 -12.85
N ALA C 551 35.08 -36.66 -11.54
CA ALA C 551 35.17 -37.83 -10.64
C ALA C 551 34.25 -39.00 -11.05
N TRP C 552 33.14 -38.69 -11.76
CA TRP C 552 32.19 -39.69 -12.25
C TRP C 552 32.86 -40.61 -13.27
N ALA C 553 33.72 -40.04 -14.13
CA ALA C 553 34.44 -40.75 -15.17
C ALA C 553 35.49 -41.75 -14.62
N SER C 554 36.00 -41.54 -13.37
CA SER C 554 37.00 -42.42 -12.74
C SER C 554 36.39 -43.32 -11.62
N MET C 555 35.14 -43.00 -11.18
CA MET C 555 34.35 -43.73 -10.16
C MET C 555 34.42 -45.29 -10.21
N LYS C 556 34.15 -45.90 -11.39
CA LYS C 556 34.18 -47.36 -11.56
C LYS C 556 35.59 -47.91 -11.38
N ASP C 557 36.61 -47.19 -11.89
CA ASP C 557 38.03 -47.58 -11.78
C ASP C 557 38.48 -47.61 -10.33
N THR C 558 38.14 -46.54 -9.60
CA THR C 558 38.50 -46.37 -8.20
C THR C 558 37.74 -47.31 -7.25
N TYR C 559 36.40 -47.38 -7.41
CA TYR C 559 35.52 -48.13 -6.49
C TYR C 559 34.84 -49.43 -6.95
N GLY C 560 34.92 -49.74 -8.25
CA GLY C 560 34.26 -50.90 -8.87
C GLY C 560 34.45 -52.27 -8.24
N ALA C 561 35.65 -52.49 -7.62
CA ALA C 561 36.04 -53.72 -6.94
C ALA C 561 35.42 -53.89 -5.55
N CYS C 562 34.75 -52.83 -5.01
CA CYS C 562 34.06 -52.98 -3.71
C CYS C 562 32.90 -53.98 -3.87
N PRO C 563 32.84 -55.03 -3.02
CA PRO C 563 31.75 -56.02 -3.13
C PRO C 563 30.34 -55.42 -3.28
N ILE C 564 30.07 -54.27 -2.64
CA ILE C 564 28.74 -53.66 -2.65
C ILE C 564 28.59 -52.44 -3.57
N TYR C 565 29.55 -52.25 -4.53
CA TYR C 565 29.57 -51.10 -5.45
C TYR C 565 28.23 -50.82 -6.15
N SER C 566 27.71 -51.81 -6.86
CA SER C 566 26.46 -51.72 -7.59
C SER C 566 25.28 -51.41 -6.66
N ASP C 567 25.25 -52.09 -5.51
CA ASP C 567 24.19 -51.97 -4.50
C ASP C 567 24.11 -50.56 -3.96
N VAL C 568 25.27 -49.91 -3.68
CA VAL C 568 25.30 -48.54 -3.18
C VAL C 568 24.80 -47.61 -4.29
N LEU C 569 25.34 -47.74 -5.51
CA LEU C 569 24.91 -46.88 -6.60
C LEU C 569 23.43 -46.91 -6.84
N GLU C 570 22.80 -48.12 -6.66
CA GLU C 570 21.34 -48.26 -6.82
C GLU C 570 20.62 -47.55 -5.65
N ALA C 571 21.08 -47.83 -4.38
CA ALA C 571 20.57 -47.17 -3.16
C ALA C 571 20.47 -45.62 -3.34
N ILE C 572 21.59 -44.99 -3.81
CA ILE C 572 21.75 -43.56 -4.08
C ILE C 572 20.71 -43.16 -5.06
N GLU C 573 20.61 -43.92 -6.17
CA GLU C 573 19.65 -43.62 -7.22
C GLU C 573 18.24 -43.59 -6.64
N ARG C 574 17.91 -44.63 -5.84
CA ARG C 574 16.64 -44.82 -5.14
C ARG C 574 16.36 -43.63 -4.16
N CYS C 575 17.30 -43.34 -3.21
CA CYS C 575 17.18 -42.23 -2.24
C CYS C 575 17.17 -40.86 -2.84
N TRP C 576 17.91 -40.65 -3.98
CA TRP C 576 18.00 -39.36 -4.68
C TRP C 576 16.70 -39.09 -5.38
N TRP C 577 16.08 -40.19 -5.90
CA TRP C 577 14.77 -40.13 -6.54
C TRP C 577 13.74 -39.61 -5.59
N ASN C 578 13.60 -40.28 -4.46
CA ASN C 578 12.69 -39.88 -3.40
C ASN C 578 12.91 -38.43 -3.01
N ALA C 579 14.18 -38.03 -2.75
CA ALA C 579 14.51 -36.68 -2.30
C ALA C 579 14.40 -35.54 -3.34
N PHE C 580 14.82 -35.77 -4.58
CA PHE C 580 14.82 -34.73 -5.60
C PHE C 580 13.84 -34.94 -6.79
N GLY C 581 13.32 -36.18 -6.95
CA GLY C 581 12.50 -36.58 -8.09
C GLY C 581 13.33 -36.49 -9.37
N GLU C 582 14.61 -36.94 -9.29
CA GLU C 582 15.58 -36.85 -10.36
C GLU C 582 16.47 -38.08 -10.32
N SER C 583 17.10 -38.40 -11.48
CA SER C 583 18.10 -39.47 -11.61
C SER C 583 19.51 -38.93 -11.19
N TYR C 584 20.08 -39.48 -10.11
CA TYR C 584 21.42 -39.06 -9.70
C TYR C 584 22.44 -39.34 -10.81
N ARG C 585 22.31 -40.51 -11.47
CA ARG C 585 23.19 -40.90 -12.56
C ARG C 585 23.15 -39.86 -13.70
N ALA C 586 21.94 -39.46 -14.11
CA ALA C 586 21.79 -38.48 -15.20
C ALA C 586 22.35 -37.10 -14.81
N TYR C 587 22.14 -36.72 -13.55
CA TYR C 587 22.65 -35.47 -12.98
C TYR C 587 24.17 -35.44 -13.09
N ARG C 588 24.82 -36.55 -12.70
CA ARG C 588 26.27 -36.68 -12.73
C ARG C 588 26.81 -36.78 -14.14
N GLU C 589 26.02 -37.40 -15.06
CA GLU C 589 26.43 -37.50 -16.46
C GLU C 589 26.46 -36.12 -17.12
N ASP C 590 25.48 -35.26 -16.76
CA ASP C 590 25.44 -33.89 -17.28
C ASP C 590 26.62 -33.11 -16.73
N MET C 591 26.94 -33.28 -15.42
CA MET C 591 28.07 -32.60 -14.75
C MET C 591 29.38 -33.02 -15.38
N LEU C 592 29.52 -34.32 -15.74
CA LEU C 592 30.70 -34.86 -16.43
C LEU C 592 30.88 -34.15 -17.80
N LYS C 593 29.78 -34.08 -18.58
CA LYS C 593 29.77 -33.40 -19.88
C LYS C 593 30.20 -31.94 -19.74
N ARG C 594 29.58 -31.19 -18.80
CA ARG C 594 29.90 -29.77 -18.60
C ARG C 594 31.38 -29.54 -18.20
N ASP C 595 31.87 -30.31 -17.23
CA ASP C 595 33.23 -30.21 -16.77
C ASP C 595 34.28 -30.63 -17.81
N THR C 596 33.96 -31.67 -18.67
CA THR C 596 34.85 -32.12 -19.77
C THR C 596 35.05 -30.95 -20.77
N LEU C 597 33.95 -30.22 -21.09
CA LEU C 597 33.96 -29.09 -22.00
C LEU C 597 34.77 -27.95 -21.43
N GLU C 598 34.53 -27.65 -20.15
CA GLU C 598 35.20 -26.56 -19.46
C GLU C 598 36.71 -26.87 -19.22
N LEU C 599 37.11 -28.16 -19.14
CA LEU C 599 38.51 -28.58 -18.99
C LEU C 599 39.32 -28.18 -20.22
N SER C 600 38.67 -28.15 -21.43
CA SER C 600 39.37 -27.76 -22.68
C SER C 600 39.82 -26.29 -22.71
N ARG C 601 39.23 -25.50 -21.84
CA ARG C 601 39.59 -24.09 -21.69
C ARG C 601 40.89 -23.95 -20.86
N TYR C 602 41.37 -25.10 -20.25
CA TYR C 602 42.58 -25.23 -19.40
C TYR C 602 43.65 -26.15 -19.96
N VAL C 603 43.25 -27.20 -20.71
CA VAL C 603 44.24 -28.07 -21.34
C VAL C 603 44.19 -27.79 -22.84
N ALA C 604 45.36 -27.46 -23.44
CA ALA C 604 45.50 -27.15 -24.87
C ALA C 604 45.66 -28.42 -25.72
N SER C 605 46.48 -29.41 -25.26
CA SER C 605 46.73 -30.72 -25.88
C SER C 605 45.42 -31.51 -26.08
N MET C 606 44.43 -31.12 -25.26
CA MET C 606 43.07 -31.59 -25.27
C MET C 606 42.47 -30.86 -26.44
N ALA C 607 42.17 -31.61 -27.53
CA ALA C 607 41.54 -31.03 -28.72
C ALA C 607 40.32 -30.25 -28.19
N ARG C 608 40.30 -28.93 -28.49
CA ARG C 608 39.33 -27.91 -28.10
C ARG C 608 37.86 -28.38 -27.77
N GLN C 609 37.42 -29.56 -28.32
CA GLN C 609 36.14 -30.27 -28.04
C GLN C 609 36.22 -31.88 -28.03
N ALA C 610 37.42 -32.45 -27.70
CA ALA C 610 37.67 -33.89 -27.58
C ALA C 610 37.50 -34.31 -26.12
N GLY C 611 37.11 -35.57 -25.90
CA GLY C 611 36.89 -36.14 -24.57
C GLY C 611 38.13 -36.40 -23.75
N LEU C 612 37.96 -37.16 -22.68
CA LEU C 612 39.06 -37.46 -21.75
C LEU C 612 39.80 -38.77 -22.08
N ALA C 613 40.07 -38.97 -23.40
CA ALA C 613 40.68 -40.19 -23.92
C ALA C 613 42.03 -40.48 -23.32
N GLU C 614 42.90 -39.46 -23.32
CA GLU C 614 44.25 -39.69 -22.82
C GLU C 614 44.45 -39.59 -21.29
N LEU C 615 43.39 -39.16 -20.56
CA LEU C 615 43.45 -39.00 -19.12
C LEU C 615 43.22 -40.26 -18.33
N THR C 616 44.06 -40.44 -17.29
CA THR C 616 44.06 -41.59 -16.41
C THR C 616 43.04 -41.38 -15.30
N PRO C 617 42.60 -42.44 -14.60
CA PRO C 617 41.69 -42.24 -13.47
C PRO C 617 42.31 -41.31 -12.41
N ILE C 618 43.65 -41.40 -12.17
CA ILE C 618 44.35 -40.55 -11.21
C ILE C 618 44.16 -39.09 -11.63
N ASP C 619 44.39 -38.80 -12.92
CA ASP C 619 44.23 -37.46 -13.51
C ASP C 619 42.86 -36.90 -13.21
N LEU C 620 41.80 -37.73 -13.40
CA LEU C 620 40.42 -37.32 -13.16
C LEU C 620 40.10 -37.07 -11.67
N GLU C 621 40.53 -37.98 -10.77
CA GLU C 621 40.33 -37.88 -9.33
C GLU C 621 40.98 -36.61 -8.75
N VAL C 622 42.17 -36.26 -9.29
CA VAL C 622 43.00 -35.15 -8.91
C VAL C 622 42.38 -33.84 -9.44
N LEU C 623 41.78 -33.88 -10.62
CA LEU C 623 41.18 -32.67 -11.18
C LEU C 623 39.91 -32.28 -10.41
N ALA C 624 39.22 -33.31 -9.87
CA ALA C 624 38.02 -33.13 -9.06
C ALA C 624 38.40 -32.75 -7.61
N ASP C 625 39.56 -33.28 -7.12
CA ASP C 625 40.09 -33.07 -5.78
C ASP C 625 41.63 -33.07 -5.73
N PRO C 626 42.27 -31.91 -5.96
CA PRO C 626 43.74 -31.86 -5.88
C PRO C 626 44.33 -31.97 -4.49
N ASN C 627 43.49 -32.24 -3.47
CA ASN C 627 43.94 -32.48 -2.10
C ASN C 627 44.47 -33.92 -2.07
N LYS C 628 44.07 -34.74 -3.06
CA LYS C 628 44.53 -36.12 -3.16
C LYS C 628 46.01 -36.16 -3.49
N LEU C 629 46.53 -35.03 -3.99
CA LEU C 629 47.93 -34.83 -4.34
C LEU C 629 48.76 -34.53 -3.07
N GLN C 630 48.08 -34.20 -1.94
CA GLN C 630 48.68 -33.87 -0.61
C GLN C 630 48.72 -35.07 0.32
N TYR C 631 48.00 -36.14 -0.01
CA TYR C 631 48.01 -37.31 0.83
C TYR C 631 48.09 -38.61 0.07
N LYS C 632 47.21 -38.78 -0.93
CA LYS C 632 47.09 -40.01 -1.71
C LYS C 632 48.20 -40.31 -2.76
N TRP C 633 48.52 -39.31 -3.59
CA TRP C 633 49.49 -39.47 -4.68
C TRP C 633 50.56 -38.41 -4.66
N THR C 634 51.43 -38.46 -5.68
CA THR C 634 52.53 -37.51 -5.87
C THR C 634 52.52 -36.98 -7.33
N GLU C 635 53.32 -35.92 -7.58
CA GLU C 635 53.54 -35.29 -8.87
C GLU C 635 53.75 -36.32 -10.01
N ALA C 636 54.61 -37.32 -9.81
CA ALA C 636 54.92 -38.30 -10.85
C ALA C 636 53.73 -39.14 -11.30
N ASP C 637 52.71 -39.30 -10.42
CA ASP C 637 51.51 -40.11 -10.66
C ASP C 637 50.49 -39.44 -11.60
N VAL C 638 50.66 -38.11 -11.84
CA VAL C 638 49.80 -37.27 -12.70
C VAL C 638 50.53 -36.95 -14.01
N SER C 639 49.79 -37.03 -15.11
CA SER C 639 50.24 -36.70 -16.47
C SER C 639 50.81 -35.26 -16.50
N ALA C 640 51.84 -35.02 -17.30
CA ALA C 640 52.55 -33.73 -17.39
C ALA C 640 51.65 -32.58 -17.76
N ASN C 641 50.71 -32.83 -18.67
CA ASN C 641 49.75 -31.82 -19.11
C ASN C 641 48.76 -31.40 -17.99
N ILE C 642 48.37 -32.33 -17.10
CA ILE C 642 47.44 -32.07 -16.01
C ILE C 642 48.16 -31.32 -14.90
N HIS C 643 49.46 -31.53 -14.82
CA HIS C 643 50.38 -30.91 -13.88
C HIS C 643 50.41 -29.39 -13.99
N GLU C 644 50.62 -28.92 -15.22
CA GLU C 644 50.75 -27.54 -15.68
C GLU C 644 49.51 -26.72 -15.42
N VAL C 645 48.34 -27.41 -15.29
CA VAL C 645 47.02 -26.82 -14.97
C VAL C 645 47.00 -26.34 -13.49
N LEU C 646 47.47 -27.23 -12.59
CA LEU C 646 47.53 -27.11 -11.13
C LEU C 646 48.81 -26.53 -10.56
N MET C 647 49.95 -26.65 -11.30
CA MET C 647 51.27 -26.17 -10.83
C MET C 647 52.06 -25.29 -11.80
N HIS C 648 53.01 -24.51 -11.26
CA HIS C 648 53.98 -23.71 -12.01
C HIS C 648 55.35 -23.83 -11.30
N GLY C 649 56.43 -23.84 -12.05
CA GLY C 649 57.76 -24.00 -11.47
C GLY C 649 58.77 -22.91 -11.73
N VAL C 650 59.76 -22.84 -10.83
CA VAL C 650 60.94 -21.96 -10.87
C VAL C 650 61.93 -22.78 -11.72
N SER C 651 62.74 -22.16 -12.64
CA SER C 651 63.69 -22.88 -13.52
C SER C 651 64.66 -23.77 -12.78
N VAL C 652 65.00 -24.93 -13.40
CA VAL C 652 65.96 -25.89 -12.86
C VAL C 652 67.34 -25.26 -12.73
N GLU C 653 67.61 -24.19 -13.51
CA GLU C 653 68.86 -23.43 -13.47
C GLU C 653 69.08 -22.79 -12.11
N LYS C 654 68.04 -22.16 -11.58
CA LYS C 654 68.03 -21.47 -10.29
C LYS C 654 68.10 -22.49 -9.13
N THR C 655 67.37 -23.61 -9.26
CA THR C 655 67.35 -24.65 -8.21
C THR C 655 68.66 -25.46 -8.22
N GLU C 656 69.22 -25.73 -9.41
CA GLU C 656 70.47 -26.47 -9.60
C GLU C 656 71.61 -25.77 -8.88
N ARG C 657 71.70 -24.45 -9.09
CA ARG C 657 72.72 -23.60 -8.49
C ARG C 657 72.55 -23.54 -6.97
N PHE C 658 71.29 -23.42 -6.51
CA PHE C 658 70.95 -23.37 -5.09
C PHE C 658 71.37 -24.68 -4.43
N LEU C 659 70.92 -25.78 -5.01
CA LEU C 659 71.17 -27.11 -4.51
C LEU C 659 72.69 -27.46 -4.39
N ARG C 660 73.49 -27.04 -5.36
CA ARG C 660 74.93 -27.25 -5.37
C ARG C 660 75.57 -26.64 -4.10
N SER C 661 75.09 -25.46 -3.68
CA SER C 661 75.59 -24.74 -2.50
C SER C 661 75.17 -25.33 -1.17
N VAL C 662 74.11 -26.20 -1.16
CA VAL C 662 73.51 -26.78 0.06
C VAL C 662 74.17 -28.09 0.40
N MET C 663 74.17 -28.95 -0.59
CA MET C 663 74.62 -30.31 -0.54
C MET C 663 76.11 -30.51 -0.31
N PRO C 664 76.48 -31.68 0.31
CA PRO C 664 77.91 -31.96 0.54
C PRO C 664 78.64 -32.30 -0.75
N ARG C 665 78.03 -33.17 -1.61
CA ARG C 665 78.46 -33.69 -2.95
C ARG C 665 77.21 -34.27 -3.71
N PRO D 2 -50.07 30.02 -30.78
CA PRO D 2 -50.07 31.45 -30.45
C PRO D 2 -48.78 31.83 -29.69
N ARG D 3 -47.86 30.84 -29.72
CA ARG D 3 -46.57 30.60 -29.10
C ARG D 3 -46.75 29.76 -27.86
N ARG D 4 -47.04 28.44 -28.04
CA ARG D 4 -47.07 27.61 -26.85
C ARG D 4 -45.61 27.49 -26.41
N ALA D 5 -45.39 27.52 -25.09
CA ALA D 5 -44.05 27.47 -24.57
C ALA D 5 -43.56 26.06 -24.65
N PRO D 6 -42.25 25.83 -24.98
CA PRO D 6 -41.77 24.43 -24.93
C PRO D 6 -41.77 23.95 -23.47
N ALA D 7 -42.12 22.69 -23.24
CA ALA D 7 -42.12 22.12 -21.91
C ALA D 7 -41.34 20.81 -21.95
N PHE D 8 -40.54 20.55 -20.89
CA PHE D 8 -39.67 19.36 -20.83
C PHE D 8 -39.84 18.67 -19.52
N PRO D 9 -40.05 17.36 -19.53
CA PRO D 9 -40.16 16.64 -18.25
C PRO D 9 -38.80 16.55 -17.54
N LEU D 10 -38.81 16.21 -16.25
CA LEU D 10 -37.57 16.11 -15.50
C LEU D 10 -36.58 15.12 -16.14
N SER D 11 -37.10 14.02 -16.71
CA SER D 11 -36.28 13.03 -17.40
C SER D 11 -35.45 13.62 -18.57
N ASP D 12 -35.90 14.75 -19.19
CA ASP D 12 -35.21 15.35 -20.34
C ASP D 12 -33.86 15.93 -19.93
N ILE D 13 -32.89 15.87 -20.85
CA ILE D 13 -31.56 16.42 -20.60
C ILE D 13 -31.59 17.91 -20.24
N LYS D 14 -32.50 18.69 -20.85
CA LYS D 14 -32.63 20.13 -20.61
C LYS D 14 -32.99 20.42 -19.15
N ALA D 15 -33.79 19.51 -18.53
CA ALA D 15 -34.19 19.66 -17.13
C ALA D 15 -33.10 19.08 -16.25
N GLN D 16 -32.48 17.96 -16.67
CA GLN D 16 -31.40 17.34 -15.87
C GLN D 16 -30.21 18.27 -15.66
N MET D 17 -29.88 19.06 -16.67
CA MET D 17 -28.80 20.03 -16.67
C MET D 17 -29.01 21.16 -15.64
N LEU D 18 -30.22 21.25 -15.05
CA LEU D 18 -30.51 22.32 -14.07
C LEU D 18 -30.12 21.90 -12.65
N PHE D 19 -29.85 20.61 -12.44
CA PHE D 19 -29.53 20.11 -11.12
C PHE D 19 -28.18 19.42 -11.12
N ALA D 20 -27.26 19.97 -10.32
CA ALA D 20 -25.90 19.43 -10.11
C ALA D 20 -25.90 18.04 -9.42
N ASN D 21 -24.80 17.31 -9.63
CA ASN D 21 -24.58 15.98 -9.08
C ASN D 21 -24.23 16.02 -7.59
N ASN D 22 -25.24 16.40 -6.79
CA ASN D 22 -25.22 16.41 -5.33
C ASN D 22 -26.62 16.04 -4.83
N ILE D 23 -26.72 15.48 -3.59
CA ILE D 23 -27.99 15.03 -2.98
C ILE D 23 -29.03 16.13 -2.93
N LYS D 24 -28.66 17.27 -2.30
CA LYS D 24 -29.53 18.41 -2.12
C LYS D 24 -30.21 18.92 -3.43
N ALA D 25 -29.45 18.98 -4.56
CA ALA D 25 -29.93 19.44 -5.86
C ALA D 25 -30.88 18.41 -6.44
N GLN D 26 -30.45 17.16 -6.48
CA GLN D 26 -31.28 16.06 -6.99
C GLN D 26 -32.61 15.85 -6.18
N GLN D 27 -32.62 16.23 -4.87
CA GLN D 27 -33.82 16.11 -4.02
C GLN D 27 -34.74 17.22 -4.41
N ALA D 28 -34.19 18.41 -4.80
CA ALA D 28 -35.00 19.54 -5.24
C ALA D 28 -35.74 19.18 -6.52
N SER D 29 -35.00 18.68 -7.56
CA SER D 29 -35.56 18.26 -8.84
C SER D 29 -36.73 17.28 -8.67
N LYS D 30 -36.52 16.23 -7.81
CA LYS D 30 -37.42 15.12 -7.51
C LYS D 30 -38.54 15.41 -6.51
N ARG D 31 -38.35 16.39 -5.60
CA ARG D 31 -39.28 16.70 -4.53
C ARG D 31 -40.70 16.67 -4.95
N SER D 32 -41.47 15.86 -4.26
CA SER D 32 -42.91 15.62 -4.45
C SER D 32 -43.73 16.56 -3.56
N PHE D 33 -45.06 16.66 -3.87
CA PHE D 33 -46.01 17.46 -3.10
C PHE D 33 -45.97 16.95 -1.67
N LYS D 34 -45.78 17.88 -0.73
CA LYS D 34 -45.70 17.68 0.71
C LYS D 34 -46.70 18.60 1.43
N GLU D 35 -47.28 18.13 2.55
CA GLU D 35 -48.21 18.86 3.41
C GLU D 35 -48.19 18.33 4.80
N GLY D 36 -48.47 19.19 5.76
CA GLY D 36 -48.46 18.85 7.18
C GLY D 36 -48.53 20.07 8.07
N ALA D 37 -49.08 19.87 9.27
CA ALA D 37 -49.25 20.98 10.24
C ALA D 37 -47.91 21.64 10.55
N ILE D 38 -47.89 22.95 10.62
CA ILE D 38 -46.69 23.67 11.00
C ILE D 38 -46.54 23.71 12.58
N GLU D 39 -45.30 23.86 13.09
CA GLU D 39 -45.14 23.95 14.53
C GLU D 39 -45.22 25.41 14.78
N THR D 40 -46.47 25.89 15.04
CA THR D 40 -46.77 27.31 15.26
C THR D 40 -45.83 27.93 16.26
N TYR D 41 -45.61 27.24 17.41
CA TYR D 41 -44.68 27.54 18.50
C TYR D 41 -44.15 26.20 18.99
N GLU D 42 -42.98 26.18 19.68
CA GLU D 42 -42.40 24.95 20.23
C GLU D 42 -43.46 24.10 20.90
N GLY D 43 -43.59 22.88 20.40
CA GLY D 43 -44.53 21.88 20.90
C GLY D 43 -46.00 22.11 20.60
N LEU D 44 -46.34 23.15 19.82
CA LEU D 44 -47.73 23.44 19.42
C LEU D 44 -47.95 23.41 17.90
N LEU D 45 -48.76 22.43 17.43
CA LEU D 45 -49.12 22.27 16.03
C LEU D 45 -50.29 23.16 15.66
N SER D 46 -50.26 23.71 14.42
CA SER D 46 -51.31 24.58 13.86
C SER D 46 -52.71 23.95 13.92
N VAL D 47 -52.77 22.61 13.94
CA VAL D 47 -54.01 21.82 13.97
C VAL D 47 -54.37 21.25 15.34
N ASP D 48 -53.60 21.62 16.40
CA ASP D 48 -53.91 21.19 17.77
C ASP D 48 -55.38 21.59 18.09
N PRO D 49 -56.22 20.66 18.60
CA PRO D 49 -57.65 21.00 18.83
C PRO D 49 -57.88 22.18 19.73
N ARG D 50 -56.97 22.40 20.73
CA ARG D 50 -57.10 23.54 21.64
C ARG D 50 -56.89 24.83 20.88
N PHE D 51 -55.88 24.86 19.99
CA PHE D 51 -55.52 25.99 19.15
C PHE D 51 -56.63 26.35 18.15
N LEU D 52 -57.23 25.34 17.50
CA LEU D 52 -58.34 25.61 16.57
C LEU D 52 -59.59 26.07 17.33
N SER D 53 -59.82 25.55 18.57
CA SER D 53 -60.93 26.02 19.40
C SER D 53 -60.73 27.54 19.69
N PHE D 54 -59.47 27.91 20.06
CA PHE D 54 -59.03 29.26 20.36
C PHE D 54 -59.27 30.15 19.14
N LYS D 55 -58.79 29.72 17.93
CA LYS D 55 -59.01 30.53 16.71
C LYS D 55 -60.51 30.71 16.45
N ASN D 56 -61.34 29.62 16.58
CA ASN D 56 -62.80 29.70 16.38
C ASN D 56 -63.46 30.74 17.33
N GLU D 57 -63.07 30.70 18.63
CA GLU D 57 -63.55 31.61 19.67
C GLU D 57 -63.19 33.05 19.39
N LEU D 58 -61.88 33.45 19.18
CA LEU D 58 -61.59 34.88 18.92
C LEU D 58 -61.91 35.38 17.59
N SER D 59 -61.90 34.54 16.54
CA SER D 59 -62.32 35.08 15.24
C SER D 59 -63.78 35.52 15.33
N ARG D 60 -64.63 34.70 16.00
CA ARG D 60 -66.06 34.96 16.16
C ARG D 60 -66.29 36.14 17.06
N TYR D 61 -65.66 36.16 18.25
CA TYR D 61 -65.80 37.21 19.25
C TYR D 61 -65.35 38.57 18.72
N LEU D 62 -64.17 38.64 18.09
CA LEU D 62 -63.63 39.90 17.54
C LEU D 62 -64.48 40.47 16.38
N THR D 63 -65.00 39.58 15.48
CA THR D 63 -65.84 40.03 14.36
C THR D 63 -67.11 40.62 14.94
N ASP D 64 -67.66 39.95 15.95
CA ASP D 64 -68.87 40.35 16.65
C ASP D 64 -68.75 41.72 17.31
N HIS D 65 -67.76 41.89 18.19
CA HIS D 65 -67.54 43.10 18.94
C HIS D 65 -66.87 44.22 18.19
N PHE D 66 -66.12 43.90 17.13
CA PHE D 66 -65.41 44.93 16.37
C PHE D 66 -65.70 44.86 14.86
N PRO D 67 -66.92 45.31 14.48
CA PRO D 67 -67.25 45.32 13.05
C PRO D 67 -66.41 46.35 12.30
N ALA D 68 -66.13 46.11 11.00
CA ALA D 68 -65.32 47.01 10.16
C ALA D 68 -65.84 48.46 10.16
N ASN D 69 -64.93 49.43 10.25
CA ASN D 69 -65.29 50.86 10.19
C ASN D 69 -64.59 51.49 8.98
N VAL D 70 -65.16 51.30 7.76
CA VAL D 70 -64.66 51.81 6.48
C VAL D 70 -65.79 52.46 5.73
N ASP D 71 -65.63 53.75 5.41
CA ASP D 71 -66.62 54.55 4.69
C ASP D 71 -66.85 54.11 3.24
N GLU D 72 -67.65 54.87 2.48
CA GLU D 72 -68.01 54.69 1.07
C GLU D 72 -66.78 54.84 0.16
N TYR D 73 -65.79 55.57 0.67
CA TYR D 73 -64.55 55.90 -0.01
C TYR D 73 -63.35 54.99 0.31
N GLY D 74 -63.52 53.97 1.16
CA GLY D 74 -62.40 53.10 1.50
C GLY D 74 -61.50 53.69 2.57
N ARG D 75 -61.93 54.81 3.20
CA ARG D 75 -61.24 55.48 4.32
C ARG D 75 -61.65 54.80 5.60
N VAL D 76 -60.65 54.40 6.38
CA VAL D 76 -60.87 53.72 7.65
C VAL D 76 -60.91 54.72 8.85
N TYR D 77 -61.95 54.52 9.75
CA TYR D 77 -62.26 55.40 10.89
C TYR D 77 -62.52 54.56 12.17
N GLY D 78 -62.94 55.22 13.23
CA GLY D 78 -63.35 54.62 14.49
C GLY D 78 -62.41 53.60 15.10
N ASN D 79 -62.86 52.32 15.14
CA ASN D 79 -62.12 51.19 15.73
C ASN D 79 -60.85 50.74 14.99
N GLY D 80 -60.64 51.24 13.75
CA GLY D 80 -59.49 50.92 12.93
C GLY D 80 -59.54 49.53 12.33
N VAL D 81 -60.74 48.94 12.26
CA VAL D 81 -60.96 47.60 11.70
C VAL D 81 -61.48 47.72 10.27
N ARG D 82 -60.87 46.97 9.31
CA ARG D 82 -61.27 47.00 7.89
C ARG D 82 -62.01 45.80 7.33
N THR D 83 -61.98 44.65 8.04
CA THR D 83 -62.74 43.45 7.67
C THR D 83 -63.00 42.55 8.88
N ASN D 84 -63.60 41.36 8.65
CA ASN D 84 -63.85 40.36 9.68
C ASN D 84 -62.54 39.76 10.18
N PHE D 85 -62.61 38.93 11.22
CA PHE D 85 -61.39 38.33 11.77
C PHE D 85 -61.29 36.83 11.42
N PHE D 86 -62.13 36.37 10.45
CA PHE D 86 -62.18 34.98 10.00
C PHE D 86 -60.99 34.48 9.18
N GLY D 87 -60.10 35.40 8.75
CA GLY D 87 -58.90 35.05 7.99
C GLY D 87 -57.97 34.08 8.70
N MET D 88 -58.02 34.06 10.05
CA MET D 88 -57.23 33.14 10.85
C MET D 88 -57.71 31.68 10.80
N ARG D 89 -58.90 31.43 10.22
CA ARG D 89 -59.48 30.11 10.16
C ARG D 89 -58.94 29.15 9.10
N HIS D 90 -57.62 28.90 9.11
CA HIS D 90 -56.99 27.98 8.17
C HIS D 90 -56.13 26.92 8.89
N MET D 91 -56.02 25.78 8.22
CA MET D 91 -55.26 24.62 8.65
C MET D 91 -53.84 24.85 8.12
N ASN D 92 -53.06 25.75 8.80
CA ASN D 92 -51.71 26.14 8.39
C ASN D 92 -50.78 24.96 8.16
N GLY D 93 -50.24 24.88 6.95
CA GLY D 93 -49.38 23.78 6.55
C GLY D 93 -50.04 22.85 5.54
N PHE D 94 -51.38 22.96 5.39
CA PHE D 94 -52.22 22.19 4.44
C PHE D 94 -52.74 23.14 3.34
N PRO D 95 -52.22 22.94 2.10
CA PRO D 95 -52.55 23.89 1.04
C PRO D 95 -53.81 23.59 0.27
N MET D 96 -54.32 24.62 -0.42
CA MET D 96 -55.42 24.45 -1.34
C MET D 96 -54.83 23.55 -2.49
N ILE D 97 -55.68 22.76 -3.14
CA ILE D 97 -55.23 21.89 -4.21
C ILE D 97 -56.05 22.16 -5.48
N PRO D 98 -55.41 22.43 -6.63
CA PRO D 98 -53.95 22.50 -6.85
C PRO D 98 -53.44 23.96 -6.72
N ALA D 99 -52.13 24.14 -6.73
CA ALA D 99 -51.59 25.48 -6.78
C ALA D 99 -51.52 25.80 -8.31
N THR D 100 -51.37 27.09 -8.67
CA THR D 100 -51.31 27.45 -10.08
C THR D 100 -50.01 27.01 -10.80
N TRP D 101 -50.13 26.78 -12.10
CA TRP D 101 -48.98 26.60 -12.96
C TRP D 101 -48.65 28.07 -13.38
N PRO D 102 -47.36 28.49 -13.33
CA PRO D 102 -47.06 29.87 -13.70
C PRO D 102 -47.22 30.08 -15.19
N LEU D 103 -47.87 31.17 -15.59
CA LEU D 103 -48.08 31.52 -16.98
C LEU D 103 -46.70 31.78 -17.61
N ALA D 104 -46.44 31.13 -18.76
CA ALA D 104 -45.22 31.26 -19.52
C ALA D 104 -45.17 32.62 -20.25
N SER D 105 -46.34 33.17 -20.63
CA SER D 105 -46.49 34.44 -21.35
C SER D 105 -47.69 35.18 -20.85
N ASN D 106 -47.48 36.46 -20.50
CA ASN D 106 -48.57 37.31 -20.00
C ASN D 106 -49.14 38.24 -21.07
N LEU D 107 -48.61 38.13 -22.31
CA LEU D 107 -48.98 39.03 -23.40
C LEU D 107 -50.47 39.10 -23.66
N LYS D 108 -51.15 37.90 -23.77
CA LYS D 108 -52.58 37.83 -24.03
C LYS D 108 -53.35 38.35 -22.84
N LYS D 109 -52.94 37.94 -21.61
CA LYS D 109 -53.58 38.37 -20.37
C LYS D 109 -53.65 39.92 -20.34
N ARG D 110 -52.53 40.62 -20.67
CA ARG D 110 -52.41 42.09 -20.67
C ARG D 110 -53.35 42.70 -21.72
N ALA D 111 -53.27 42.22 -22.96
CA ALA D 111 -54.06 42.67 -24.08
C ALA D 111 -55.55 42.49 -23.80
N ASP D 112 -55.97 41.34 -23.22
CA ASP D 112 -57.37 41.06 -22.89
C ASP D 112 -57.90 41.94 -21.73
N ALA D 113 -56.99 42.48 -20.90
CA ALA D 113 -57.36 43.37 -19.80
C ALA D 113 -57.28 44.82 -20.27
N ASP D 114 -57.11 45.02 -21.59
CA ASP D 114 -56.99 46.31 -22.24
C ASP D 114 -55.81 47.17 -21.74
N LEU D 115 -54.66 46.50 -21.49
CA LEU D 115 -53.43 47.16 -21.02
C LEU D 115 -52.44 47.30 -22.20
N ALA D 116 -51.73 48.45 -22.26
CA ALA D 116 -50.82 48.81 -23.36
C ALA D 116 -49.60 47.88 -23.55
N ASP D 117 -49.16 47.73 -24.81
CA ASP D 117 -48.00 46.92 -25.25
C ASP D 117 -46.72 47.77 -25.44
N GLY D 118 -46.75 48.97 -24.89
CA GLY D 118 -45.64 49.92 -24.90
C GLY D 118 -46.08 51.24 -24.32
N PRO D 119 -45.16 52.22 -24.13
CA PRO D 119 -45.59 53.54 -23.61
C PRO D 119 -46.59 54.13 -24.61
N VAL D 120 -47.72 54.68 -24.14
CA VAL D 120 -48.75 55.18 -25.05
C VAL D 120 -48.38 56.45 -25.79
N SER D 121 -47.69 57.35 -25.10
CA SER D 121 -47.26 58.64 -25.60
C SER D 121 -45.78 58.88 -25.37
N GLU D 122 -45.21 59.88 -26.06
CA GLU D 122 -43.80 60.24 -25.90
C GLU D 122 -43.48 60.68 -24.47
N ARG D 123 -44.44 61.35 -23.80
CA ARG D 123 -44.29 61.81 -22.42
C ARG D 123 -43.97 60.62 -21.53
N ASP D 124 -44.83 59.59 -21.57
CA ASP D 124 -44.68 58.34 -20.81
C ASP D 124 -43.34 57.67 -21.12
N ASN D 125 -42.94 57.68 -22.40
CA ASN D 125 -41.67 57.12 -22.79
C ASN D 125 -40.50 57.89 -22.16
N LEU D 126 -40.60 59.21 -22.08
CA LEU D 126 -39.58 60.03 -21.42
C LEU D 126 -39.58 59.78 -19.91
N LEU D 127 -40.76 59.66 -19.27
CA LEU D 127 -40.84 59.47 -17.82
C LEU D 127 -40.33 58.10 -17.37
N PHE D 128 -40.62 57.02 -18.16
CA PHE D 128 -40.10 55.71 -17.82
C PHE D 128 -38.59 55.73 -17.97
N ARG D 129 -38.09 56.39 -19.03
CA ARG D 129 -36.66 56.50 -19.29
C ARG D 129 -35.96 57.40 -18.25
N ALA D 130 -36.67 58.42 -17.76
CA ALA D 130 -36.13 59.32 -16.75
C ALA D 130 -35.99 58.58 -15.42
N ALA D 131 -36.95 57.68 -15.11
CA ALA D 131 -36.88 56.86 -13.90
C ALA D 131 -35.61 56.03 -13.92
N VAL D 132 -35.26 55.42 -15.10
CA VAL D 132 -34.03 54.62 -15.29
C VAL D 132 -32.82 55.51 -15.01
N ARG D 133 -32.79 56.71 -15.62
CA ARG D 133 -31.70 57.68 -15.51
C ARG D 133 -31.51 58.13 -14.08
N LEU D 134 -32.59 58.48 -13.37
CA LEU D 134 -32.47 58.87 -11.97
C LEU D 134 -32.07 57.72 -11.03
N MET D 135 -32.54 56.50 -11.30
CA MET D 135 -32.26 55.36 -10.44
C MET D 135 -30.87 54.79 -10.61
N PHE D 136 -30.40 54.66 -11.87
CA PHE D 136 -29.13 53.98 -12.18
C PHE D 136 -27.89 54.87 -12.34
N SER D 137 -28.01 56.14 -11.94
CA SER D 137 -27.04 57.18 -12.07
C SER D 137 -25.73 57.12 -11.31
N ASP D 138 -25.65 57.91 -10.23
CA ASP D 138 -24.39 58.11 -9.53
C ASP D 138 -24.26 57.18 -8.34
N LEU D 139 -24.06 55.88 -8.67
CA LEU D 139 -24.01 54.80 -7.70
C LEU D 139 -22.70 54.58 -7.00
N GLU D 140 -22.77 54.29 -5.69
CA GLU D 140 -21.59 54.03 -4.89
C GLU D 140 -21.52 52.57 -4.49
N PRO D 141 -20.36 51.90 -4.72
CA PRO D 141 -20.24 50.48 -4.36
C PRO D 141 -20.34 50.18 -2.88
N VAL D 142 -21.03 49.09 -2.57
CA VAL D 142 -21.28 48.58 -1.24
C VAL D 142 -21.00 47.07 -1.23
N PRO D 143 -20.69 46.45 -0.07
CA PRO D 143 -20.49 44.99 -0.09
C PRO D 143 -21.79 44.26 -0.55
N LEU D 144 -21.62 43.14 -1.28
CA LEU D 144 -22.74 42.31 -1.75
C LEU D 144 -23.19 41.50 -0.52
N LYS D 145 -24.34 41.86 0.07
CA LYS D 145 -24.84 41.15 1.24
C LYS D 145 -25.70 39.98 0.82
N ILE D 146 -25.46 38.82 1.49
CA ILE D 146 -26.12 37.53 1.26
C ILE D 146 -26.84 37.14 2.51
N ARG D 147 -28.16 36.88 2.40
CA ARG D 147 -29.02 36.42 3.49
C ARG D 147 -28.53 35.05 3.91
N LYS D 148 -28.33 34.83 5.20
CA LYS D 148 -27.85 33.53 5.66
C LYS D 148 -28.95 32.42 5.67
N GLY D 149 -28.52 31.17 5.43
CA GLY D 149 -29.43 30.04 5.27
C GLY D 149 -30.19 30.00 3.93
N SER D 150 -30.14 31.07 3.10
CA SER D 150 -30.79 31.10 1.78
C SER D 150 -30.14 30.08 0.78
N SER D 151 -30.89 29.68 -0.27
CA SER D 151 -30.39 28.72 -1.26
C SER D 151 -29.77 29.40 -2.50
N THR D 152 -28.75 28.77 -3.08
CA THR D 152 -28.16 29.27 -4.32
C THR D 152 -29.03 28.80 -5.51
N CYS D 153 -30.02 27.92 -5.23
CA CYS D 153 -30.88 27.32 -6.20
C CYS D 153 -30.07 26.77 -7.40
N ILE D 154 -30.62 26.83 -8.65
CA ILE D 154 -30.00 26.24 -9.85
C ILE D 154 -28.53 26.67 -10.17
N PRO D 155 -27.58 25.71 -10.28
CA PRO D 155 -27.74 24.25 -10.21
C PRO D 155 -27.35 23.57 -8.91
N TYR D 156 -26.63 24.29 -8.00
CA TYR D 156 -26.07 23.70 -6.74
C TYR D 156 -27.00 23.54 -5.54
N PHE D 157 -27.96 24.44 -5.37
CA PHE D 157 -28.86 24.29 -4.24
C PHE D 157 -28.04 24.19 -2.92
N SER D 158 -27.09 25.11 -2.75
CA SER D 158 -26.29 25.17 -1.53
C SER D 158 -26.91 26.17 -0.56
N ASN D 159 -26.77 25.92 0.75
CA ASN D 159 -27.26 26.80 1.83
C ASN D 159 -26.07 27.25 2.68
N ASP D 160 -24.85 26.76 2.33
CA ASP D 160 -23.58 27.03 3.00
C ASP D 160 -23.07 28.40 2.62
N MET D 161 -22.82 29.25 3.67
CA MET D 161 -22.34 30.62 3.47
C MET D 161 -21.03 30.69 2.73
N GLY D 162 -20.12 29.78 3.05
CA GLY D 162 -18.81 29.70 2.41
C GLY D 162 -18.90 29.48 0.94
N THR D 163 -19.73 28.50 0.54
CA THR D 163 -20.01 28.15 -0.85
C THR D 163 -20.70 29.35 -1.55
N LYS D 164 -21.70 29.96 -0.90
CA LYS D 164 -22.42 31.13 -1.44
C LYS D 164 -21.43 32.29 -1.70
N ILE D 165 -20.49 32.59 -0.74
CA ILE D 165 -19.47 33.63 -0.92
C ILE D 165 -18.57 33.31 -2.15
N GLU D 166 -18.07 32.07 -2.25
CA GLU D 166 -17.24 31.62 -3.38
C GLU D 166 -18.00 31.83 -4.70
N ILE D 167 -19.25 31.33 -4.77
CA ILE D 167 -20.12 31.43 -5.95
C ILE D 167 -20.29 32.89 -6.41
N ALA D 168 -20.63 33.80 -5.46
CA ALA D 168 -20.81 35.23 -5.71
C ALA D 168 -19.52 35.86 -6.19
N GLU D 169 -18.39 35.63 -5.49
CA GLU D 169 -17.10 36.21 -5.92
C GLU D 169 -16.70 35.78 -7.35
N ARG D 170 -16.86 34.48 -7.63
CA ARG D 170 -16.56 33.88 -8.92
C ARG D 170 -17.51 34.46 -10.00
N ALA D 171 -18.79 34.73 -9.62
CA ALA D 171 -19.77 35.31 -10.52
C ALA D 171 -19.35 36.73 -10.91
N LEU D 172 -18.90 37.54 -9.94
CA LEU D 172 -18.47 38.90 -10.26
C LEU D 172 -17.20 38.89 -11.16
N GLU D 173 -16.39 37.83 -11.04
CA GLU D 173 -15.20 37.68 -11.87
C GLU D 173 -15.56 37.26 -13.28
N LYS D 174 -16.55 36.36 -13.43
CA LYS D 174 -16.88 35.80 -14.74
C LYS D 174 -18.15 36.38 -15.44
N ALA D 175 -18.84 37.38 -14.84
CA ALA D 175 -20.05 37.99 -15.39
C ALA D 175 -19.85 38.58 -16.80
N GLU D 176 -18.72 39.30 -17.01
CA GLU D 176 -18.37 39.89 -18.29
C GLU D 176 -18.20 38.82 -19.39
N GLU D 177 -17.48 37.74 -19.08
CA GLU D 177 -17.28 36.63 -20.00
C GLU D 177 -18.63 35.94 -20.32
N ALA D 178 -19.52 35.76 -19.29
CA ALA D 178 -20.84 35.16 -19.46
C ALA D 178 -21.75 36.03 -20.28
N GLY D 179 -21.85 37.31 -19.94
CA GLY D 179 -22.67 38.27 -20.65
C GLY D 179 -22.28 38.36 -22.11
N ASN D 180 -20.97 38.31 -22.38
CA ASN D 180 -20.49 38.35 -23.76
C ASN D 180 -20.87 37.12 -24.54
N LEU D 181 -20.91 35.96 -23.87
CA LEU D 181 -21.38 34.71 -24.49
C LEU D 181 -22.87 34.82 -24.89
N MET D 182 -23.68 35.36 -23.98
CA MET D 182 -25.10 35.58 -24.20
C MET D 182 -25.32 36.58 -25.34
N LEU D 183 -24.44 37.62 -25.48
CA LEU D 183 -24.56 38.58 -26.59
C LEU D 183 -24.36 37.89 -27.93
N GLN D 184 -23.61 36.76 -27.95
CA GLN D 184 -23.32 35.93 -29.12
C GLN D 184 -24.36 34.78 -29.30
N GLY D 185 -25.38 34.78 -28.42
CA GLY D 185 -26.43 33.77 -28.39
C GLY D 185 -25.97 32.45 -27.83
N LYS D 186 -24.78 32.43 -27.16
CA LYS D 186 -24.21 31.22 -26.55
C LYS D 186 -24.69 31.04 -25.11
N PHE D 187 -26.03 30.90 -24.91
CA PHE D 187 -26.61 30.77 -23.56
C PHE D 187 -26.17 29.49 -22.87
N ASP D 188 -26.12 28.38 -23.63
CA ASP D 188 -25.72 27.06 -23.10
C ASP D 188 -24.29 27.10 -22.57
N ASP D 189 -23.38 27.75 -23.31
CA ASP D 189 -21.99 27.91 -22.90
C ASP D 189 -21.92 28.74 -21.65
N ALA D 190 -22.69 29.87 -21.60
CA ALA D 190 -22.70 30.75 -20.43
C ALA D 190 -23.16 30.00 -19.21
N TYR D 191 -24.17 29.13 -19.34
CA TYR D 191 -24.71 28.35 -18.23
C TYR D 191 -23.73 27.24 -17.83
N GLN D 192 -23.21 26.47 -18.80
CA GLN D 192 -22.28 25.37 -18.54
C GLN D 192 -21.00 25.80 -17.85
N LEU D 193 -20.46 26.92 -18.28
CA LEU D 193 -19.21 27.48 -17.76
C LEU D 193 -19.40 28.23 -16.51
N HIS D 194 -20.44 29.06 -16.44
CA HIS D 194 -20.58 29.99 -15.32
C HIS D 194 -21.85 29.92 -14.52
N GLN D 195 -22.71 28.92 -14.84
CA GLN D 195 -23.98 28.65 -14.15
C GLN D 195 -24.92 29.89 -14.20
N MET D 196 -24.75 30.74 -15.25
CA MET D 196 -25.54 31.95 -15.47
C MET D 196 -26.54 31.65 -16.57
N GLY D 197 -27.76 31.39 -16.14
CA GLY D 197 -28.84 30.97 -17.01
C GLY D 197 -29.62 29.84 -16.38
N GLY D 198 -30.15 28.94 -17.19
CA GLY D 198 -30.92 27.80 -16.69
C GLY D 198 -32.39 28.13 -16.53
N ALA D 199 -32.84 28.26 -15.29
CA ALA D 199 -34.24 28.57 -14.98
C ALA D 199 -34.40 29.02 -13.55
N TYR D 200 -35.64 29.51 -13.25
CA TYR D 200 -36.07 29.86 -11.91
C TYR D 200 -36.63 28.54 -11.35
N TYR D 201 -36.50 28.32 -10.06
CA TYR D 201 -36.99 27.13 -9.43
C TYR D 201 -38.26 27.55 -8.69
N VAL D 202 -39.40 26.99 -9.11
CA VAL D 202 -40.69 27.35 -8.53
C VAL D 202 -41.00 26.59 -7.26
N VAL D 203 -41.22 27.34 -6.18
CA VAL D 203 -41.66 26.78 -4.90
C VAL D 203 -42.98 27.39 -4.58
N TYR D 204 -43.83 26.65 -3.85
CA TYR D 204 -45.12 27.21 -3.50
C TYR D 204 -45.13 27.56 -2.05
N ARG D 205 -45.27 28.85 -1.80
CA ARG D 205 -45.33 29.45 -0.49
C ARG D 205 -46.79 29.56 -0.02
N ALA D 206 -46.99 29.62 1.32
CA ALA D 206 -48.29 29.88 1.93
C ALA D 206 -48.57 31.40 2.04
N GLN D 207 -49.87 31.78 1.99
CA GLN D 207 -50.45 33.06 2.38
C GLN D 207 -51.42 32.52 3.46
N SER D 208 -50.85 32.40 4.64
CA SER D 208 -51.45 31.80 5.83
C SER D 208 -52.89 32.23 6.21
N THR D 209 -53.26 33.43 5.79
CA THR D 209 -54.56 34.06 5.97
C THR D 209 -55.06 34.61 4.64
N ASP D 210 -56.31 34.37 4.35
CA ASP D 210 -57.03 34.82 3.15
C ASP D 210 -58.50 35.11 3.56
N ALA D 211 -59.28 35.76 2.72
CA ALA D 211 -60.69 36.05 3.02
C ALA D 211 -61.60 34.84 3.28
N ILE D 212 -62.40 34.98 4.36
CA ILE D 212 -63.41 34.02 4.85
C ILE D 212 -64.60 34.92 5.25
N THR D 213 -65.83 34.48 4.91
CA THR D 213 -67.07 35.22 5.26
C THR D 213 -68.06 34.26 5.91
N LEU D 214 -68.91 34.78 6.79
CA LEU D 214 -69.92 33.94 7.44
C LEU D 214 -71.27 34.26 6.83
N ASP D 215 -71.89 33.27 6.13
CA ASP D 215 -73.22 33.46 5.52
C ASP D 215 -74.30 33.51 6.62
N PRO D 216 -74.98 34.67 6.81
CA PRO D 216 -75.96 34.77 7.92
C PRO D 216 -77.16 33.84 7.76
N LYS D 217 -77.61 33.59 6.50
CA LYS D 217 -78.74 32.71 6.19
C LYS D 217 -78.44 31.25 6.54
N THR D 218 -77.26 30.74 6.14
CA THR D 218 -76.84 29.35 6.37
C THR D 218 -76.11 29.08 7.72
N GLY D 219 -75.37 30.09 8.21
CA GLY D 219 -74.52 30.00 9.39
C GLY D 219 -73.21 29.28 9.08
N LYS D 220 -72.94 29.07 7.77
CA LYS D 220 -71.77 28.37 7.22
C LYS D 220 -70.73 29.36 6.69
N PHE D 221 -69.46 29.00 6.89
CA PHE D 221 -68.38 29.86 6.42
C PHE D 221 -68.09 29.60 4.95
N VAL D 222 -67.67 30.66 4.24
CA VAL D 222 -67.34 30.58 2.82
C VAL D 222 -65.92 31.14 2.61
N SER D 223 -65.03 30.32 2.02
CA SER D 223 -63.69 30.78 1.72
C SER D 223 -63.68 31.48 0.35
N LYS D 224 -62.80 32.49 0.19
CA LYS D 224 -62.62 33.22 -1.07
C LYS D 224 -62.03 32.28 -2.11
N ASP D 225 -62.69 32.12 -3.26
CA ASP D 225 -62.23 31.29 -4.38
C ASP D 225 -60.94 31.87 -4.96
N ARG D 226 -59.90 31.01 -5.13
CA ARG D 226 -58.64 31.42 -5.72
C ARG D 226 -58.44 30.72 -7.04
N MET D 227 -58.43 31.49 -8.13
CA MET D 227 -58.31 30.96 -9.48
C MET D 227 -56.91 30.47 -9.81
N VAL D 228 -56.84 29.25 -10.32
CA VAL D 228 -55.57 28.63 -10.69
C VAL D 228 -55.58 28.17 -12.15
N ALA D 229 -54.39 28.22 -12.81
CA ALA D 229 -54.20 27.79 -14.18
C ALA D 229 -53.69 26.38 -14.17
N ASP D 230 -54.26 25.55 -15.08
CA ASP D 230 -53.76 24.19 -15.27
C ASP D 230 -52.52 24.28 -16.19
N PHE D 231 -51.80 23.19 -16.42
CA PHE D 231 -50.63 23.22 -17.29
C PHE D 231 -50.92 23.78 -18.69
N GLU D 232 -52.03 23.34 -19.34
CA GLU D 232 -52.37 23.82 -20.68
C GLU D 232 -52.55 25.33 -20.73
N TYR D 233 -53.27 25.91 -19.75
CA TYR D 233 -53.51 27.33 -19.68
C TYR D 233 -52.16 28.10 -19.55
N ALA D 234 -51.24 27.62 -18.68
CA ALA D 234 -49.93 28.22 -18.42
C ALA D 234 -49.03 28.23 -19.64
N VAL D 235 -48.94 27.10 -20.40
CA VAL D 235 -48.12 27.04 -21.63
C VAL D 235 -48.64 27.87 -22.80
N THR D 236 -49.95 27.95 -22.90
CA THR D 236 -50.62 28.68 -23.98
C THR D 236 -50.95 30.14 -23.63
N GLY D 237 -50.46 30.62 -22.49
CA GLY D 237 -50.75 32.00 -22.08
C GLY D 237 -52.23 32.28 -21.93
N GLY D 238 -53.02 31.21 -21.73
CA GLY D 238 -54.47 31.28 -21.52
C GLY D 238 -55.30 31.06 -22.75
N GLU D 239 -54.64 30.77 -23.91
CA GLU D 239 -55.32 30.50 -25.19
C GLU D 239 -56.14 29.21 -25.05
N GLN D 240 -55.56 28.19 -24.43
CA GLN D 240 -56.19 26.88 -24.21
C GLN D 240 -56.20 26.56 -22.73
N GLY D 241 -56.63 25.36 -22.38
CA GLY D 241 -56.71 24.96 -20.98
C GLY D 241 -57.74 25.74 -20.16
N SER D 242 -57.70 25.56 -18.84
CA SER D 242 -58.66 26.23 -17.96
C SER D 242 -58.09 26.92 -16.72
N LEU D 243 -58.79 27.97 -16.30
CA LEU D 243 -58.57 28.78 -15.13
C LEU D 243 -59.76 28.46 -14.23
N PHE D 244 -59.54 27.85 -13.07
CA PHE D 244 -60.62 27.38 -12.19
C PHE D 244 -60.28 27.61 -10.74
N ALA D 245 -61.29 27.51 -9.86
CA ALA D 245 -61.08 27.71 -8.42
C ALA D 245 -60.35 26.50 -7.82
N ALA D 246 -59.31 26.78 -7.02
CA ALA D 246 -58.58 25.72 -6.33
C ALA D 246 -59.44 25.29 -5.15
N SER D 247 -59.31 24.02 -4.71
CA SER D 247 -60.10 23.52 -3.59
C SER D 247 -59.47 23.80 -2.21
N LYS D 248 -60.17 24.59 -1.38
CA LYS D 248 -59.76 24.95 -0.02
C LYS D 248 -60.43 24.08 1.03
N ASP D 249 -61.21 23.08 0.59
CA ASP D 249 -61.97 22.18 1.46
C ASP D 249 -61.01 21.34 2.28
N ALA D 250 -61.09 21.44 3.62
CA ALA D 250 -60.21 20.75 4.57
C ALA D 250 -60.73 19.44 5.12
N SER D 251 -61.94 18.99 4.68
CA SER D 251 -62.58 17.73 5.14
C SER D 251 -61.67 16.53 4.93
N ARG D 252 -60.90 16.60 3.82
CA ARG D 252 -59.96 15.59 3.39
C ARG D 252 -58.95 15.18 4.45
N LEU D 253 -58.58 16.16 5.31
CA LEU D 253 -57.59 15.97 6.40
C LEU D 253 -58.02 14.96 7.42
N LYS D 254 -59.34 14.77 7.60
CA LYS D 254 -59.85 13.76 8.53
C LYS D 254 -59.58 12.39 7.95
N GLU D 255 -60.00 12.16 6.71
CA GLU D 255 -59.81 10.88 6.05
C GLU D 255 -58.33 10.51 5.83
N GLN D 256 -57.54 11.45 5.27
CA GLN D 256 -56.13 11.23 4.93
C GLN D 256 -55.20 11.17 6.12
N TYR D 257 -55.43 11.99 7.15
CA TYR D 257 -54.48 12.14 8.24
C TYR D 257 -55.00 11.91 9.63
N GLY D 258 -56.31 11.69 9.75
CA GLY D 258 -56.96 11.52 11.05
C GLY D 258 -56.99 12.79 11.87
N ILE D 259 -57.03 13.97 11.18
CA ILE D 259 -57.04 15.28 11.83
C ILE D 259 -58.48 15.74 11.95
N ASP D 260 -58.94 16.05 13.19
CA ASP D 260 -60.28 16.59 13.36
C ASP D 260 -60.30 18.05 12.82
N VAL D 261 -61.18 18.28 11.83
CA VAL D 261 -61.34 19.56 11.16
C VAL D 261 -62.61 20.21 11.71
N PRO D 262 -62.51 21.29 12.50
CA PRO D 262 -63.73 21.97 12.94
C PRO D 262 -64.44 22.63 11.75
N ASP D 263 -65.69 23.03 11.95
CA ASP D 263 -66.46 23.69 10.91
C ASP D 263 -65.87 25.07 10.64
N GLY D 264 -65.82 25.42 9.36
CA GLY D 264 -65.35 26.73 8.92
C GLY D 264 -63.85 26.95 8.96
N PHE D 265 -63.09 25.87 8.83
CA PHE D 265 -61.63 25.90 8.76
C PHE D 265 -61.22 25.38 7.38
N PHE D 266 -60.31 26.09 6.70
CA PHE D 266 -59.95 25.79 5.33
C PHE D 266 -58.48 25.56 5.09
N CYS D 267 -58.16 25.02 3.90
CA CYS D 267 -56.81 24.87 3.44
C CYS D 267 -56.25 26.23 2.99
N GLU D 268 -54.93 26.44 3.18
CA GLU D 268 -54.26 27.71 2.88
C GLU D 268 -54.14 28.05 1.41
N ARG D 269 -54.19 29.36 1.13
CA ARG D 269 -53.91 29.89 -0.20
C ARG D 269 -52.41 29.65 -0.46
N ARG D 270 -52.09 29.19 -1.67
CA ARG D 270 -50.70 28.93 -2.02
C ARG D 270 -50.30 29.82 -3.18
N ARG D 271 -49.17 30.52 -3.02
CA ARG D 271 -48.64 31.47 -3.99
C ARG D 271 -47.32 30.97 -4.54
N THR D 272 -47.08 31.26 -5.80
CA THR D 272 -45.82 30.78 -6.36
C THR D 272 -44.73 31.77 -5.96
N ALA D 273 -43.54 31.23 -5.66
CA ALA D 273 -42.32 31.95 -5.30
C ALA D 273 -41.28 31.34 -6.23
N MET D 274 -40.35 32.15 -6.76
CA MET D 274 -39.32 31.67 -7.67
C MET D 274 -37.92 31.96 -7.12
N GLY D 275 -37.07 30.95 -7.13
CA GLY D 275 -35.68 31.13 -6.71
C GLY D 275 -34.77 31.24 -7.92
N GLY D 276 -34.02 32.34 -8.01
CA GLY D 276 -33.14 32.56 -9.13
C GLY D 276 -31.87 31.74 -9.07
N PRO D 277 -31.24 31.46 -10.24
CA PRO D 277 -29.89 30.84 -10.23
C PRO D 277 -28.87 31.87 -9.62
N PHE D 278 -28.30 31.58 -8.46
CA PHE D 278 -27.43 32.52 -7.74
C PHE D 278 -26.27 33.16 -8.48
N ALA D 279 -25.59 32.42 -9.38
CA ALA D 279 -24.46 32.95 -10.17
C ALA D 279 -24.96 34.09 -11.06
N LEU D 280 -26.24 34.05 -11.53
CA LEU D 280 -26.79 35.11 -12.37
C LEU D 280 -27.26 36.28 -11.52
N ASN D 281 -27.74 36.00 -10.33
CA ASN D 281 -28.27 37.00 -9.39
C ASN D 281 -27.20 37.86 -8.76
N ALA D 282 -26.03 37.26 -8.40
CA ALA D 282 -24.92 37.97 -7.77
C ALA D 282 -24.53 39.25 -8.58
N PRO D 283 -24.20 39.18 -9.90
CA PRO D 283 -23.90 40.44 -10.63
C PRO D 283 -25.01 41.48 -10.64
N ILE D 284 -26.27 41.03 -10.59
CA ILE D 284 -27.46 41.90 -10.60
C ILE D 284 -27.61 42.57 -9.22
N MET D 285 -27.48 41.80 -8.15
CA MET D 285 -27.58 42.34 -6.78
C MET D 285 -26.48 43.38 -6.48
N ALA D 286 -25.27 43.18 -7.08
CA ALA D 286 -24.13 44.09 -6.97
C ALA D 286 -24.45 45.51 -7.50
N VAL D 287 -25.47 45.65 -8.35
CA VAL D 287 -25.94 46.94 -8.89
C VAL D 287 -27.25 47.34 -8.18
N ALA D 288 -28.13 46.35 -7.90
CA ALA D 288 -29.42 46.59 -7.25
C ALA D 288 -29.29 47.26 -5.89
N GLN D 289 -28.31 46.81 -5.07
CA GLN D 289 -28.10 47.42 -3.76
C GLN D 289 -27.69 48.92 -3.82
N PRO D 290 -26.67 49.38 -4.58
CA PRO D 290 -26.43 50.83 -4.63
C PRO D 290 -27.66 51.59 -5.19
N VAL D 291 -28.39 50.99 -6.16
CA VAL D 291 -29.63 51.64 -6.65
C VAL D 291 -30.57 51.93 -5.47
N ARG D 292 -30.81 50.91 -4.61
CA ARG D 292 -31.68 51.02 -3.43
C ARG D 292 -31.22 52.11 -2.51
N ASN D 293 -29.88 52.15 -2.25
CA ASN D 293 -29.26 53.15 -1.39
C ASN D 293 -29.49 54.53 -1.93
N LYS D 294 -29.40 54.72 -3.27
CA LYS D 294 -29.70 56.02 -3.89
C LYS D 294 -31.16 56.45 -3.70
N ILE D 295 -32.10 55.59 -4.13
CA ILE D 295 -33.52 55.89 -4.03
C ILE D 295 -34.01 56.05 -2.60
N TYR D 296 -33.43 55.33 -1.61
CA TYR D 296 -33.87 55.47 -0.21
C TYR D 296 -33.24 56.65 0.48
N SER D 297 -32.20 57.24 -0.15
CA SER D 297 -31.53 58.42 0.38
C SER D 297 -32.05 59.66 -0.38
N LYS D 298 -31.59 59.90 -1.65
CA LYS D 298 -32.01 61.05 -2.47
C LYS D 298 -33.52 61.15 -2.63
N TYR D 299 -34.17 59.98 -2.84
CA TYR D 299 -35.62 59.96 -3.07
C TYR D 299 -36.41 59.38 -1.93
N ALA D 300 -35.86 59.54 -0.70
CA ALA D 300 -36.46 59.08 0.55
C ALA D 300 -37.90 59.50 0.75
N TYR D 301 -38.32 60.64 0.21
CA TYR D 301 -39.70 61.08 0.37
C TYR D 301 -40.65 60.05 -0.18
N THR D 302 -40.45 59.67 -1.44
CA THR D 302 -41.34 58.73 -2.11
C THR D 302 -41.07 57.28 -1.75
N PHE D 303 -39.77 56.93 -1.55
CA PHE D 303 -39.30 55.55 -1.41
C PHE D 303 -38.90 54.96 -0.06
N HIS D 304 -38.42 55.80 0.89
CA HIS D 304 -37.98 55.35 2.22
C HIS D 304 -39.02 55.46 3.31
N HIS D 305 -39.59 54.28 3.67
CA HIS D 305 -40.66 54.14 4.66
C HIS D 305 -40.27 53.25 5.83
N THR D 306 -40.36 53.84 7.04
CA THR D 306 -39.99 53.17 8.27
C THR D 306 -41.17 53.03 9.24
N THR D 307 -41.40 54.04 10.10
CA THR D 307 -42.42 54.00 11.15
C THR D 307 -43.71 54.64 10.72
N ARG D 308 -44.77 54.41 11.50
CA ARG D 308 -46.08 55.01 11.29
C ARG D 308 -46.00 56.56 11.35
N LEU D 309 -45.07 57.08 12.18
CA LEU D 309 -44.89 58.52 12.33
C LEU D 309 -44.11 59.12 11.17
N ASN D 310 -43.15 58.35 10.63
CA ASN D 310 -42.37 58.71 9.45
C ASN D 310 -43.34 58.97 8.26
N LYS D 311 -44.34 58.08 8.10
CA LYS D 311 -45.38 58.12 7.07
C LYS D 311 -46.36 59.28 7.34
N GLU D 312 -46.77 59.42 8.62
CA GLU D 312 -47.72 60.43 9.09
C GLU D 312 -47.29 61.85 8.79
N GLU D 313 -46.00 62.17 9.02
CA GLU D 313 -45.45 63.49 8.73
C GLU D 313 -45.68 63.92 7.29
N LYS D 314 -45.52 63.00 6.31
CA LYS D 314 -45.70 63.30 4.88
C LYS D 314 -47.16 63.53 4.51
N VAL D 315 -48.01 62.54 4.87
CA VAL D 315 -49.44 62.48 4.58
C VAL D 315 -50.24 63.65 5.20
N LYS D 316 -49.89 64.08 6.45
CA LYS D 316 -50.57 65.16 7.17
C LYS D 316 -50.57 66.48 6.40
N GLU D 317 -49.54 66.72 5.56
CA GLU D 317 -49.38 67.93 4.74
C GLU D 317 -50.25 67.91 3.45
N TRP D 318 -50.89 66.79 3.16
CA TRP D 318 -51.68 66.62 1.94
C TRP D 318 -53.10 67.06 2.17
N SER D 319 -53.71 67.62 1.11
CA SER D 319 -55.11 68.00 1.15
C SER D 319 -55.99 66.76 0.82
N LEU D 320 -55.44 65.84 -0.02
CA LEU D 320 -56.10 64.59 -0.43
C LEU D 320 -55.13 63.44 -0.45
N CYS D 321 -55.56 62.30 0.11
CA CYS D 321 -54.78 61.05 0.13
C CYS D 321 -55.62 59.92 -0.48
N VAL D 322 -55.10 59.33 -1.55
CA VAL D 322 -55.76 58.25 -2.30
C VAL D 322 -54.91 56.98 -2.17
N ALA D 323 -55.46 55.97 -1.49
CA ALA D 323 -54.81 54.69 -1.29
C ALA D 323 -55.24 53.74 -2.41
N THR D 324 -54.32 53.53 -3.35
CA THR D 324 -54.50 52.69 -4.55
C THR D 324 -54.28 51.22 -4.28
N ASP D 325 -54.82 50.39 -5.22
CA ASP D 325 -54.76 48.93 -5.29
C ASP D 325 -54.45 48.49 -6.73
N VAL D 326 -53.42 47.63 -6.90
CA VAL D 326 -53.08 47.04 -8.20
C VAL D 326 -53.46 45.56 -8.23
N SER D 327 -54.11 45.17 -9.34
CA SER D 327 -54.49 43.78 -9.56
C SER D 327 -53.29 43.00 -10.12
N ASP D 328 -52.92 41.89 -9.44
CA ASP D 328 -51.88 40.94 -9.84
C ASP D 328 -50.63 41.58 -10.46
N HIS D 329 -49.99 42.45 -9.70
CA HIS D 329 -48.83 43.22 -10.09
C HIS D 329 -47.71 42.45 -10.79
N ASP D 330 -47.24 41.33 -10.22
CA ASP D 330 -46.12 40.58 -10.78
C ASP D 330 -46.42 39.84 -12.08
N THR D 331 -47.63 39.29 -12.21
CA THR D 331 -48.01 38.51 -13.39
C THR D 331 -48.34 39.42 -14.55
N PHE D 332 -48.76 40.69 -14.27
CA PHE D 332 -49.08 41.69 -15.30
C PHE D 332 -47.89 42.56 -15.70
N TRP D 333 -46.78 42.52 -14.91
CA TRP D 333 -45.59 43.33 -15.16
C TRP D 333 -45.13 43.14 -16.60
N PRO D 334 -44.99 44.25 -17.38
CA PRO D 334 -44.69 44.14 -18.82
C PRO D 334 -43.26 43.92 -19.27
N GLY D 335 -43.08 42.95 -20.18
CA GLY D 335 -41.78 42.71 -20.82
C GLY D 335 -41.27 43.90 -21.59
N TRP D 336 -42.19 44.77 -22.10
CA TRP D 336 -41.77 45.94 -22.83
C TRP D 336 -41.01 46.90 -21.90
N LEU D 337 -41.30 46.86 -20.59
CA LEU D 337 -40.58 47.68 -19.63
C LEU D 337 -39.14 47.14 -19.45
N ARG D 338 -38.96 45.81 -19.40
CA ARG D 338 -37.65 45.19 -19.30
C ARG D 338 -36.81 45.69 -20.49
N ASP D 339 -37.40 45.66 -21.72
CA ASP D 339 -36.69 46.09 -22.92
C ASP D 339 -36.38 47.58 -22.95
N LEU D 340 -37.32 48.41 -22.43
CA LEU D 340 -37.13 49.86 -22.38
C LEU D 340 -36.00 50.19 -21.36
N ILE D 341 -36.00 49.49 -20.20
CA ILE D 341 -34.99 49.67 -19.15
C ILE D 341 -33.61 49.35 -19.72
N CYS D 342 -33.50 48.19 -20.38
CA CYS D 342 -32.26 47.73 -21.00
C CYS D 342 -31.75 48.73 -22.06
N ASP D 343 -32.65 49.22 -22.94
CA ASP D 343 -32.33 50.20 -23.96
C ASP D 343 -31.81 51.49 -23.33
N GLU D 344 -32.48 52.01 -22.27
CA GLU D 344 -32.01 53.21 -21.62
C GLU D 344 -30.68 53.04 -20.89
N LEU D 345 -30.47 51.87 -20.30
CA LEU D 345 -29.22 51.58 -19.58
C LEU D 345 -28.07 51.59 -20.56
N LEU D 346 -28.30 50.99 -21.75
CA LEU D 346 -27.30 50.99 -22.83
C LEU D 346 -26.96 52.42 -23.24
N ASN D 347 -27.99 53.31 -23.36
CA ASN D 347 -27.85 54.73 -23.73
C ASN D 347 -27.07 55.49 -22.70
N MET D 348 -27.25 55.14 -21.43
CA MET D 348 -26.55 55.76 -20.29
C MET D 348 -25.06 55.44 -20.29
N GLY D 349 -24.70 54.34 -20.95
CA GLY D 349 -23.33 53.88 -21.05
C GLY D 349 -22.96 52.67 -20.22
N TYR D 350 -23.99 51.92 -19.69
CA TYR D 350 -23.81 50.69 -18.92
C TYR D 350 -23.18 49.64 -19.83
N ALA D 351 -22.33 48.76 -19.24
CA ALA D 351 -21.63 47.69 -19.94
C ALA D 351 -22.64 46.79 -20.66
N PRO D 352 -22.54 46.63 -21.99
CA PRO D 352 -23.52 45.79 -22.72
C PRO D 352 -23.66 44.37 -22.21
N TRP D 353 -22.54 43.77 -21.74
CA TRP D 353 -22.54 42.41 -21.19
C TRP D 353 -23.40 42.34 -19.94
N TRP D 354 -23.35 43.38 -19.08
CA TRP D 354 -24.16 43.44 -17.86
C TRP D 354 -25.65 43.58 -18.20
N VAL D 355 -25.96 44.48 -19.15
CA VAL D 355 -27.34 44.72 -19.57
C VAL D 355 -27.93 43.40 -20.16
N LYS D 356 -27.12 42.62 -20.92
CA LYS D 356 -27.59 41.33 -21.43
C LYS D 356 -27.92 40.33 -20.29
N LEU D 357 -27.11 40.32 -19.19
CA LEU D 357 -27.32 39.45 -18.04
C LEU D 357 -28.63 39.83 -17.39
N PHE D 358 -28.83 41.15 -17.23
CA PHE D 358 -30.04 41.72 -16.63
C PHE D 358 -31.32 41.37 -17.43
N GLU D 359 -31.28 41.60 -18.76
CA GLU D 359 -32.36 41.28 -19.71
C GLU D 359 -32.67 39.78 -19.61
N THR D 360 -31.62 38.93 -19.65
CA THR D 360 -31.76 37.47 -19.59
C THR D 360 -32.46 36.99 -18.35
N SER D 361 -32.14 37.60 -17.19
CA SER D 361 -32.75 37.25 -15.90
C SER D 361 -34.30 37.48 -15.94
N LEU D 362 -34.77 38.33 -16.88
CA LEU D 362 -36.18 38.67 -16.96
C LEU D 362 -36.93 37.94 -18.13
N LYS D 363 -36.23 36.99 -18.78
CA LYS D 363 -36.79 36.18 -19.89
C LYS D 363 -36.60 34.69 -19.62
N LEU D 364 -36.06 34.37 -18.45
CA LEU D 364 -35.67 33.04 -18.11
C LEU D 364 -36.80 32.01 -17.98
N PRO D 365 -36.54 30.74 -18.45
CA PRO D 365 -37.48 29.63 -18.22
C PRO D 365 -37.77 29.39 -16.74
N VAL D 366 -38.74 28.48 -16.40
CA VAL D 366 -39.12 28.19 -15.00
C VAL D 366 -39.33 26.70 -14.78
N TYR D 367 -38.76 26.16 -13.71
CA TYR D 367 -38.90 24.76 -13.37
C TYR D 367 -40.02 24.62 -12.33
N VAL D 368 -41.06 23.87 -12.69
CA VAL D 368 -42.21 23.70 -11.83
C VAL D 368 -42.06 22.49 -10.95
N GLY D 369 -42.09 22.74 -9.64
CA GLY D 369 -41.94 21.72 -8.61
C GLY D 369 -43.14 20.80 -8.49
N ALA D 370 -43.92 21.00 -7.43
CA ALA D 370 -45.09 20.20 -7.18
C ALA D 370 -46.32 21.04 -6.79
N PRO D 371 -47.14 21.46 -7.80
CA PRO D 371 -48.35 22.24 -7.50
C PRO D 371 -49.43 21.44 -6.76
N ALA D 372 -49.45 20.11 -6.98
CA ALA D 372 -50.41 19.17 -6.44
C ALA D 372 -49.83 17.76 -6.45
N PRO D 373 -50.44 16.76 -5.75
CA PRO D 373 -49.92 15.37 -5.86
C PRO D 373 -50.02 14.90 -7.31
N GLU D 374 -49.06 14.06 -7.76
CA GLU D 374 -49.02 13.55 -9.13
C GLU D 374 -48.87 14.65 -10.28
N GLN D 375 -48.44 15.89 -9.94
CA GLN D 375 -48.24 16.98 -10.90
C GLN D 375 -46.91 17.72 -10.68
N GLY D 376 -46.42 18.37 -11.73
CA GLY D 376 -45.20 19.16 -11.70
C GLY D 376 -44.02 18.52 -12.34
N HIS D 377 -42.82 18.78 -11.82
CA HIS D 377 -41.54 18.24 -12.32
C HIS D 377 -41.41 18.44 -13.81
N THR D 378 -41.64 19.70 -14.24
CA THR D 378 -41.62 20.10 -15.64
C THR D 378 -40.92 21.45 -15.79
N LEU D 379 -40.06 21.53 -16.80
CA LEU D 379 -39.40 22.78 -17.13
C LEU D 379 -40.23 23.46 -18.21
N LEU D 380 -40.59 24.75 -18.03
CA LEU D 380 -41.31 25.53 -19.01
C LEU D 380 -40.32 26.51 -19.62
N GLY D 381 -40.17 26.47 -20.94
CA GLY D 381 -39.23 27.34 -21.65
C GLY D 381 -37.92 26.64 -21.90
N ASP D 382 -37.21 27.07 -22.97
CA ASP D 382 -35.93 26.46 -23.38
C ASP D 382 -34.77 27.31 -22.88
N PRO D 383 -33.90 26.80 -21.97
CA PRO D 383 -32.80 27.63 -21.47
C PRO D 383 -31.76 28.01 -22.50
N SER D 384 -31.77 27.35 -23.68
CA SER D 384 -30.85 27.59 -24.81
C SER D 384 -31.14 28.96 -25.46
N ASN D 385 -32.40 29.42 -25.35
CA ASN D 385 -32.82 30.70 -25.86
C ASN D 385 -33.92 31.29 -24.98
N PRO D 386 -33.53 31.93 -23.84
CA PRO D 386 -34.53 32.53 -22.94
C PRO D 386 -35.50 33.47 -23.64
N ASP D 387 -36.81 33.12 -23.62
CA ASP D 387 -37.85 33.90 -24.30
C ASP D 387 -39.21 33.98 -23.58
N LEU D 388 -39.24 33.64 -22.27
CA LEU D 388 -40.48 33.70 -21.47
C LEU D 388 -40.91 35.14 -21.14
N GLU D 389 -42.22 35.31 -20.92
CA GLU D 389 -42.88 36.57 -20.57
C GLU D 389 -43.76 36.31 -19.33
N VAL D 390 -43.16 35.77 -18.24
CA VAL D 390 -43.86 35.43 -16.99
C VAL D 390 -44.31 36.67 -16.20
N GLY D 391 -43.78 37.84 -16.56
CA GLY D 391 -43.97 39.09 -15.84
C GLY D 391 -42.75 39.30 -14.98
N LEU D 392 -42.92 39.54 -13.68
CA LEU D 392 -41.79 39.77 -12.79
C LEU D 392 -41.55 38.51 -11.94
N SER D 393 -40.35 37.90 -11.97
CA SER D 393 -40.05 36.67 -11.19
C SER D 393 -39.57 37.10 -9.85
N SER D 394 -40.23 36.64 -8.78
CA SER D 394 -39.92 36.99 -7.40
C SER D 394 -38.45 36.84 -6.95
N GLY D 395 -37.73 35.90 -7.53
CA GLY D 395 -36.33 35.68 -7.18
C GLY D 395 -35.30 36.37 -8.04
N GLN D 396 -35.71 37.25 -9.00
CA GLN D 396 -34.76 38.05 -9.80
C GLN D 396 -34.09 39.04 -8.81
N GLY D 397 -32.82 39.35 -9.01
CA GLY D 397 -32.03 40.18 -8.09
C GLY D 397 -32.48 41.59 -7.79
N ALA D 398 -33.33 42.18 -8.67
CA ALA D 398 -33.82 43.55 -8.57
C ALA D 398 -35.32 43.65 -8.66
N THR D 399 -36.09 42.59 -8.37
CA THR D 399 -37.56 42.61 -8.48
C THR D 399 -38.25 43.83 -7.85
N ASP D 400 -37.83 44.17 -6.60
CA ASP D 400 -38.41 45.30 -5.88
C ASP D 400 -38.27 46.55 -6.72
N LEU D 401 -37.08 46.78 -7.32
CA LEU D 401 -36.82 47.92 -8.19
C LEU D 401 -37.62 47.87 -9.50
N MET D 402 -37.86 46.68 -10.02
CA MET D 402 -38.67 46.45 -11.23
C MET D 402 -40.14 46.83 -11.03
N GLY D 403 -40.67 46.57 -9.85
CA GLY D 403 -42.03 46.98 -9.55
C GLY D 403 -42.15 48.49 -9.33
N THR D 404 -41.24 49.06 -8.49
CA THR D 404 -41.17 50.48 -8.16
C THR D 404 -41.12 51.31 -9.47
N LEU D 405 -40.10 51.05 -10.33
CA LEU D 405 -39.97 51.72 -11.64
C LEU D 405 -41.33 51.72 -12.38
N LEU D 406 -41.95 50.56 -12.63
CA LEU D 406 -43.26 50.51 -13.30
C LEU D 406 -44.33 51.33 -12.61
N MET D 407 -44.64 51.01 -11.35
CA MET D 407 -45.72 51.67 -10.63
C MET D 407 -45.52 53.14 -10.31
N SER D 408 -44.28 53.56 -9.93
CA SER D 408 -44.07 54.97 -9.59
C SER D 408 -44.48 55.90 -10.75
N ILE D 409 -44.18 55.47 -12.00
CA ILE D 409 -44.50 56.20 -13.21
C ILE D 409 -45.98 56.03 -13.55
N THR D 410 -46.48 54.80 -13.47
CA THR D 410 -47.88 54.47 -13.71
C THR D 410 -48.76 55.38 -12.87
N TYR D 411 -48.38 55.61 -11.58
CA TYR D 411 -49.11 56.50 -10.64
C TYR D 411 -48.99 57.98 -11.06
N LEU D 412 -47.79 58.43 -11.38
CA LEU D 412 -47.51 59.79 -11.81
C LEU D 412 -48.29 60.15 -13.09
N VAL D 413 -48.34 59.19 -14.05
CA VAL D 413 -49.06 59.37 -15.32
C VAL D 413 -50.55 59.52 -15.01
N MET D 414 -51.06 58.75 -14.06
CA MET D 414 -52.44 58.80 -13.64
C MET D 414 -52.76 60.17 -13.12
N GLN D 415 -51.81 60.74 -12.34
CA GLN D 415 -51.89 62.09 -11.78
C GLN D 415 -51.80 63.11 -12.94
N LEU D 416 -50.85 62.91 -13.88
CA LEU D 416 -50.74 63.84 -15.03
C LEU D 416 -51.97 63.81 -15.98
N ASP D 417 -52.54 62.64 -16.21
CA ASP D 417 -53.69 62.50 -17.06
C ASP D 417 -54.94 63.05 -16.45
N HIS D 418 -55.26 62.66 -15.21
CA HIS D 418 -56.56 63.02 -14.64
C HIS D 418 -56.61 64.24 -13.74
N THR D 419 -55.45 64.79 -13.34
CA THR D 419 -55.43 65.89 -12.38
C THR D 419 -54.51 67.06 -12.71
N ALA D 420 -53.38 66.81 -13.42
CA ALA D 420 -52.45 67.91 -13.68
C ALA D 420 -51.90 68.02 -15.06
N PRO D 421 -52.76 68.27 -16.08
CA PRO D 421 -52.27 68.47 -17.46
C PRO D 421 -51.36 69.69 -17.61
N HIS D 422 -51.49 70.66 -16.67
CA HIS D 422 -50.65 71.85 -16.63
C HIS D 422 -49.18 71.57 -16.36
N LEU D 423 -48.86 70.35 -15.94
CA LEU D 423 -47.46 69.97 -15.71
C LEU D 423 -46.82 69.34 -16.97
N ASN D 424 -47.64 68.87 -17.94
CA ASN D 424 -47.15 68.26 -19.19
C ASN D 424 -46.14 69.11 -19.92
N SER D 425 -46.26 70.46 -19.81
CA SER D 425 -45.35 71.43 -20.45
C SER D 425 -43.95 71.39 -19.87
N ARG D 426 -43.78 70.80 -18.65
CA ARG D 426 -42.49 70.64 -17.95
C ARG D 426 -41.72 69.41 -18.47
N ILE D 427 -42.41 68.56 -19.27
CA ILE D 427 -41.86 67.32 -19.79
C ILE D 427 -41.79 67.43 -21.32
N LYS D 428 -40.67 68.03 -21.81
CA LYS D 428 -40.47 68.28 -23.25
C LYS D 428 -39.38 67.43 -23.88
N ASP D 429 -38.43 66.92 -23.08
CA ASP D 429 -37.30 66.11 -23.53
C ASP D 429 -36.70 65.35 -22.35
N MET D 430 -35.61 64.61 -22.59
CA MET D 430 -34.95 63.88 -21.50
C MET D 430 -34.49 64.75 -20.32
N PRO D 431 -33.73 65.86 -20.53
CA PRO D 431 -33.30 66.69 -19.39
C PRO D 431 -34.47 67.26 -18.56
N SER D 432 -35.52 67.82 -19.21
CA SER D 432 -36.70 68.35 -18.53
C SER D 432 -37.48 67.24 -17.82
N ALA D 433 -37.54 66.03 -18.43
CA ALA D 433 -38.22 64.90 -17.81
C ALA D 433 -37.49 64.48 -16.54
N CYS D 434 -36.15 64.32 -16.58
CA CYS D 434 -35.35 64.03 -15.40
C CYS D 434 -35.54 65.10 -14.31
N ARG D 435 -35.44 66.41 -14.67
CA ARG D 435 -35.62 67.53 -13.72
C ARG D 435 -36.99 67.46 -13.00
N PHE D 436 -38.05 67.20 -13.81
CA PHE D 436 -39.40 67.09 -13.29
C PHE D 436 -39.53 65.93 -12.30
N LEU D 437 -39.12 64.74 -12.70
CA LEU D 437 -39.23 63.55 -11.88
C LEU D 437 -38.39 63.65 -10.63
N ASP D 438 -37.17 64.24 -10.73
CA ASP D 438 -36.29 64.46 -9.58
C ASP D 438 -36.99 65.33 -8.52
N SER D 439 -37.74 66.34 -8.98
CA SER D 439 -38.51 67.25 -8.12
C SER D 439 -39.71 66.52 -7.50
N TYR D 440 -40.44 65.74 -8.34
CA TYR D 440 -41.61 64.99 -7.96
C TYR D 440 -41.28 63.93 -6.90
N TRP D 441 -40.22 63.15 -7.15
CA TRP D 441 -39.78 62.09 -6.24
C TRP D 441 -39.30 62.65 -4.87
N GLN D 442 -38.84 63.93 -4.82
CA GLN D 442 -38.41 64.57 -3.59
C GLN D 442 -39.60 65.19 -2.82
N GLY D 443 -40.82 65.06 -3.36
CA GLY D 443 -42.04 65.61 -2.77
C GLY D 443 -42.17 67.13 -2.93
N HIS D 444 -41.50 67.70 -3.95
CA HIS D 444 -41.51 69.15 -4.20
C HIS D 444 -42.60 69.66 -5.12
N GLU D 445 -43.48 68.79 -5.65
CA GLU D 445 -44.56 69.22 -6.54
C GLU D 445 -45.90 69.19 -5.82
N GLU D 446 -46.97 69.72 -6.47
CA GLU D 446 -48.32 69.77 -5.87
C GLU D 446 -48.96 68.42 -5.84
N ILE D 447 -48.42 67.52 -6.68
CA ILE D 447 -48.77 66.12 -6.78
C ILE D 447 -47.61 65.31 -6.17
N ARG D 448 -47.99 64.42 -5.26
CA ARG D 448 -47.03 63.62 -4.52
C ARG D 448 -47.41 62.14 -4.43
N GLN D 449 -46.44 61.32 -4.00
CA GLN D 449 -46.69 59.90 -3.75
C GLN D 449 -45.71 59.30 -2.73
N ILE D 450 -46.14 58.26 -2.05
CA ILE D 450 -45.34 57.42 -1.20
C ILE D 450 -45.65 56.03 -1.72
N SER D 451 -44.64 55.31 -2.16
CA SER D 451 -44.86 53.99 -2.73
C SER D 451 -43.74 52.99 -2.47
N LYS D 452 -44.08 51.72 -2.73
CA LYS D 452 -43.22 50.53 -2.76
C LYS D 452 -44.02 49.49 -3.57
N SER D 453 -43.62 49.29 -4.85
CA SER D 453 -44.26 48.42 -5.85
C SER D 453 -45.75 48.74 -5.96
N ASP D 454 -46.65 47.78 -5.78
CA ASP D 454 -48.13 47.90 -5.86
C ASP D 454 -48.79 48.64 -4.66
N ASP D 455 -48.06 48.83 -3.54
CA ASP D 455 -48.57 49.55 -2.38
C ASP D 455 -48.17 51.04 -2.47
N ALA D 456 -49.16 51.92 -2.44
CA ALA D 456 -48.98 53.36 -2.55
C ALA D 456 -50.13 54.17 -1.98
N MET D 457 -49.79 55.44 -1.74
CA MET D 457 -50.70 56.47 -1.34
C MET D 457 -50.36 57.68 -2.19
N LEU D 458 -51.38 58.19 -2.91
CA LEU D 458 -51.20 59.32 -3.84
C LEU D 458 -51.73 60.59 -3.19
N GLY D 459 -50.93 61.65 -3.24
CA GLY D 459 -51.31 62.90 -2.60
C GLY D 459 -51.36 64.12 -3.48
N TRP D 460 -52.22 65.07 -3.04
CA TRP D 460 -52.44 66.39 -3.63
C TRP D 460 -52.38 67.42 -2.52
N THR D 461 -51.64 68.51 -2.76
CA THR D 461 -51.61 69.65 -1.84
C THR D 461 -52.64 70.65 -2.43
N LYS D 462 -52.72 71.88 -1.87
CA LYS D 462 -53.57 72.93 -2.45
C LYS D 462 -52.97 73.33 -3.82
N GLY D 463 -53.83 73.56 -4.81
CA GLY D 463 -53.38 73.92 -6.16
C GLY D 463 -54.32 73.54 -7.28
N ARG D 464 -53.86 73.77 -8.53
CA ARG D 464 -54.65 73.49 -9.72
C ARG D 464 -55.06 72.02 -9.89
N ALA D 465 -54.15 71.08 -9.46
CA ALA D 465 -54.31 69.62 -9.55
C ALA D 465 -55.32 69.04 -8.58
N LEU D 466 -55.45 69.62 -7.35
CA LEU D 466 -56.34 69.23 -6.24
C LEU D 466 -57.82 68.98 -6.63
N VAL D 467 -58.37 69.81 -7.52
CA VAL D 467 -59.75 69.69 -7.97
C VAL D 467 -59.93 68.36 -8.74
N GLY D 468 -58.95 68.07 -9.60
CA GLY D 468 -58.84 66.88 -10.42
C GLY D 468 -58.60 65.63 -9.60
N GLY D 469 -57.85 65.81 -8.51
CA GLY D 469 -57.55 64.76 -7.53
C GLY D 469 -58.82 64.10 -7.06
N HIS D 470 -59.81 64.90 -6.61
CA HIS D 470 -61.14 64.46 -6.16
C HIS D 470 -61.95 63.80 -7.29
N ARG D 471 -61.78 64.29 -8.56
CA ARG D 471 -62.49 63.69 -9.68
C ARG D 471 -61.96 62.27 -9.93
N LEU D 472 -60.62 62.11 -9.84
CA LEU D 472 -59.94 60.83 -10.01
C LEU D 472 -60.39 59.86 -8.92
N PHE D 473 -60.41 60.33 -7.65
CA PHE D 473 -60.84 59.56 -6.49
C PHE D 473 -62.26 59.12 -6.74
N GLU D 474 -63.11 60.04 -7.26
CA GLU D 474 -64.51 59.77 -7.59
C GLU D 474 -64.60 58.71 -8.66
N MET D 475 -63.75 58.79 -9.72
CA MET D 475 -63.70 57.82 -10.80
C MET D 475 -63.42 56.43 -10.26
N LEU D 476 -62.45 56.37 -9.29
CA LEU D 476 -62.04 55.13 -8.61
C LEU D 476 -63.20 54.55 -7.79
N LYS D 477 -63.89 55.41 -7.00
CA LYS D 477 -65.05 54.98 -6.20
C LYS D 477 -66.12 54.36 -7.10
N GLU D 478 -66.40 55.00 -8.24
CA GLU D 478 -67.38 54.53 -9.23
C GLU D 478 -67.01 53.19 -9.84
N GLY D 479 -65.71 52.93 -10.01
CA GLY D 479 -65.18 51.68 -10.55
C GLY D 479 -65.75 51.24 -11.90
N LYS D 480 -65.86 52.18 -12.83
CA LYS D 480 -66.41 51.88 -14.17
C LYS D 480 -65.29 51.90 -15.20
N VAL D 481 -64.31 52.78 -14.99
CA VAL D 481 -63.21 53.00 -15.92
C VAL D 481 -61.87 52.84 -15.23
N ASN D 482 -60.94 52.10 -15.90
CA ASN D 482 -59.59 51.97 -15.36
C ASN D 482 -58.86 53.30 -15.64
N PRO D 483 -58.27 53.94 -14.58
CA PRO D 483 -57.59 55.22 -14.81
C PRO D 483 -56.22 55.13 -15.48
N SER D 484 -55.72 53.90 -15.69
CA SER D 484 -54.41 53.69 -16.28
C SER D 484 -54.44 52.84 -17.56
N PRO D 485 -53.57 53.15 -18.55
CA PRO D 485 -53.41 52.23 -19.70
C PRO D 485 -52.42 51.08 -19.38
N TYR D 486 -51.66 51.21 -18.29
CA TYR D 486 -50.60 50.24 -17.97
C TYR D 486 -50.92 49.11 -17.06
N MET D 487 -51.68 49.37 -15.97
CA MET D 487 -52.06 48.38 -14.96
C MET D 487 -53.54 48.54 -14.57
N LYS D 488 -54.11 47.52 -13.92
CA LYS D 488 -55.49 47.55 -13.45
C LYS D 488 -55.45 48.18 -12.07
N ILE D 489 -55.80 49.47 -11.98
CA ILE D 489 -55.81 50.25 -10.73
C ILE D 489 -57.24 50.48 -10.21
N SER D 490 -57.39 50.35 -8.89
CA SER D 490 -58.63 50.61 -8.13
C SER D 490 -58.20 51.29 -6.80
N TYR D 491 -59.19 51.55 -5.93
CA TYR D 491 -58.88 52.11 -4.63
C TYR D 491 -58.90 50.94 -3.61
N GLU D 492 -58.10 51.07 -2.54
CA GLU D 492 -58.05 50.05 -1.51
C GLU D 492 -59.26 50.21 -0.61
N HIS D 493 -59.94 49.09 -0.31
CA HIS D 493 -61.09 49.11 0.59
C HIS D 493 -60.53 49.01 2.04
N GLY D 494 -60.25 50.18 2.59
CA GLY D 494 -59.63 50.31 3.90
C GLY D 494 -58.17 50.69 3.72
N GLY D 495 -57.95 51.91 3.25
CA GLY D 495 -56.62 52.43 2.97
C GLY D 495 -55.58 52.24 4.07
N ALA D 496 -54.46 51.60 3.68
CA ALA D 496 -53.31 51.39 4.53
C ALA D 496 -52.05 51.47 3.68
N PHE D 497 -50.91 51.77 4.30
CA PHE D 497 -49.64 51.82 3.59
C PHE D 497 -48.58 51.08 4.33
N LEU D 498 -48.04 50.02 3.70
CA LEU D 498 -46.98 49.17 4.20
C LEU D 498 -47.32 48.67 5.60
N GLY D 499 -48.54 48.17 5.76
CA GLY D 499 -49.02 47.58 7.01
C GLY D 499 -49.62 48.48 8.06
N ASP D 500 -49.54 49.81 7.88
CA ASP D 500 -50.13 50.79 8.82
C ASP D 500 -51.41 51.36 8.24
N ILE D 501 -52.50 51.26 9.00
CA ILE D 501 -53.79 51.77 8.56
C ILE D 501 -53.81 53.27 8.70
N LEU D 502 -54.37 54.01 7.70
CA LEU D 502 -54.54 55.46 7.80
C LEU D 502 -55.90 55.69 8.47
N LEU D 503 -55.86 56.11 9.76
CA LEU D 503 -57.06 56.35 10.58
C LEU D 503 -57.57 57.77 10.50
N TYR D 504 -58.72 57.93 9.80
CA TYR D 504 -59.38 59.21 9.62
C TYR D 504 -60.34 59.47 10.76
N ASP D 505 -60.65 60.76 11.01
CA ASP D 505 -61.65 61.11 12.02
C ASP D 505 -62.91 61.59 11.31
N SER D 506 -63.81 62.33 12.01
CA SER D 506 -65.06 62.89 11.46
C SER D 506 -64.86 63.76 10.21
N ARG D 507 -63.74 64.52 10.17
CA ARG D 507 -63.37 65.41 9.06
C ARG D 507 -63.07 64.68 7.74
N ARG D 508 -62.55 63.44 7.82
CA ARG D 508 -62.14 62.60 6.68
C ARG D 508 -61.11 63.36 5.84
N GLU D 509 -60.12 63.98 6.51
CA GLU D 509 -59.06 64.74 5.87
C GLU D 509 -57.69 64.26 6.34
N PRO D 510 -56.68 64.21 5.40
CA PRO D 510 -55.32 63.74 5.78
C PRO D 510 -54.65 64.50 6.92
N GLY D 511 -54.94 65.78 7.05
CA GLY D 511 -54.37 66.63 8.09
C GLY D 511 -54.67 66.20 9.51
N SER D 512 -55.86 65.61 9.75
CA SER D 512 -56.26 65.13 11.07
C SER D 512 -56.29 63.59 11.16
N ALA D 513 -55.78 62.90 10.12
CA ALA D 513 -55.72 61.44 10.06
C ALA D 513 -54.40 60.97 10.65
N ILE D 514 -54.36 59.74 11.19
CA ILE D 514 -53.16 59.17 11.81
C ILE D 514 -52.89 57.75 11.34
N PHE D 515 -51.61 57.39 11.25
CA PHE D 515 -51.21 56.02 10.89
C PHE D 515 -51.14 55.16 12.16
N VAL D 516 -51.84 54.02 12.15
CA VAL D 516 -51.90 53.08 13.28
C VAL D 516 -51.57 51.70 12.78
N GLY D 517 -50.91 50.90 13.59
CA GLY D 517 -50.59 49.53 13.21
C GLY D 517 -51.87 48.75 12.96
N ASN D 518 -51.80 47.75 12.05
CA ASN D 518 -52.97 46.90 11.76
C ASN D 518 -53.02 45.72 12.73
N ILE D 519 -53.98 45.74 13.66
CA ILE D 519 -54.16 44.70 14.66
C ILE D 519 -54.37 43.31 14.05
N ASN D 520 -55.00 43.26 12.84
CA ASN D 520 -55.20 42.00 12.14
C ASN D 520 -53.84 41.40 11.71
N SER D 521 -52.86 42.24 11.35
CA SER D 521 -51.53 41.76 11.01
C SER D 521 -50.82 41.17 12.22
N MET D 522 -51.07 41.74 13.43
CA MET D 522 -50.51 41.21 14.68
C MET D 522 -51.06 39.79 14.85
N LEU D 523 -52.40 39.64 14.64
CA LEU D 523 -53.06 38.34 14.75
C LEU D 523 -52.53 37.31 13.73
N ASN D 524 -52.37 37.77 12.47
CA ASN D 524 -51.79 36.96 11.41
C ASN D 524 -50.40 36.50 11.82
N ASN D 525 -49.52 37.44 12.22
CA ASN D 525 -48.16 37.10 12.61
C ASN D 525 -48.06 36.15 13.81
N GLN D 526 -48.90 36.34 14.85
CA GLN D 526 -48.85 35.56 16.08
C GLN D 526 -49.53 34.24 16.00
N PHE D 527 -50.66 34.12 15.28
CA PHE D 527 -51.40 32.86 15.25
C PHE D 527 -51.43 32.12 13.94
N SER D 528 -51.06 32.82 12.86
CA SER D 528 -51.01 32.23 11.53
C SER D 528 -49.64 32.45 10.85
N PRO D 529 -48.47 32.10 11.47
CA PRO D 529 -47.18 32.29 10.78
C PRO D 529 -47.11 31.47 9.48
N GLU D 530 -46.31 31.88 8.50
CA GLU D 530 -46.20 31.11 7.26
C GLU D 530 -45.35 29.89 7.44
N TYR D 531 -44.38 29.96 8.41
CA TYR D 531 -43.49 28.84 8.68
C TYR D 531 -43.59 28.42 10.13
N GLY D 532 -43.17 27.18 10.38
CA GLY D 532 -43.09 26.66 11.74
C GLY D 532 -41.83 27.17 12.42
N VAL D 533 -41.66 26.81 13.71
CA VAL D 533 -40.50 27.24 14.53
C VAL D 533 -39.15 26.64 14.19
N GLN D 534 -39.13 25.54 13.38
CA GLN D 534 -37.96 24.79 12.92
C GLN D 534 -37.07 24.41 14.11
N SER D 535 -37.65 23.78 15.14
CA SER D 535 -36.91 23.39 16.34
C SER D 535 -35.66 22.51 16.08
N GLY D 536 -35.68 21.77 14.99
CA GLY D 536 -34.57 20.91 14.59
C GLY D 536 -33.40 21.61 13.93
N VAL D 537 -33.56 22.92 13.54
CA VAL D 537 -32.48 23.68 12.92
C VAL D 537 -31.72 24.33 14.07
N ARG D 538 -30.54 23.76 14.40
CA ARG D 538 -29.66 24.18 15.50
C ARG D 538 -29.30 25.68 15.45
N ASP D 539 -28.81 26.15 14.26
CA ASP D 539 -28.43 27.54 14.00
C ASP D 539 -29.69 28.37 13.75
N ARG D 540 -30.12 29.08 14.81
CA ARG D 540 -31.30 29.94 14.78
C ARG D 540 -31.29 31.01 13.71
N SER D 541 -30.08 31.53 13.36
CA SER D 541 -29.94 32.57 12.32
C SER D 541 -30.33 32.05 10.92
N LYS D 542 -30.28 30.71 10.72
CA LYS D 542 -30.68 30.08 9.45
C LYS D 542 -32.21 29.73 9.38
N ARG D 543 -32.95 29.81 10.52
CA ARG D 543 -34.39 29.58 10.59
C ARG D 543 -35.18 30.72 9.94
N LYS D 544 -36.39 30.42 9.47
CA LYS D 544 -37.30 31.40 8.88
C LYS D 544 -37.86 32.31 9.99
N ARG D 545 -37.89 31.83 11.23
CA ARG D 545 -38.34 32.58 12.38
C ARG D 545 -37.24 32.40 13.47
N PRO D 546 -36.09 33.08 13.35
CA PRO D 546 -34.99 32.91 14.32
C PRO D 546 -35.28 33.11 15.81
N PHE D 547 -35.97 34.15 16.21
CA PHE D 547 -36.27 34.40 17.64
C PHE D 547 -37.75 34.88 17.79
N PRO D 548 -38.73 33.95 17.63
CA PRO D 548 -40.15 34.34 17.68
C PRO D 548 -40.63 35.14 18.88
N GLY D 549 -40.03 34.85 20.05
CA GLY D 549 -40.36 35.44 21.36
C GLY D 549 -40.19 36.94 21.44
N LEU D 550 -39.18 37.47 20.69
CA LEU D 550 -38.84 38.88 20.60
C LEU D 550 -39.94 39.80 20.13
N ALA D 551 -40.85 39.31 19.30
CA ALA D 551 -41.96 40.11 18.79
C ALA D 551 -42.86 40.72 19.90
N TRP D 552 -42.91 40.05 21.06
CA TRP D 552 -43.69 40.52 22.21
C TRP D 552 -43.15 41.87 22.72
N ALA D 553 -41.82 42.01 22.73
CA ALA D 553 -41.11 43.19 23.16
C ALA D 553 -41.34 44.43 22.28
N SER D 554 -41.67 44.22 20.99
CA SER D 554 -41.96 45.31 20.03
C SER D 554 -43.49 45.54 19.77
N MET D 555 -44.32 44.69 20.38
CA MET D 555 -45.76 44.68 20.24
C MET D 555 -46.44 45.99 20.42
N LYS D 556 -46.20 46.64 21.56
CA LYS D 556 -46.82 47.92 21.92
C LYS D 556 -46.39 48.98 20.94
N ASP D 557 -45.09 49.00 20.56
CA ASP D 557 -44.55 49.96 19.62
C ASP D 557 -45.18 49.84 18.24
N THR D 558 -45.31 48.61 17.74
CA THR D 558 -45.89 48.32 16.43
C THR D 558 -47.41 48.53 16.38
N TYR D 559 -48.13 47.98 17.37
CA TYR D 559 -49.59 47.97 17.39
C TYR D 559 -50.36 48.81 18.40
N GLY D 560 -49.68 49.40 19.37
CA GLY D 560 -50.26 50.16 20.48
C GLY D 560 -51.26 51.26 20.17
N ALA D 561 -51.06 51.92 19.01
CA ALA D 561 -51.90 53.01 18.50
C ALA D 561 -53.21 52.50 17.85
N CYS D 562 -53.38 51.14 17.67
CA CYS D 562 -54.65 50.64 17.16
C CYS D 562 -55.73 50.92 18.22
N PRO D 563 -56.84 51.59 17.83
CA PRO D 563 -57.89 51.90 18.83
C PRO D 563 -58.30 50.74 19.74
N ILE D 564 -58.29 49.50 19.22
CA ILE D 564 -58.72 48.30 19.93
C ILE D 564 -57.61 47.39 20.42
N TYR D 565 -56.37 47.91 20.51
CA TYR D 565 -55.19 47.14 20.96
C TYR D 565 -55.39 46.37 22.27
N SER D 566 -55.76 47.09 23.34
CA SER D 566 -56.00 46.53 24.67
C SER D 566 -57.10 45.49 24.63
N ASP D 567 -58.17 45.78 23.85
CA ASP D 567 -59.35 44.95 23.72
C ASP D 567 -59.07 43.60 23.13
N VAL D 568 -58.18 43.57 22.14
CA VAL D 568 -57.76 42.34 21.47
C VAL D 568 -56.87 41.55 22.43
N LEU D 569 -55.84 42.20 23.02
CA LEU D 569 -54.98 41.50 23.96
C LEU D 569 -55.73 40.82 25.09
N GLU D 570 -56.85 41.45 25.56
CA GLU D 570 -57.72 40.89 26.60
C GLU D 570 -58.53 39.72 26.07
N ALA D 571 -59.16 39.90 24.87
CA ALA D 571 -59.91 38.84 24.18
C ALA D 571 -59.02 37.56 23.92
N ILE D 572 -57.76 37.75 23.44
CA ILE D 572 -56.81 36.67 23.26
C ILE D 572 -56.57 36.04 24.62
N GLU D 573 -56.21 36.85 25.63
CA GLU D 573 -55.95 36.37 26.99
C GLU D 573 -57.10 35.48 27.51
N ARG D 574 -58.34 35.96 27.41
CA ARG D 574 -59.54 35.26 27.80
C ARG D 574 -59.76 33.94 26.99
N CYS D 575 -59.73 34.04 25.63
CA CYS D 575 -59.90 32.90 24.70
C CYS D 575 -58.84 31.79 24.90
N TRP D 576 -57.56 32.20 25.19
CA TRP D 576 -56.42 31.29 25.38
C TRP D 576 -56.59 30.58 26.68
N TRP D 577 -56.98 31.33 27.74
CA TRP D 577 -57.24 30.80 29.07
C TRP D 577 -58.34 29.75 28.94
N ASN D 578 -59.37 30.07 28.17
CA ASN D 578 -60.45 29.13 27.89
C ASN D 578 -59.96 27.80 27.23
N ALA D 579 -59.22 27.92 26.09
CA ALA D 579 -58.67 26.81 25.28
C ALA D 579 -57.53 26.01 25.90
N PHE D 580 -56.61 26.67 26.62
CA PHE D 580 -55.44 26.01 27.19
C PHE D 580 -55.35 25.95 28.72
N GLY D 581 -56.15 26.76 29.41
CA GLY D 581 -56.08 26.87 30.87
C GLY D 581 -54.76 27.51 31.28
N GLU D 582 -54.29 28.49 30.52
CA GLU D 582 -53.00 29.12 30.69
C GLU D 582 -53.11 30.59 30.34
N SER D 583 -52.15 31.39 30.86
CA SER D 583 -52.09 32.83 30.55
C SER D 583 -51.26 33.03 29.26
N TYR D 584 -51.88 33.53 28.19
CA TYR D 584 -51.14 33.76 26.96
C TYR D 584 -50.02 34.79 27.23
N ARG D 585 -50.32 35.84 28.02
CA ARG D 585 -49.35 36.88 28.34
C ARG D 585 -48.12 36.28 29.03
N ALA D 586 -48.35 35.42 30.03
CA ALA D 586 -47.23 34.79 30.77
C ALA D 586 -46.41 33.87 29.88
N TYR D 587 -47.11 33.12 28.99
CA TYR D 587 -46.52 32.23 28.00
C TYR D 587 -45.56 33.02 27.11
N ARG D 588 -46.01 34.18 26.61
CA ARG D 588 -45.23 35.06 25.75
C ARG D 588 -44.10 35.73 26.48
N GLU D 589 -44.31 36.05 27.78
CA GLU D 589 -43.27 36.64 28.60
C GLU D 589 -42.12 35.63 28.80
N ASP D 590 -42.46 34.33 28.99
CA ASP D 590 -41.44 33.31 29.15
C ASP D 590 -40.67 33.16 27.85
N MET D 591 -41.39 33.17 26.69
CA MET D 591 -40.81 33.04 25.35
C MET D 591 -39.86 34.19 25.07
N LEU D 592 -40.26 35.44 25.48
CA LEU D 592 -39.44 36.66 25.36
C LEU D 592 -38.12 36.46 26.16
N LYS D 593 -38.22 36.00 27.44
CA LYS D 593 -37.07 35.74 28.29
C LYS D 593 -36.13 34.73 27.66
N ARG D 594 -36.66 33.58 27.19
CA ARG D 594 -35.84 32.52 26.57
C ARG D 594 -35.11 32.99 25.32
N ASP D 595 -35.84 33.66 24.42
CA ASP D 595 -35.29 34.20 23.18
C ASP D 595 -34.27 35.32 23.37
N THR D 596 -34.48 36.21 24.39
CA THR D 596 -33.52 37.29 24.73
C THR D 596 -32.18 36.68 25.14
N LEU D 597 -32.22 35.61 25.95
CA LEU D 597 -31.04 34.91 26.43
C LEU D 597 -30.30 34.25 25.29
N GLU D 598 -31.08 33.66 24.37
CA GLU D 598 -30.58 32.90 23.24
C GLU D 598 -29.95 33.83 22.21
N LEU D 599 -30.50 35.05 22.09
CA LEU D 599 -30.01 36.05 21.15
C LEU D 599 -28.58 36.46 21.46
N SER D 600 -28.26 36.68 22.76
CA SER D 600 -26.93 37.08 23.26
C SER D 600 -25.79 36.09 22.92
N ARG D 601 -26.14 34.87 22.46
CA ARG D 601 -25.17 33.87 21.99
C ARG D 601 -24.77 34.20 20.53
N TYR D 602 -25.73 34.76 19.75
CA TYR D 602 -25.59 35.15 18.34
C TYR D 602 -25.01 36.54 18.13
N VAL D 603 -25.29 37.47 19.07
CA VAL D 603 -24.71 38.82 19.05
C VAL D 603 -23.34 38.76 19.80
N ALA D 604 -22.34 39.55 19.34
CA ALA D 604 -21.02 39.63 20.00
C ALA D 604 -20.88 40.90 20.86
N SER D 605 -21.44 42.04 20.37
CA SER D 605 -21.39 43.36 21.02
C SER D 605 -22.26 43.49 22.26
N MET D 606 -23.53 43.03 22.17
CA MET D 606 -24.47 43.12 23.29
C MET D 606 -24.12 42.06 24.32
N ALA D 607 -23.99 42.51 25.61
CA ALA D 607 -23.64 41.72 26.79
C ALA D 607 -24.45 40.41 26.92
N ARG D 608 -23.74 39.31 27.27
CA ARG D 608 -24.15 37.89 27.43
C ARG D 608 -25.50 37.53 28.11
N GLN D 609 -26.03 38.40 29.02
CA GLN D 609 -27.33 38.24 29.72
C GLN D 609 -28.06 39.63 29.91
N ALA D 610 -27.47 40.74 29.37
CA ALA D 610 -28.08 42.08 29.36
C ALA D 610 -29.29 41.99 28.40
N GLY D 611 -30.31 42.82 28.66
CA GLY D 611 -31.54 42.84 27.88
C GLY D 611 -31.42 43.43 26.48
N LEU D 612 -32.56 43.73 25.89
CA LEU D 612 -32.64 44.29 24.54
C LEU D 612 -32.70 45.83 24.56
N ALA D 613 -31.85 46.44 25.42
CA ALA D 613 -31.80 47.88 25.64
C ALA D 613 -31.48 48.65 24.37
N GLU D 614 -30.45 48.20 23.64
CA GLU D 614 -30.04 48.92 22.45
C GLU D 614 -30.84 48.62 21.17
N LEU D 615 -31.73 47.61 21.22
CA LEU D 615 -32.53 47.18 20.07
C LEU D 615 -33.80 47.96 19.84
N THR D 616 -34.05 48.27 18.56
CA THR D 616 -35.19 49.04 18.11
C THR D 616 -36.35 48.09 17.88
N PRO D 617 -37.60 48.60 17.80
CA PRO D 617 -38.73 47.70 17.49
C PRO D 617 -38.57 47.00 16.14
N ILE D 618 -37.99 47.69 15.14
CA ILE D 618 -37.72 47.10 13.82
C ILE D 618 -36.80 45.89 14.01
N ASP D 619 -35.71 46.06 14.77
CA ASP D 619 -34.75 45.01 15.06
C ASP D 619 -35.45 43.77 15.60
N LEU D 620 -36.38 43.98 16.53
CA LEU D 620 -37.09 42.88 17.17
C LEU D 620 -38.08 42.19 16.22
N GLU D 621 -38.87 42.96 15.43
CA GLU D 621 -39.84 42.43 14.45
C GLU D 621 -39.16 41.58 13.37
N VAL D 622 -37.95 42.00 12.96
CA VAL D 622 -37.11 41.39 11.96
C VAL D 622 -36.47 40.14 12.51
N LEU D 623 -36.10 40.12 13.79
CA LEU D 623 -35.46 38.91 14.36
C LEU D 623 -36.49 37.80 14.54
N ALA D 624 -37.74 38.18 14.75
CA ALA D 624 -38.85 37.26 14.88
C ALA D 624 -39.36 36.82 13.51
N ASP D 625 -39.31 37.74 12.50
CA ASP D 625 -39.73 37.53 11.12
C ASP D 625 -38.84 38.26 10.09
N PRO D 626 -37.73 37.63 9.69
CA PRO D 626 -36.85 38.26 8.67
C PRO D 626 -37.44 38.38 7.25
N ASN D 627 -38.72 38.02 7.05
CA ASN D 627 -39.42 38.16 5.78
C ASN D 627 -39.87 39.61 5.68
N LYS D 628 -39.93 40.32 6.83
CA LYS D 628 -40.31 41.73 6.87
C LYS D 628 -39.25 42.60 6.19
N LEU D 629 -38.05 42.01 6.02
CA LEU D 629 -36.91 42.62 5.38
C LEU D 629 -37.06 42.53 3.83
N GLN D 630 -38.00 41.66 3.36
CA GLN D 630 -38.28 41.41 1.94
C GLN D 630 -39.49 42.24 1.43
N TYR D 631 -40.24 42.88 2.34
CA TYR D 631 -41.36 43.68 1.93
C TYR D 631 -41.52 44.97 2.70
N LYS D 632 -41.55 44.93 4.04
CA LYS D 632 -41.73 46.12 4.89
C LYS D 632 -40.51 47.07 4.98
N TRP D 633 -39.32 46.53 5.29
CA TRP D 633 -38.12 47.35 5.51
C TRP D 633 -36.92 47.00 4.63
N THR D 634 -35.81 47.67 4.87
CA THR D 634 -34.55 47.48 4.15
C THR D 634 -33.38 47.35 5.15
N GLU D 635 -32.20 46.91 4.67
CA GLU D 635 -30.95 46.77 5.41
C GLU D 635 -30.65 48.01 6.30
N ALA D 636 -30.78 49.24 5.76
CA ALA D 636 -30.49 50.45 6.51
C ALA D 636 -31.35 50.67 7.77
N ASP D 637 -32.56 50.08 7.78
CA ASP D 637 -33.53 50.19 8.87
C ASP D 637 -33.21 49.30 10.07
N VAL D 638 -32.25 48.37 9.92
CA VAL D 638 -31.81 47.43 10.96
C VAL D 638 -30.40 47.82 11.47
N SER D 639 -30.20 47.71 12.79
CA SER D 639 -28.95 48.01 13.49
C SER D 639 -27.79 47.17 12.99
N ALA D 640 -26.61 47.76 12.99
CA ALA D 640 -25.38 47.16 12.51
C ALA D 640 -25.04 45.83 13.17
N ASN D 641 -25.28 45.73 14.49
CA ASN D 641 -24.98 44.54 15.27
C ASN D 641 -25.90 43.36 14.88
N ILE D 642 -27.15 43.65 14.51
CA ILE D 642 -28.12 42.66 14.08
C ILE D 642 -27.84 42.21 12.64
N HIS D 643 -27.22 43.10 11.85
CA HIS D 643 -26.80 42.85 10.48
C HIS D 643 -25.93 41.66 10.36
N GLU D 644 -24.90 41.53 11.23
CA GLU D 644 -24.02 40.37 11.18
C GLU D 644 -24.70 39.03 11.46
N VAL D 645 -25.83 39.04 12.20
CA VAL D 645 -26.63 37.85 12.55
C VAL D 645 -27.41 37.37 11.32
N LEU D 646 -28.04 38.33 10.58
CA LEU D 646 -28.95 38.20 9.45
C LEU D 646 -28.38 38.07 8.02
N MET D 647 -27.15 38.53 7.82
CA MET D 647 -26.49 38.57 6.52
C MET D 647 -25.00 38.52 6.66
N HIS D 648 -24.34 38.13 5.58
CA HIS D 648 -22.90 38.15 5.43
C HIS D 648 -22.57 38.77 4.07
N GLY D 649 -21.46 39.50 3.99
CA GLY D 649 -21.09 40.17 2.77
C GLY D 649 -19.80 39.75 2.11
N VAL D 650 -19.74 39.97 0.77
CA VAL D 650 -18.59 39.79 -0.10
C VAL D 650 -17.86 41.13 0.06
N SER D 651 -16.50 41.15 0.10
CA SER D 651 -15.73 42.39 0.31
C SER D 651 -16.04 43.50 -0.69
N VAL D 652 -16.00 44.78 -0.19
CA VAL D 652 -16.24 45.97 -1.03
C VAL D 652 -15.16 46.07 -2.10
N GLU D 653 -13.99 45.44 -1.87
CA GLU D 653 -12.89 45.42 -2.83
C GLU D 653 -13.28 44.72 -4.14
N LYS D 654 -13.95 43.55 -4.00
CA LYS D 654 -14.41 42.72 -5.12
C LYS D 654 -15.59 43.40 -5.82
N THR D 655 -16.52 44.01 -5.06
CA THR D 655 -17.69 44.67 -5.64
C THR D 655 -17.31 46.00 -6.31
N GLU D 656 -16.38 46.76 -5.70
CA GLU D 656 -15.88 48.04 -6.21
C GLU D 656 -15.28 47.87 -7.61
N ARG D 657 -14.44 46.84 -7.78
CA ARG D 657 -13.78 46.49 -9.04
C ARG D 657 -14.85 46.07 -10.06
N PHE D 658 -15.84 45.24 -9.63
CA PHE D 658 -16.90 44.75 -10.50
C PHE D 658 -17.73 45.92 -10.99
N LEU D 659 -18.16 46.75 -10.04
CA LEU D 659 -19.00 47.90 -10.31
C LEU D 659 -18.37 48.93 -11.27
N ARG D 660 -17.07 49.18 -11.13
CA ARG D 660 -16.31 50.10 -11.98
C ARG D 660 -16.44 49.65 -13.44
N SER D 661 -16.37 48.32 -13.70
CA SER D 661 -16.46 47.74 -15.05
C SER D 661 -17.86 47.75 -15.67
N VAL D 662 -18.91 47.95 -14.84
CA VAL D 662 -20.33 47.91 -15.27
C VAL D 662 -20.83 49.27 -15.67
N MET D 663 -20.66 50.19 -14.77
CA MET D 663 -21.11 51.55 -14.82
C MET D 663 -20.46 52.45 -15.86
N PRO D 664 -21.19 53.50 -16.32
CA PRO D 664 -20.62 54.41 -17.31
C PRO D 664 -19.53 55.29 -16.72
N ARG D 665 -19.82 55.89 -15.53
CA ARG D 665 -19.00 56.78 -14.67
C ARG D 665 -19.66 56.86 -13.24
#